data_1RZ1
#
_entry.id   1RZ1
#
_cell.length_a   53.693
_cell.length_b   156.457
_cell.length_c   83.925
_cell.angle_alpha   90.00
_cell.angle_beta   91.11
_cell.angle_gamma   90.00
#
_symmetry.space_group_name_H-M   'P 1 21 1'
#
loop_
_entity.id
_entity.type
_entity.pdbx_description
1 polymer 'phenol 2-hydroxylase component B'
2 non-polymer 'FLAVIN-ADENINE DINUCLEOTIDE'
3 non-polymer NICOTINAMIDE-ADENINE-DINUCLEOTIDE
4 water water
#
_entity_poly.entity_id   1
_entity_poly.type   'polypeptide(L)'
_entity_poly.pdbx_seq_one_letter_code
;(MSE)DDRLFRNA(MSE)GKFATGVTVITTELNGAVHG(MSE)TANAF(MSE)SVSLNPKLVLVSIGEKAK(MSE)LEKI
QQSKKYAVNILSQDQKVLS(MSE)NFAGQLEKPVDVQFEELGGLPVIKDALAQISCQVVNEVQAGDHTLFIGEVTDIKIT
EQDPLLFFSGKYHQLAQNEKVETSS
;
_entity_poly.pdbx_strand_id   A,B,C,D,E,F,G,H
#
loop_
_chem_comp.id
_chem_comp.type
_chem_comp.name
_chem_comp.formula
FAD non-polymer 'FLAVIN-ADENINE DINUCLEOTIDE' 'C27 H33 N9 O15 P2'
NAD non-polymer NICOTINAMIDE-ADENINE-DINUCLEOTIDE 'C21 H27 N7 O14 P2'
#
# COMPACT_ATOMS: atom_id res chain seq x y z
N MSE A 1 18.99 41.65 -28.36
CA MSE A 1 19.23 40.80 -27.16
C MSE A 1 20.60 41.11 -26.53
O MSE A 1 21.65 40.74 -27.07
CB MSE A 1 19.15 39.30 -27.51
CG MSE A 1 18.02 38.54 -26.80
SE MSE A 1 18.52 36.84 -25.93
CE MSE A 1 19.05 35.80 -27.52
N ASP A 2 20.56 41.80 -25.40
CA ASP A 2 21.75 42.10 -24.60
C ASP A 2 21.94 41.04 -23.51
N ASP A 3 23.06 41.13 -22.80
CA ASP A 3 23.30 40.39 -21.58
C ASP A 3 22.36 40.84 -20.47
N ARG A 4 22.04 42.14 -20.46
CA ARG A 4 21.12 42.70 -19.49
C ARG A 4 19.70 42.21 -19.72
N LEU A 5 19.27 42.11 -20.98
CA LEU A 5 17.95 41.58 -21.31
C LEU A 5 17.79 40.14 -20.85
N PHE A 6 18.81 39.32 -21.09
CA PHE A 6 18.83 37.93 -20.65
C PHE A 6 18.81 37.82 -19.11
N ARG A 7 19.66 38.59 -18.43
CA ARG A 7 19.67 38.61 -16.96
C ARG A 7 18.33 39.08 -16.37
N ASN A 8 17.74 40.10 -16.99
CA ASN A 8 16.41 40.57 -16.59
C ASN A 8 15.36 39.48 -16.71
N ALA A 9 15.40 38.76 -17.82
CA ALA A 9 14.47 37.67 -18.09
C ALA A 9 14.62 36.55 -17.06
N MSE A 10 15.85 36.09 -16.90
CA MSE A 10 16.19 35.05 -15.94
C MSE A 10 15.74 35.46 -14.53
O MSE A 10 15.20 34.66 -13.80
CB MSE A 10 17.69 34.81 -15.94
CG MSE A 10 18.24 34.14 -17.22
SE MSE A 10 17.01 32.64 -17.82
CE MSE A 10 16.36 33.56 -19.49
N GLY A 11 15.93 36.73 -14.19
CA GLY A 11 15.47 37.28 -12.91
C GLY A 11 13.96 37.25 -12.71
N LYS A 12 13.22 37.00 -13.80
CA LYS A 12 11.78 36.85 -13.69
C LYS A 12 11.37 35.48 -13.14
N PHE A 13 12.32 34.55 -13.09
CA PHE A 13 12.05 33.28 -12.42
C PHE A 13 12.46 33.37 -10.94
N ALA A 14 11.47 33.47 -10.06
CA ALA A 14 11.69 33.61 -8.62
C ALA A 14 12.28 32.34 -8.08
N THR A 15 13.15 32.46 -7.08
CA THR A 15 13.73 31.31 -6.43
C THR A 15 13.91 31.58 -4.94
N GLY A 16 14.13 30.50 -4.18
CA GLY A 16 14.69 30.63 -2.85
C GLY A 16 16.18 31.01 -3.04
N VAL A 17 16.90 31.03 -1.94
CA VAL A 17 18.31 31.40 -1.92
C VAL A 17 18.98 30.37 -1.03
N THR A 18 20.09 29.82 -1.52
CA THR A 18 20.87 28.86 -0.76
C THR A 18 22.28 29.36 -0.56
N VAL A 19 22.98 28.75 0.39
CA VAL A 19 24.41 28.84 0.43
C VAL A 19 24.94 27.41 0.19
N ILE A 20 25.87 27.27 -0.75
CA ILE A 20 26.50 25.96 -0.98
C ILE A 20 27.72 25.90 -0.07
N THR A 21 27.83 24.87 0.75
CA THR A 21 29.04 24.73 1.55
C THR A 21 29.83 23.45 1.25
N THR A 22 31.13 23.53 1.47
CA THR A 22 31.95 22.35 1.48
C THR A 22 33.15 22.52 2.43
N GLU A 23 33.86 21.43 2.65
CA GLU A 23 35.04 21.45 3.48
C GLU A 23 36.25 20.87 2.72
N LEU A 24 37.31 21.66 2.63
CA LEU A 24 38.56 21.20 2.06
C LEU A 24 39.68 21.41 3.07
N ASN A 25 40.31 20.29 3.41
CA ASN A 25 41.42 20.23 4.38
C ASN A 25 41.30 21.18 5.58
N GLY A 26 40.35 20.86 6.47
CA GLY A 26 40.02 21.71 7.60
C GLY A 26 39.01 22.79 7.27
N ALA A 27 39.32 23.61 6.26
CA ALA A 27 38.61 24.89 6.01
C ALA A 27 37.20 24.77 5.39
N VAL A 28 36.26 25.58 5.90
CA VAL A 28 34.90 25.63 5.40
C VAL A 28 34.79 26.69 4.34
N HIS A 29 34.28 26.32 3.17
CA HIS A 29 33.99 27.31 2.13
C HIS A 29 32.49 27.36 1.79
N GLY A 30 32.01 28.57 1.47
CA GLY A 30 30.61 28.80 1.18
C GLY A 30 30.42 29.73 0.00
N MSE A 31 29.32 29.53 -0.74
CA MSE A 31 28.95 30.41 -1.84
C MSE A 31 27.41 30.54 -2.00
O MSE A 31 26.70 29.56 -2.00
CB MSE A 31 29.57 29.90 -3.14
CG MSE A 31 29.56 30.88 -4.28
SE MSE A 31 29.59 29.92 -6.04
CE MSE A 31 29.93 31.33 -7.02
N THR A 32 26.93 31.79 -2.09
CA THR A 32 25.53 32.04 -2.36
C THR A 32 25.17 31.55 -3.77
N ALA A 33 24.15 30.70 -3.84
CA ALA A 33 23.66 30.18 -5.10
C ALA A 33 22.13 30.15 -5.14
N ASN A 34 21.55 30.51 -6.28
CA ASN A 34 20.12 30.22 -6.47
C ASN A 34 19.89 29.30 -7.65
N ALA A 35 20.97 28.98 -8.38
CA ALA A 35 20.88 28.00 -9.46
C ALA A 35 21.02 26.63 -8.83
N PHE A 36 19.92 26.20 -8.22
CA PHE A 36 19.84 24.90 -7.56
C PHE A 36 18.50 24.30 -7.95
N MSE A 37 18.42 22.98 -7.97
CA MSE A 37 17.14 22.32 -8.19
C MSE A 37 17.17 20.87 -7.77
O MSE A 37 18.23 20.24 -7.72
CB MSE A 37 16.73 22.38 -9.68
CG MSE A 37 17.70 21.68 -10.60
SE MSE A 37 16.94 21.29 -12.36
CE MSE A 37 17.89 19.64 -12.64
N SER A 38 15.97 20.36 -7.50
CA SER A 38 15.74 18.95 -7.35
C SER A 38 15.74 18.28 -8.73
N VAL A 39 16.48 17.19 -8.84
CA VAL A 39 16.67 16.52 -10.11
C VAL A 39 15.93 15.21 -10.16
N SER A 40 16.28 14.29 -9.26
CA SER A 40 15.82 12.92 -9.34
C SER A 40 15.31 12.38 -8.01
N LEU A 41 14.29 11.52 -8.09
CA LEU A 41 13.70 10.92 -6.89
C LEU A 41 14.37 9.57 -6.54
N ASN A 42 14.54 8.72 -7.56
CA ASN A 42 15.28 7.44 -7.44
C ASN A 42 16.36 7.36 -8.52
N PRO A 43 17.63 7.56 -8.18
CA PRO A 43 18.10 7.86 -6.81
C PRO A 43 17.88 9.34 -6.42
N LYS A 44 18.09 9.67 -5.15
CA LYS A 44 17.84 11.03 -4.67
C LYS A 44 18.94 11.97 -5.13
N LEU A 45 18.65 12.73 -6.19
CA LEU A 45 19.64 13.64 -6.77
C LEU A 45 19.21 15.09 -6.80
N VAL A 46 20.21 15.94 -6.80
CA VAL A 46 20.03 17.35 -6.66
C VAL A 46 21.12 17.92 -7.58
N LEU A 47 21.01 19.19 -7.96
CA LEU A 47 21.98 19.76 -8.87
C LEU A 47 22.26 21.18 -8.49
N VAL A 48 23.51 21.61 -8.61
CA VAL A 48 23.86 23.01 -8.41
C VAL A 48 24.75 23.49 -9.54
N SER A 49 24.71 24.78 -9.87
CA SER A 49 25.40 25.29 -11.04
C SER A 49 26.37 26.35 -10.64
N ILE A 50 27.65 26.13 -10.95
CA ILE A 50 28.72 27.00 -10.45
C ILE A 50 29.49 27.62 -11.60
N GLY A 51 29.72 28.93 -11.54
CA GLY A 51 30.45 29.64 -12.56
C GLY A 51 31.92 29.22 -12.64
N GLU A 52 32.46 29.27 -13.87
CA GLU A 52 33.79 28.75 -14.15
C GLU A 52 34.86 29.48 -13.36
N LYS A 53 34.64 30.77 -13.09
CA LYS A 53 35.59 31.60 -12.37
C LYS A 53 35.45 31.55 -10.83
N ALA A 54 34.49 30.77 -10.35
CA ALA A 54 34.19 30.77 -8.91
C ALA A 54 35.15 29.87 -8.14
N LYS A 55 35.74 30.41 -7.09
CA LYS A 55 36.61 29.65 -6.19
C LYS A 55 35.99 28.34 -5.73
N MSE A 56 34.67 28.34 -5.54
CA MSE A 56 33.94 27.14 -5.13
C MSE A 56 34.08 25.98 -6.13
O MSE A 56 33.99 24.81 -5.74
CB MSE A 56 32.46 27.47 -4.89
CG MSE A 56 31.62 26.29 -4.39
SE MSE A 56 32.06 25.62 -2.53
CE MSE A 56 32.24 27.27 -1.73
N LEU A 57 34.27 26.31 -7.40
CA LEU A 57 34.34 25.26 -8.42
C LEU A 57 35.43 24.24 -8.11
N GLU A 58 36.68 24.71 -7.99
CA GLU A 58 37.79 23.80 -7.69
C GLU A 58 37.63 23.12 -6.32
N LYS A 59 37.11 23.84 -5.34
CA LYS A 59 36.85 23.27 -4.02
C LYS A 59 35.94 22.06 -4.07
N ILE A 60 34.87 22.14 -4.85
CA ILE A 60 33.95 21.00 -4.97
C ILE A 60 34.57 19.88 -5.79
N GLN A 61 35.29 20.25 -6.86
CA GLN A 61 36.01 19.28 -7.69
C GLN A 61 36.94 18.39 -6.86
N GLN A 62 37.59 18.97 -5.85
CA GLN A 62 38.48 18.22 -4.94
C GLN A 62 37.77 17.47 -3.83
N SER A 63 36.88 18.15 -3.11
CA SER A 63 36.20 17.53 -1.96
C SER A 63 35.22 16.48 -2.43
N LYS A 64 34.71 16.65 -3.66
CA LYS A 64 33.69 15.76 -4.23
C LYS A 64 32.39 15.71 -3.42
N LYS A 65 32.14 16.75 -2.62
CA LYS A 65 30.91 16.85 -1.83
C LYS A 65 30.50 18.30 -1.66
N TYR A 66 29.25 18.49 -1.27
CA TYR A 66 28.74 19.84 -0.96
C TYR A 66 27.42 19.71 -0.20
N ALA A 67 27.08 20.77 0.53
CA ALA A 67 25.81 20.80 1.20
C ALA A 67 25.12 22.01 0.63
N VAL A 68 23.79 21.97 0.67
CA VAL A 68 23.00 23.07 0.21
C VAL A 68 22.23 23.56 1.40
N ASN A 69 22.39 24.84 1.72
CA ASN A 69 21.72 25.44 2.87
C ASN A 69 20.66 26.41 2.35
N ILE A 70 19.40 26.04 2.51
CA ILE A 70 18.33 26.94 2.09
C ILE A 70 18.11 27.96 3.16
N LEU A 71 18.20 29.22 2.75
CA LEU A 71 18.11 30.32 3.69
C LEU A 71 16.67 30.78 4.02
N SER A 72 16.51 31.14 5.30
CA SER A 72 15.26 31.65 5.79
C SER A 72 15.22 33.14 5.48
N GLN A 73 14.02 33.67 5.60
CA GLN A 73 13.73 35.10 5.56
C GLN A 73 14.65 35.93 6.47
N ASP A 74 15.06 35.37 7.60
CA ASP A 74 15.92 36.08 8.55
C ASP A 74 17.42 36.07 8.17
N GLN A 75 17.77 35.51 7.01
CA GLN A 75 19.19 35.25 6.68
C GLN A 75 19.71 36.01 5.48
N LYS A 76 19.08 37.14 5.18
CA LYS A 76 19.53 38.01 4.13
C LYS A 76 21.01 38.40 4.23
N VAL A 77 21.51 38.67 5.44
CA VAL A 77 22.90 39.07 5.62
C VAL A 77 23.88 37.93 5.23
N LEU A 78 23.50 36.69 5.50
CA LEU A 78 24.26 35.51 5.07
C LEU A 78 24.30 35.36 3.54
N SER A 79 23.15 35.54 2.89
CA SER A 79 23.15 35.60 1.44
C SER A 79 24.17 36.62 0.88
N MSE A 80 24.18 37.83 1.42
CA MSE A 80 25.06 38.89 0.99
C MSE A 80 26.54 38.54 1.27
O MSE A 80 27.41 38.73 0.40
CB MSE A 80 24.67 40.21 1.65
CG MSE A 80 23.28 40.70 1.26
SE MSE A 80 22.95 42.46 2.08
CE MSE A 80 22.49 41.87 3.66
N ASN A 81 26.79 38.05 2.48
CA ASN A 81 28.10 37.54 2.90
C ASN A 81 28.67 36.52 1.93
N PHE A 82 27.92 35.46 1.68
CA PHE A 82 28.44 34.41 0.83
C PHE A 82 28.40 34.73 -0.67
N ALA A 83 27.91 35.92 -1.02
CA ALA A 83 27.91 36.42 -2.39
C ALA A 83 29.04 37.40 -2.61
N GLY A 84 29.87 37.63 -1.58
CA GLY A 84 31.01 38.54 -1.66
C GLY A 84 30.61 40.01 -1.71
N GLN A 85 29.49 40.34 -1.07
CA GLN A 85 28.94 41.69 -1.15
C GLN A 85 29.19 42.52 0.11
N LEU A 86 29.80 41.91 1.13
CA LEU A 86 30.15 42.64 2.33
C LEU A 86 31.66 42.90 2.34
N GLU A 87 32.06 44.08 2.80
CA GLU A 87 33.47 44.43 2.95
C GLU A 87 34.16 43.53 3.97
N LYS A 88 33.51 43.28 5.08
CA LYS A 88 34.03 42.41 6.12
C LYS A 88 33.15 41.16 6.25
N PRO A 89 33.75 39.97 6.20
CA PRO A 89 33.01 38.72 6.35
C PRO A 89 32.38 38.61 7.73
N VAL A 90 31.21 38.00 7.82
CA VAL A 90 30.59 37.79 9.11
C VAL A 90 31.07 36.46 9.70
N ASP A 91 30.97 36.36 11.01
CA ASP A 91 31.37 35.15 11.72
C ASP A 91 30.17 34.20 11.70
N VAL A 92 30.25 33.20 10.83
CA VAL A 92 29.10 32.34 10.56
C VAL A 92 29.17 31.15 11.48
N GLN A 93 28.01 30.81 12.05
CA GLN A 93 27.84 29.65 12.90
C GLN A 93 27.55 28.38 12.09
N PHE A 94 28.54 27.50 12.04
CA PHE A 94 28.41 26.23 11.33
C PHE A 94 28.09 25.08 12.28
N GLU A 95 27.41 24.06 11.75
CA GLU A 95 27.22 22.78 12.42
C GLU A 95 27.52 21.71 11.37
N GLU A 96 27.12 20.48 11.61
CA GLU A 96 27.55 19.38 10.77
C GLU A 96 26.40 18.50 10.34
N LEU A 97 26.44 18.03 9.09
CA LEU A 97 25.42 17.10 8.61
C LEU A 97 26.01 16.23 7.49
N GLY A 98 25.91 14.91 7.66
CA GLY A 98 26.53 13.96 6.75
C GLY A 98 28.00 14.25 6.44
N GLY A 99 28.72 14.74 7.43
CA GLY A 99 30.13 15.06 7.25
C GLY A 99 30.41 16.39 6.57
N LEU A 100 29.37 17.20 6.36
CA LEU A 100 29.53 18.53 5.75
C LEU A 100 29.25 19.66 6.74
N PRO A 101 29.96 20.78 6.57
CA PRO A 101 29.60 21.97 7.33
C PRO A 101 28.27 22.55 6.83
N VAL A 102 27.32 22.75 7.73
CA VAL A 102 26.03 23.33 7.35
C VAL A 102 25.76 24.58 8.19
N ILE A 103 24.89 25.46 7.70
CA ILE A 103 24.60 26.72 8.38
C ILE A 103 23.47 26.54 9.38
N LYS A 104 23.76 26.93 10.62
CA LYS A 104 22.83 26.85 11.73
C LYS A 104 21.61 27.72 11.51
N ASP A 105 20.43 27.19 11.83
CA ASP A 105 19.17 27.91 11.64
C ASP A 105 18.74 28.14 10.16
N ALA A 106 19.41 27.49 9.21
CA ALA A 106 18.94 27.49 7.80
C ALA A 106 17.54 26.93 7.76
N LEU A 107 16.75 27.39 6.82
CA LEU A 107 15.44 26.78 6.55
C LEU A 107 15.55 25.27 6.38
N ALA A 108 16.55 24.83 5.63
CA ALA A 108 16.75 23.41 5.34
C ALA A 108 18.21 23.15 5.03
N GLN A 109 18.65 21.93 5.29
CA GLN A 109 20.02 21.53 5.08
C GLN A 109 20.02 20.20 4.35
N ILE A 110 20.84 20.11 3.29
CA ILE A 110 20.84 18.94 2.42
C ILE A 110 22.31 18.65 2.10
N SER A 111 22.81 17.50 2.50
CA SER A 111 24.20 17.10 2.26
C SER A 111 24.30 16.16 1.10
N CYS A 112 25.30 16.36 0.24
CA CYS A 112 25.41 15.58 -0.99
C CYS A 112 26.82 15.08 -1.27
N GLN A 113 26.91 13.96 -1.99
CA GLN A 113 28.16 13.47 -2.60
C GLN A 113 28.04 13.64 -4.11
N VAL A 114 29.04 14.26 -4.71
CA VAL A 114 29.03 14.54 -6.15
C VAL A 114 29.09 13.23 -6.91
N VAL A 115 28.11 13.01 -7.81
CA VAL A 115 28.12 11.78 -8.65
C VAL A 115 28.38 12.02 -10.13
N ASN A 116 28.26 13.27 -10.58
CA ASN A 116 28.50 13.66 -11.98
C ASN A 116 28.86 15.12 -12.04
N GLU A 117 29.61 15.51 -13.06
CA GLU A 117 30.01 16.88 -13.24
C GLU A 117 29.93 17.18 -14.75
N VAL A 118 29.08 18.14 -15.14
CA VAL A 118 28.81 18.41 -16.55
C VAL A 118 29.07 19.87 -16.85
N GLN A 119 29.98 20.16 -17.77
CA GLN A 119 30.21 21.55 -18.16
C GLN A 119 29.08 22.02 -19.09
N ALA A 120 28.63 23.25 -18.88
CA ALA A 120 27.54 23.82 -19.64
C ALA A 120 27.83 25.29 -19.78
N GLY A 121 28.39 25.67 -20.93
CA GLY A 121 28.82 27.02 -21.20
C GLY A 121 29.73 27.56 -20.11
N ASP A 122 29.33 28.73 -19.60
CA ASP A 122 29.97 29.50 -18.53
C ASP A 122 30.13 28.79 -17.18
N HIS A 123 29.48 27.64 -17.03
CA HIS A 123 29.23 27.07 -15.70
C HIS A 123 29.49 25.59 -15.71
N THR A 124 29.55 25.01 -14.52
CA THR A 124 29.59 23.57 -14.32
C THR A 124 28.44 23.14 -13.40
N LEU A 125 27.76 22.08 -13.81
CA LEU A 125 26.71 21.48 -13.05
C LEU A 125 27.26 20.35 -12.22
N PHE A 126 27.12 20.46 -10.91
CA PHE A 126 27.48 19.36 -10.03
C PHE A 126 26.22 18.63 -9.59
N ILE A 127 26.07 17.42 -10.07
CA ILE A 127 24.97 16.58 -9.68
C ILE A 127 25.37 15.83 -8.44
N GLY A 128 24.55 15.93 -7.41
CA GLY A 128 24.85 15.34 -6.12
C GLY A 128 23.78 14.39 -5.64
N GLU A 129 24.21 13.28 -5.05
CA GLU A 129 23.32 12.36 -4.38
C GLU A 129 23.18 12.75 -2.91
N VAL A 130 21.94 12.91 -2.48
CA VAL A 130 21.61 13.34 -1.13
C VAL A 130 21.83 12.23 -0.12
N THR A 131 22.64 12.50 0.91
CA THR A 131 22.87 11.54 2.02
C THR A 131 22.09 11.88 3.29
N ASP A 132 21.92 13.17 3.57
CA ASP A 132 21.25 13.63 4.79
C ASP A 132 20.43 14.90 4.58
N ILE A 133 19.35 14.99 5.34
CA ILE A 133 18.41 16.10 5.22
C ILE A 133 18.00 16.59 6.59
N LYS A 134 17.91 17.91 6.77
CA LYS A 134 17.27 18.51 7.94
C LYS A 134 16.38 19.68 7.51
N ILE A 135 15.15 19.68 7.99
CA ILE A 135 14.14 20.67 7.61
C ILE A 135 13.61 21.42 8.84
N THR A 136 13.21 22.68 8.65
CA THR A 136 12.44 23.46 9.62
C THR A 136 11.23 24.04 8.92
N GLU A 137 10.35 24.65 9.68
CA GLU A 137 9.15 25.28 9.14
C GLU A 137 9.26 26.81 9.02
N GLN A 138 10.47 27.32 8.87
CA GLN A 138 10.64 28.75 8.64
C GLN A 138 10.15 29.25 7.26
N ASP A 139 9.95 30.55 7.17
CA ASP A 139 9.62 31.18 5.91
C ASP A 139 10.92 31.45 5.11
N PRO A 140 10.85 31.34 3.79
CA PRO A 140 12.02 31.46 2.92
C PRO A 140 12.47 32.87 2.56
N LEU A 141 13.78 33.04 2.43
CA LEU A 141 14.31 34.17 1.68
C LEU A 141 14.01 33.95 0.19
N LEU A 142 13.48 34.98 -0.50
CA LEU A 142 13.22 34.87 -1.92
C LEU A 142 14.04 35.88 -2.71
N PHE A 143 14.29 35.53 -3.97
CA PHE A 143 15.01 36.40 -4.88
C PHE A 143 14.24 36.46 -6.17
N PHE A 144 13.92 37.69 -6.61
CA PHE A 144 13.08 37.90 -7.77
C PHE A 144 13.38 39.27 -8.34
N SER A 145 13.51 39.35 -9.65
CA SER A 145 13.82 40.63 -10.34
C SER A 145 14.96 41.41 -9.70
N GLY A 146 16.01 40.70 -9.28
CA GLY A 146 17.20 41.32 -8.72
C GLY A 146 17.08 41.81 -7.28
N LYS A 147 15.97 41.49 -6.62
CA LYS A 147 15.74 41.95 -5.26
C LYS A 147 15.35 40.81 -4.33
N TYR A 148 15.59 41.02 -3.03
CA TYR A 148 15.14 40.11 -1.97
C TYR A 148 13.67 40.35 -1.67
N HIS A 149 12.93 39.27 -1.45
CA HIS A 149 11.48 39.31 -1.23
C HIS A 149 11.07 38.28 -0.21
N GLN A 150 9.81 38.32 0.18
CA GLN A 150 9.20 37.42 1.17
C GLN A 150 7.91 36.91 0.61
N LEU A 151 7.45 35.75 1.09
CA LEU A 151 6.12 35.23 0.77
C LEU A 151 5.02 36.09 1.39
N ALA A 152 3.95 36.35 0.63
CA ALA A 152 2.75 36.97 1.20
C ALA A 152 2.18 36.07 2.30
N GLN A 153 1.89 36.65 3.46
CA GLN A 153 1.44 35.85 4.61
C GLN A 153 -0.07 35.91 4.82
N MSE B 1 15.12 7.27 5.95
CA MSE B 1 14.97 8.40 4.97
C MSE B 1 14.00 8.08 3.82
O MSE B 1 14.37 7.46 2.81
CB MSE B 1 16.33 8.84 4.43
CG MSE B 1 16.60 10.35 4.58
SE MSE B 1 16.63 11.30 2.85
CE MSE B 1 18.56 11.72 2.81
N ASP B 2 12.75 8.52 4.00
CA ASP B 2 11.66 8.32 3.04
C ASP B 2 11.67 9.32 1.87
N ASP B 3 10.95 8.92 0.81
CA ASP B 3 10.68 9.73 -0.37
C ASP B 3 9.90 11.00 -0.02
N ARG B 4 9.03 10.89 1.00
CA ARG B 4 8.28 12.03 1.49
C ARG B 4 9.17 13.05 2.18
N LEU B 5 10.13 12.59 2.99
CA LEU B 5 11.09 13.49 3.63
C LEU B 5 11.87 14.27 2.57
N PHE B 6 12.31 13.57 1.53
CA PHE B 6 13.09 14.18 0.45
C PHE B 6 12.26 15.22 -0.32
N ARG B 7 11.02 14.88 -0.63
CA ARG B 7 10.09 15.76 -1.32
C ARG B 7 9.71 16.97 -0.49
N ASN B 8 9.47 16.75 0.81
CA ASN B 8 9.29 17.85 1.75
C ASN B 8 10.46 18.81 1.78
N ALA B 9 11.67 18.26 1.86
CA ALA B 9 12.90 19.04 1.84
C ALA B 9 12.99 19.88 0.57
N MSE B 10 12.84 19.22 -0.56
CA MSE B 10 12.96 19.84 -1.86
C MSE B 10 11.93 20.96 -1.99
O MSE B 10 12.24 22.03 -2.54
CB MSE B 10 12.74 18.79 -2.97
CG MSE B 10 13.88 17.75 -3.09
SE MSE B 10 15.75 18.42 -3.07
CE MSE B 10 16.20 17.93 -1.26
N GLY B 11 10.73 20.73 -1.47
CA GLY B 11 9.72 21.77 -1.44
C GLY B 11 10.10 23.00 -0.62
N LYS B 12 11.14 22.90 0.20
CA LYS B 12 11.55 24.06 0.97
C LYS B 12 12.33 25.05 0.12
N PHE B 13 12.61 24.68 -1.12
CA PHE B 13 13.23 25.63 -2.04
C PHE B 13 12.14 26.21 -2.91
N ALA B 14 11.83 27.47 -2.66
CA ALA B 14 10.76 28.17 -3.33
C ALA B 14 11.13 28.38 -4.79
N THR B 15 10.15 28.36 -5.69
CA THR B 15 10.41 28.65 -7.10
C THR B 15 9.24 29.41 -7.71
N GLY B 16 9.49 30.00 -8.88
CA GLY B 16 8.42 30.36 -9.76
C GLY B 16 7.88 29.09 -10.39
N VAL B 17 6.96 29.28 -11.34
CA VAL B 17 6.31 28.14 -11.98
C VAL B 17 6.34 28.44 -13.47
N THR B 18 6.79 27.47 -14.25
CA THR B 18 6.79 27.63 -15.71
C THR B 18 5.92 26.57 -16.38
N VAL B 19 5.57 26.84 -17.63
CA VAL B 19 5.08 25.80 -18.52
C VAL B 19 6.10 25.68 -19.64
N ILE B 20 6.62 24.48 -19.83
CA ILE B 20 7.51 24.17 -20.95
C ILE B 20 6.60 23.84 -22.14
N THR B 21 6.83 24.49 -23.26
CA THR B 21 6.07 24.18 -24.47
C THR B 21 6.96 23.80 -25.62
N THR B 22 6.39 23.07 -26.56
CA THR B 22 7.07 22.74 -27.79
C THR B 22 6.03 22.38 -28.84
N GLU B 23 6.51 22.22 -30.07
CA GLU B 23 5.65 21.88 -31.20
C GLU B 23 6.18 20.67 -31.94
N LEU B 24 5.31 19.70 -32.14
CA LEU B 24 5.61 18.54 -32.98
C LEU B 24 4.45 18.38 -34.02
N ASN B 25 4.75 18.42 -35.33
CA ASN B 25 3.76 18.54 -36.43
C ASN B 25 2.66 19.61 -36.28
N GLY B 26 2.99 20.78 -35.75
CA GLY B 26 1.94 21.76 -35.55
C GLY B 26 1.13 21.51 -34.29
N ALA B 27 1.16 20.29 -33.73
CA ALA B 27 0.55 20.12 -32.41
C ALA B 27 1.43 20.77 -31.32
N VAL B 28 0.78 21.50 -30.44
CA VAL B 28 1.42 22.18 -29.33
C VAL B 28 1.31 21.31 -28.07
N HIS B 29 2.46 21.05 -27.46
CA HIS B 29 2.44 20.33 -26.18
C HIS B 29 3.04 21.17 -25.07
N GLY B 30 2.46 21.04 -23.89
CA GLY B 30 2.90 21.80 -22.73
C GLY B 30 3.00 20.95 -21.50
N MSE B 31 3.89 21.34 -20.59
CA MSE B 31 4.04 20.67 -19.31
C MSE B 31 4.52 21.66 -18.23
O MSE B 31 5.50 22.39 -18.43
CB MSE B 31 5.02 19.49 -19.46
CG MSE B 31 5.17 18.64 -18.23
SE MSE B 31 6.87 17.58 -18.20
CE MSE B 31 6.37 16.47 -16.87
N THR B 32 3.83 21.64 -17.10
CA THR B 32 4.20 22.40 -15.91
C THR B 32 5.52 21.91 -15.33
N ALA B 33 6.42 22.86 -15.12
CA ALA B 33 7.73 22.54 -14.57
C ALA B 33 8.18 23.63 -13.62
N ASN B 34 8.76 23.26 -12.51
CA ASN B 34 9.52 24.26 -11.73
C ASN B 34 11.01 23.94 -11.63
N ALA B 35 11.43 22.77 -12.13
CA ALA B 35 12.84 22.40 -12.22
C ALA B 35 13.44 23.06 -13.45
N PHE B 36 13.68 24.36 -13.31
CA PHE B 36 14.19 25.19 -14.39
C PHE B 36 15.27 26.07 -13.74
N MSE B 37 16.28 26.45 -14.50
CA MSE B 37 17.25 27.42 -14.03
C MSE B 37 18.03 28.07 -15.18
O MSE B 37 18.14 27.51 -16.29
CB MSE B 37 18.23 26.77 -13.04
CG MSE B 37 19.00 25.62 -13.62
SE MSE B 37 20.58 25.16 -12.60
CE MSE B 37 21.73 24.92 -14.03
N SER B 38 18.54 29.25 -14.88
CA SER B 38 19.55 29.88 -15.74
C SER B 38 20.87 29.14 -15.49
N VAL B 39 21.60 28.89 -16.58
CA VAL B 39 22.82 28.10 -16.53
C VAL B 39 24.04 28.93 -16.88
N SER B 40 24.05 29.48 -18.08
CA SER B 40 25.22 30.15 -18.61
C SER B 40 24.89 31.51 -19.24
N LEU B 41 25.83 32.44 -19.10
CA LEU B 41 25.71 33.76 -19.68
C LEU B 41 26.28 33.82 -21.10
N ASN B 42 27.51 33.35 -21.28
CA ASN B 42 28.14 33.20 -22.60
C ASN B 42 28.56 31.75 -22.80
N PRO B 43 27.87 30.99 -23.66
CA PRO B 43 26.70 31.44 -24.41
C PRO B 43 25.44 31.48 -23.53
N LYS B 44 24.33 31.99 -24.06
CA LYS B 44 23.09 32.11 -23.27
C LYS B 44 22.39 30.76 -23.13
N LEU B 45 22.56 30.12 -21.96
CA LEU B 45 22.03 28.79 -21.75
C LEU B 45 21.10 28.69 -20.57
N VAL B 46 20.14 27.81 -20.72
CA VAL B 46 19.11 27.59 -19.77
C VAL B 46 18.97 26.06 -19.66
N LEU B 47 18.35 25.57 -18.60
CA LEU B 47 18.20 24.14 -18.40
C LEU B 47 16.82 23.84 -17.85
N VAL B 48 16.21 22.76 -18.34
CA VAL B 48 15.00 22.23 -17.74
C VAL B 48 15.15 20.72 -17.47
N SER B 49 14.42 20.21 -16.49
CA SER B 49 14.60 18.83 -16.06
C SER B 49 13.28 18.10 -16.16
N ILE B 50 13.26 17.02 -16.94
CA ILE B 50 12.02 16.33 -17.30
C ILE B 50 12.06 14.84 -16.87
N GLY B 51 10.97 14.38 -16.26
CA GLY B 51 10.88 13.03 -15.76
C GLY B 51 10.92 12.02 -16.90
N GLU B 52 11.55 10.87 -16.65
CA GLU B 52 11.70 9.81 -17.65
C GLU B 52 10.37 9.29 -18.23
N LYS B 53 9.29 9.35 -17.44
CA LYS B 53 7.95 8.87 -17.84
C LYS B 53 7.07 9.98 -18.44
N ALA B 54 7.61 11.20 -18.53
CA ALA B 54 6.81 12.31 -19.05
C ALA B 54 6.75 12.29 -20.57
N LYS B 55 5.54 12.41 -21.10
CA LYS B 55 5.30 12.48 -22.54
C LYS B 55 6.14 13.57 -23.18
N MSE B 56 6.39 14.67 -22.45
CA MSE B 56 7.18 15.79 -22.96
C MSE B 56 8.60 15.38 -23.35
O MSE B 56 9.18 15.95 -24.27
CB MSE B 56 7.25 16.92 -21.90
CG MSE B 56 7.99 18.16 -22.36
SE MSE B 56 7.15 18.97 -23.95
CE MSE B 56 5.42 19.11 -23.30
N LEU B 57 9.16 14.39 -22.65
CA LEU B 57 10.52 13.97 -22.87
C LEU B 57 10.78 13.60 -24.34
N GLU B 58 10.00 12.66 -24.85
CA GLU B 58 10.13 12.24 -26.25
C GLU B 58 9.85 13.39 -27.23
N LYS B 59 8.84 14.22 -26.91
CA LYS B 59 8.49 15.38 -27.73
C LYS B 59 9.68 16.32 -27.92
N ILE B 60 10.42 16.61 -26.83
CA ILE B 60 11.56 17.51 -26.91
C ILE B 60 12.72 16.84 -27.63
N GLN B 61 12.91 15.54 -27.38
CA GLN B 61 13.95 14.77 -28.04
C GLN B 61 13.81 14.80 -29.56
N GLN B 62 12.57 14.81 -30.04
CA GLN B 62 12.32 14.94 -31.48
C GLN B 62 12.39 16.36 -32.01
N SER B 63 11.68 17.30 -31.37
CA SER B 63 11.62 18.66 -31.86
C SER B 63 12.96 19.36 -31.72
N LYS B 64 13.73 18.95 -30.71
CA LYS B 64 15.01 19.58 -30.35
C LYS B 64 14.89 21.06 -29.96
N LYS B 65 13.69 21.46 -29.56
CA LYS B 65 13.43 22.81 -29.08
C LYS B 65 12.35 22.85 -27.99
N TYR B 66 12.31 23.96 -27.26
CA TYR B 66 11.33 24.20 -26.22
C TYR B 66 11.32 25.68 -25.85
N ALA B 67 10.16 26.12 -25.39
CA ALA B 67 10.04 27.45 -24.79
C ALA B 67 9.67 27.27 -23.32
N VAL B 68 10.15 28.21 -22.51
CA VAL B 68 9.86 28.24 -21.09
C VAL B 68 8.91 29.44 -20.90
N ASN B 69 7.72 29.20 -20.37
CA ASN B 69 6.78 30.26 -20.11
C ASN B 69 6.64 30.46 -18.60
N ILE B 70 7.22 31.55 -18.08
CA ILE B 70 7.14 31.79 -16.64
C ILE B 70 5.79 32.38 -16.35
N LEU B 71 5.08 31.78 -15.40
CA LEU B 71 3.71 32.11 -15.12
C LEU B 71 3.58 33.26 -14.14
N SER B 72 2.60 34.11 -14.42
CA SER B 72 2.21 35.15 -13.53
C SER B 72 1.28 34.63 -12.43
N GLN B 73 1.11 35.45 -11.40
CA GLN B 73 0.20 35.26 -10.29
C GLN B 73 -1.20 34.92 -10.78
N ASP B 74 -1.56 35.41 -11.95
CA ASP B 74 -2.91 35.23 -12.48
C ASP B 74 -3.09 33.94 -13.28
N GLN B 75 -2.11 33.03 -13.21
CA GLN B 75 -2.05 31.88 -14.11
C GLN B 75 -1.99 30.56 -13.40
N LYS B 76 -2.52 30.52 -12.20
CA LYS B 76 -2.58 29.33 -11.38
C LYS B 76 -3.33 28.22 -12.11
N VAL B 77 -4.40 28.58 -12.83
CA VAL B 77 -5.21 27.59 -13.53
C VAL B 77 -4.39 26.92 -14.62
N LEU B 78 -3.54 27.72 -15.30
CA LEU B 78 -2.69 27.16 -16.33
C LEU B 78 -1.67 26.16 -15.76
N SER B 79 -1.12 26.47 -14.59
CA SER B 79 -0.17 25.59 -13.93
C SER B 79 -0.84 24.21 -13.61
N MSE B 80 -2.01 24.26 -13.03
CA MSE B 80 -2.79 23.06 -12.78
C MSE B 80 -3.13 22.29 -14.06
O MSE B 80 -2.96 21.07 -14.12
CB MSE B 80 -4.05 23.42 -12.01
CG MSE B 80 -3.75 23.95 -10.61
SE MSE B 80 -5.40 24.47 -9.60
CE MSE B 80 -6.01 25.75 -10.69
N ASN B 81 -3.57 23.00 -15.09
CA ASN B 81 -3.81 22.40 -16.41
C ASN B 81 -2.61 21.60 -16.94
N PHE B 82 -1.47 22.26 -17.06
CA PHE B 82 -0.34 21.63 -17.70
C PHE B 82 0.34 20.67 -16.75
N ALA B 83 -0.22 20.51 -15.56
CA ALA B 83 0.29 19.53 -14.60
C ALA B 83 -0.57 18.27 -14.55
N GLY B 84 -1.59 18.22 -15.43
CA GLY B 84 -2.49 17.09 -15.49
C GLY B 84 -3.42 17.01 -14.30
N GLN B 85 -3.73 18.15 -13.69
CA GLN B 85 -4.55 18.16 -12.47
C GLN B 85 -6.03 18.56 -12.68
N LEU B 86 -6.40 18.94 -13.90
CA LEU B 86 -7.80 19.23 -14.22
C LEU B 86 -8.41 18.10 -15.05
N GLU B 87 -9.66 17.76 -14.72
CA GLU B 87 -10.40 16.74 -15.45
C GLU B 87 -10.62 17.11 -16.90
N LYS B 88 -10.92 18.38 -17.15
CA LYS B 88 -11.09 18.86 -18.53
C LYS B 88 -10.03 19.91 -18.84
N PRO B 89 -9.30 19.74 -19.94
CA PRO B 89 -8.25 20.72 -20.31
C PRO B 89 -8.88 22.05 -20.59
N VAL B 90 -8.16 23.14 -20.32
CA VAL B 90 -8.63 24.47 -20.68
C VAL B 90 -8.14 24.82 -22.07
N ASP B 91 -8.87 25.76 -22.71
CA ASP B 91 -8.51 26.24 -24.04
C ASP B 91 -7.46 27.35 -23.85
N VAL B 92 -6.21 26.99 -24.09
CA VAL B 92 -5.10 27.89 -23.82
C VAL B 92 -4.79 28.74 -25.05
N GLN B 93 -4.58 30.04 -24.79
CA GLN B 93 -4.24 30.99 -25.83
C GLN B 93 -2.73 31.02 -26.08
N PHE B 94 -2.32 30.54 -27.25
CA PHE B 94 -0.93 30.51 -27.64
C PHE B 94 -0.56 31.65 -28.60
N GLU B 95 0.70 32.06 -28.56
CA GLU B 95 1.25 32.95 -29.57
C GLU B 95 2.61 32.34 -29.90
N GLU B 96 3.47 33.09 -30.58
CA GLU B 96 4.67 32.54 -31.17
C GLU B 96 5.87 33.36 -30.78
N LEU B 97 6.99 32.70 -30.50
CA LEU B 97 8.26 33.39 -30.29
C LEU B 97 9.42 32.48 -30.67
N GLY B 98 10.30 32.97 -31.55
CA GLY B 98 11.40 32.19 -32.08
C GLY B 98 10.99 30.84 -32.73
N GLY B 99 9.80 30.82 -33.33
CA GLY B 99 9.23 29.61 -33.93
C GLY B 99 8.65 28.62 -32.93
N LEU B 100 8.49 28.99 -31.66
CA LEU B 100 7.90 28.13 -30.65
C LEU B 100 6.54 28.66 -30.23
N PRO B 101 5.62 27.79 -29.87
CA PRO B 101 4.36 28.22 -29.25
C PRO B 101 4.63 28.71 -27.81
N VAL B 102 4.14 29.88 -27.46
CA VAL B 102 4.34 30.43 -26.12
C VAL B 102 2.99 30.82 -25.58
N ILE B 103 2.88 30.98 -24.27
CA ILE B 103 1.62 31.30 -23.64
C ILE B 103 1.42 32.82 -23.51
N LYS B 104 0.32 33.29 -24.06
CA LYS B 104 -0.10 34.67 -23.99
C LYS B 104 -0.24 35.15 -22.57
N ASP B 105 0.31 36.34 -22.30
CA ASP B 105 0.22 36.98 -20.95
C ASP B 105 1.06 36.31 -19.86
N ALA B 106 1.98 35.42 -20.26
CA ALA B 106 2.97 34.85 -19.34
C ALA B 106 3.75 36.00 -18.78
N LEU B 107 4.32 35.82 -17.60
CA LEU B 107 5.24 36.80 -17.04
C LEU B 107 6.46 37.01 -17.95
N ALA B 108 7.00 35.90 -18.45
CA ALA B 108 8.12 35.94 -19.37
C ALA B 108 8.09 34.73 -20.31
N GLN B 109 8.63 34.92 -21.51
CA GLN B 109 8.69 33.86 -22.51
C GLN B 109 10.13 33.73 -23.02
N ILE B 110 10.66 32.53 -23.01
CA ILE B 110 12.05 32.29 -23.40
C ILE B 110 12.07 31.09 -24.36
N SER B 111 12.47 31.32 -25.60
CA SER B 111 12.55 30.27 -26.60
C SER B 111 13.96 29.73 -26.73
N CYS B 112 14.07 28.41 -26.81
CA CYS B 112 15.36 27.71 -26.80
C CYS B 112 15.52 26.63 -27.85
N GLN B 113 16.76 26.43 -28.31
CA GLN B 113 17.16 25.25 -29.08
C GLN B 113 17.99 24.33 -28.17
N VAL B 114 17.64 23.05 -28.14
CA VAL B 114 18.36 22.08 -27.32
C VAL B 114 19.77 21.91 -27.84
N VAL B 115 20.77 22.10 -26.97
CA VAL B 115 22.19 21.90 -27.33
C VAL B 115 22.88 20.73 -26.62
N ASN B 116 22.23 20.16 -25.62
CA ASN B 116 22.76 19.03 -24.85
C ASN B 116 21.65 18.32 -24.10
N GLU B 117 21.84 17.04 -23.85
CA GLU B 117 20.83 16.22 -23.19
C GLU B 117 21.54 15.25 -22.24
N VAL B 118 21.37 15.45 -20.94
CA VAL B 118 22.10 14.68 -19.94
C VAL B 118 21.13 13.95 -19.02
N GLN B 119 21.25 12.62 -18.96
CA GLN B 119 20.39 11.80 -18.09
C GLN B 119 20.94 11.96 -16.66
N ALA B 120 20.04 12.05 -15.70
CA ALA B 120 20.41 12.23 -14.30
C ALA B 120 19.37 11.53 -13.45
N GLY B 121 19.68 10.29 -13.06
CA GLY B 121 18.72 9.43 -12.39
C GLY B 121 17.38 9.32 -13.10
N ASP B 122 16.32 9.61 -12.37
CA ASP B 122 14.91 9.64 -12.80
C ASP B 122 14.53 10.55 -13.99
N HIS B 123 15.46 11.39 -14.44
CA HIS B 123 15.13 12.60 -15.19
C HIS B 123 16.17 12.81 -16.23
N THR B 124 15.79 13.60 -17.24
CA THR B 124 16.73 14.10 -18.25
C THR B 124 16.79 15.65 -18.23
N LEU B 125 18.02 16.16 -18.26
CA LEU B 125 18.28 17.59 -18.33
C LEU B 125 18.44 18.02 -19.77
N PHE B 126 17.61 18.94 -20.21
CA PHE B 126 17.72 19.48 -21.55
C PHE B 126 18.27 20.87 -21.42
N ILE B 127 19.50 21.03 -21.88
CA ILE B 127 20.20 22.30 -21.86
C ILE B 127 19.88 23.02 -23.16
N GLY B 128 19.44 24.26 -23.05
CA GLY B 128 18.89 24.99 -24.18
C GLY B 128 19.57 26.32 -24.38
N GLU B 129 19.84 26.65 -25.65
CA GLU B 129 20.38 27.94 -26.00
C GLU B 129 19.22 28.88 -26.33
N VAL B 130 19.21 30.02 -25.66
CA VAL B 130 18.14 31.00 -25.79
C VAL B 130 18.26 31.79 -27.09
N THR B 131 17.19 31.80 -27.88
CA THR B 131 17.17 32.55 -29.13
C THR B 131 16.33 33.81 -29.04
N ASP B 132 15.27 33.77 -28.24
CA ASP B 132 14.33 34.90 -28.12
C ASP B 132 13.75 35.04 -26.71
N ILE B 133 13.50 36.28 -26.32
CA ILE B 133 13.03 36.61 -24.98
C ILE B 133 11.91 37.68 -25.02
N LYS B 134 10.88 37.48 -24.23
CA LYS B 134 9.88 38.52 -23.99
C LYS B 134 9.58 38.57 -22.51
N ILE B 135 9.56 39.78 -21.96
CA ILE B 135 9.38 40.01 -20.53
C ILE B 135 8.26 41.01 -20.26
N THR B 136 7.58 40.84 -19.12
CA THR B 136 6.61 41.80 -18.62
C THR B 136 6.96 42.10 -17.17
N GLU B 137 6.23 43.03 -16.57
CA GLU B 137 6.48 43.39 -15.19
C GLU B 137 5.41 42.84 -14.23
N GLN B 138 4.78 41.73 -14.60
CA GLN B 138 3.78 41.10 -13.72
C GLN B 138 4.40 40.48 -12.46
N ASP B 139 3.58 40.22 -11.48
CA ASP B 139 3.99 39.48 -10.29
C ASP B 139 3.93 37.97 -10.53
N PRO B 140 4.85 37.21 -9.95
CA PRO B 140 5.00 35.77 -10.27
C PRO B 140 4.11 34.85 -9.46
N LEU B 141 3.63 33.78 -10.09
CA LEU B 141 3.14 32.61 -9.37
C LEU B 141 4.33 31.93 -8.65
N LEU B 142 4.16 31.56 -7.39
CA LEU B 142 5.22 30.95 -6.63
C LEU B 142 4.77 29.60 -6.17
N PHE B 143 5.72 28.71 -5.97
CA PHE B 143 5.45 27.40 -5.44
C PHE B 143 6.41 27.10 -4.29
N PHE B 144 5.87 26.71 -3.14
CA PHE B 144 6.72 26.55 -1.93
C PHE B 144 5.97 25.68 -0.98
N SER B 145 6.64 24.70 -0.40
CA SER B 145 6.06 23.70 0.52
C SER B 145 4.80 23.07 -0.02
N GLY B 146 4.80 22.75 -1.32
CA GLY B 146 3.69 22.07 -1.92
C GLY B 146 2.46 22.93 -2.18
N LYS B 147 2.58 24.26 -2.02
CA LYS B 147 1.44 25.17 -2.21
C LYS B 147 1.80 26.34 -3.12
N TYR B 148 0.79 26.93 -3.76
CA TYR B 148 0.93 28.17 -4.51
C TYR B 148 0.98 29.39 -3.57
N HIS B 149 1.82 30.36 -3.92
CA HIS B 149 2.05 31.51 -3.07
C HIS B 149 2.21 32.74 -3.94
N GLN B 150 2.24 33.89 -3.29
CA GLN B 150 2.52 35.18 -3.94
C GLN B 150 3.65 35.92 -3.20
N LEU B 151 4.30 36.85 -3.88
CA LEU B 151 5.25 37.76 -3.20
C LEU B 151 4.51 38.71 -2.27
N ALA B 152 5.06 38.92 -1.07
CA ALA B 152 4.63 40.03 -0.19
C ALA B 152 4.75 41.36 -0.94
N GLN B 153 3.68 42.16 -0.89
CA GLN B 153 3.66 43.44 -1.63
C GLN B 153 3.92 44.66 -0.74
N MSE C 1 43.97 -28.61 2.25
CA MSE C 1 42.59 -28.85 1.71
C MSE C 1 42.56 -29.10 0.19
O MSE C 1 42.82 -28.20 -0.61
CB MSE C 1 41.64 -27.71 2.11
CG MSE C 1 40.48 -28.15 3.03
SE MSE C 1 38.92 -26.90 3.04
CE MSE C 1 39.91 -25.21 3.38
N ASP C 2 42.21 -30.32 -0.16
CA ASP C 2 42.10 -30.80 -1.54
C ASP C 2 41.09 -30.00 -2.38
N ASP C 3 41.45 -29.72 -3.63
CA ASP C 3 40.55 -29.10 -4.61
C ASP C 3 39.33 -29.97 -4.90
N ARG C 4 39.53 -31.29 -4.83
CA ARG C 4 38.46 -32.26 -5.00
C ARG C 4 37.50 -32.25 -3.81
N LEU C 5 38.02 -32.18 -2.58
CA LEU C 5 37.18 -32.06 -1.38
C LEU C 5 36.30 -30.81 -1.43
N PHE C 6 36.87 -29.68 -1.85
CA PHE C 6 36.15 -28.42 -1.97
C PHE C 6 35.06 -28.54 -3.06
N ARG C 7 35.41 -29.10 -4.22
CA ARG C 7 34.45 -29.26 -5.31
C ARG C 7 33.32 -30.23 -4.93
N ASN C 8 33.66 -31.29 -4.22
CA ASN C 8 32.69 -32.22 -3.69
C ASN C 8 31.73 -31.53 -2.73
N ALA C 9 32.27 -30.72 -1.83
CA ALA C 9 31.47 -29.97 -0.88
C ALA C 9 30.53 -29.00 -1.60
N MSE C 10 31.08 -28.21 -2.51
CA MSE C 10 30.31 -27.24 -3.28
C MSE C 10 29.18 -27.92 -4.05
O MSE C 10 28.07 -27.40 -4.12
CB MSE C 10 31.22 -26.48 -4.26
CG MSE C 10 32.25 -25.55 -3.57
SE MSE C 10 31.40 -24.54 -2.11
CE MSE C 10 32.27 -25.41 -0.59
N GLY C 11 29.47 -29.11 -4.58
CA GLY C 11 28.47 -29.89 -5.28
C GLY C 11 27.31 -30.39 -4.40
N LYS C 12 27.47 -30.28 -3.08
CA LYS C 12 26.38 -30.63 -2.16
C LYS C 12 25.32 -29.55 -2.10
N PHE C 13 25.63 -28.37 -2.63
CA PHE C 13 24.59 -27.37 -2.77
C PHE C 13 23.89 -27.56 -4.14
N ALA C 14 22.65 -28.07 -4.13
CA ALA C 14 21.89 -28.29 -5.36
C ALA C 14 21.51 -26.95 -5.99
N THR C 15 21.49 -26.91 -7.33
CA THR C 15 21.06 -25.74 -8.08
C THR C 15 20.27 -26.15 -9.33
N GLY C 16 19.53 -25.20 -9.88
CA GLY C 16 19.11 -25.30 -11.24
C GLY C 16 20.34 -25.11 -12.16
N VAL C 17 20.09 -25.06 -13.46
CA VAL C 17 21.14 -24.92 -14.46
C VAL C 17 20.61 -23.85 -15.39
N THR C 18 21.47 -22.88 -15.70
CA THR C 18 21.15 -21.83 -16.65
C THR C 18 22.15 -21.84 -17.76
N VAL C 19 21.76 -21.18 -18.85
CA VAL C 19 22.72 -20.77 -19.86
C VAL C 19 22.72 -19.26 -19.84
N ILE C 20 23.91 -18.68 -19.75
CA ILE C 20 24.08 -17.23 -19.84
C ILE C 20 24.28 -16.90 -21.31
N THR C 21 23.51 -15.97 -21.83
CA THR C 21 23.70 -15.56 -23.23
C THR C 21 23.97 -14.07 -23.36
N THR C 22 24.66 -13.73 -24.44
CA THR C 22 24.85 -12.33 -24.80
C THR C 22 25.04 -12.22 -26.32
N GLU C 23 25.06 -11.00 -26.80
CA GLU C 23 25.30 -10.73 -28.21
C GLU C 23 26.44 -9.72 -28.39
N LEU C 24 27.44 -10.10 -29.17
CA LEU C 24 28.54 -9.20 -29.53
C LEU C 24 28.78 -9.23 -31.02
N ASN C 25 28.97 -8.06 -31.62
CA ASN C 25 29.44 -7.99 -33.00
C ASN C 25 28.70 -8.91 -33.97
N GLY C 26 27.35 -8.87 -33.92
CA GLY C 26 26.50 -9.79 -34.69
C GLY C 26 26.18 -11.17 -34.10
N ALA C 27 27.10 -11.71 -33.31
CA ALA C 27 27.12 -13.10 -32.89
C ALA C 27 26.54 -13.37 -31.48
N VAL C 28 25.93 -14.55 -31.32
CA VAL C 28 25.33 -14.98 -30.07
C VAL C 28 26.31 -15.90 -29.37
N HIS C 29 26.59 -15.58 -28.10
CA HIS C 29 27.45 -16.43 -27.29
C HIS C 29 26.71 -16.93 -26.06
N GLY C 30 26.96 -18.18 -25.71
CA GLY C 30 26.31 -18.82 -24.58
C GLY C 30 27.28 -19.59 -23.69
N MSE C 31 26.96 -19.69 -22.41
CA MSE C 31 27.77 -20.47 -21.46
C MSE C 31 26.89 -21.06 -20.33
O MSE C 31 26.07 -20.37 -19.74
CB MSE C 31 28.85 -19.59 -20.85
CG MSE C 31 29.96 -20.32 -20.14
SE MSE C 31 30.80 -19.18 -18.73
CE MSE C 31 32.29 -20.27 -18.49
N THR C 32 27.06 -22.36 -20.08
CA THR C 32 26.39 -23.05 -18.99
C THR C 32 26.93 -22.54 -17.65
N ALA C 33 26.02 -22.04 -16.81
CA ALA C 33 26.37 -21.57 -15.47
C ALA C 33 25.38 -22.04 -14.43
N ASN C 34 25.87 -22.39 -13.24
CA ASN C 34 24.95 -22.60 -12.12
C ASN C 34 25.27 -21.67 -10.98
N ALA C 35 26.38 -20.92 -11.13
CA ALA C 35 26.75 -19.91 -10.15
C ALA C 35 25.98 -18.64 -10.52
N PHE C 36 24.69 -18.66 -10.19
CA PHE C 36 23.77 -17.55 -10.45
C PHE C 36 23.01 -17.40 -9.16
N MSE C 37 22.47 -16.22 -8.90
CA MSE C 37 21.55 -16.00 -7.76
C MSE C 37 20.78 -14.71 -7.92
O MSE C 37 21.24 -13.80 -8.59
CB MSE C 37 22.33 -15.95 -6.43
CG MSE C 37 23.36 -14.86 -6.36
SE MSE C 37 23.98 -14.48 -4.57
CE MSE C 37 24.20 -12.63 -4.68
N SER C 38 19.65 -14.63 -7.24
CA SER C 38 18.92 -13.40 -7.04
C SER C 38 19.65 -12.60 -5.97
N VAL C 39 19.77 -11.29 -6.19
CA VAL C 39 20.58 -10.46 -5.30
C VAL C 39 19.69 -9.48 -4.57
N SER C 40 19.05 -8.60 -5.35
CA SER C 40 18.33 -7.47 -4.78
C SER C 40 16.92 -7.33 -5.34
N LEU C 41 16.02 -6.85 -4.51
CA LEU C 41 14.64 -6.65 -4.89
C LEU C 41 14.38 -5.23 -5.42
N ASN C 42 14.90 -4.23 -4.70
CA ASN C 42 14.86 -2.80 -5.09
C ASN C 42 16.28 -2.19 -5.02
N PRO C 43 16.97 -2.02 -6.14
CA PRO C 43 16.44 -2.33 -7.49
C PRO C 43 16.47 -3.84 -7.79
N LYS C 44 15.96 -4.24 -8.96
CA LYS C 44 15.91 -5.66 -9.32
C LYS C 44 17.27 -6.10 -9.83
N LEU C 45 18.02 -6.78 -8.97
CA LEU C 45 19.38 -7.22 -9.33
C LEU C 45 19.60 -8.70 -9.20
N VAL C 46 20.49 -9.15 -10.06
CA VAL C 46 20.78 -10.55 -10.23
C VAL C 46 22.28 -10.59 -10.39
N LEU C 47 22.90 -11.74 -10.19
CA LEU C 47 24.34 -11.83 -10.24
C LEU C 47 24.70 -13.14 -10.88
N VAL C 48 25.78 -13.14 -11.66
CA VAL C 48 26.35 -14.36 -12.21
C VAL C 48 27.87 -14.36 -12.06
N SER C 49 28.48 -15.53 -11.98
CA SER C 49 29.90 -15.62 -11.66
C SER C 49 30.60 -16.39 -12.76
N ILE C 50 31.59 -15.75 -13.36
CA ILE C 50 32.26 -16.26 -14.57
C ILE C 50 33.76 -16.41 -14.31
N GLY C 51 34.29 -17.57 -14.66
CA GLY C 51 35.71 -17.86 -14.51
C GLY C 51 36.60 -16.95 -15.36
N GLU C 52 37.76 -16.61 -14.82
CA GLU C 52 38.71 -15.69 -15.45
C GLU C 52 39.12 -16.12 -16.86
N LYS C 53 39.20 -17.44 -17.09
CA LYS C 53 39.63 -18.01 -18.37
C LYS C 53 38.49 -18.24 -19.36
N ALA C 54 37.28 -17.84 -18.99
CA ALA C 54 36.13 -18.11 -19.84
C ALA C 54 35.97 -17.05 -20.91
N LYS C 55 35.78 -17.50 -22.16
CA LYS C 55 35.52 -16.63 -23.31
C LYS C 55 34.38 -15.67 -23.04
N MSE C 56 33.36 -16.14 -22.32
CA MSE C 56 32.20 -15.31 -21.97
C MSE C 56 32.56 -14.07 -21.17
O MSE C 56 31.87 -13.06 -21.27
CB MSE C 56 31.16 -16.14 -21.20
CG MSE C 56 29.88 -15.36 -20.84
SE MSE C 56 28.69 -14.82 -22.41
CE MSE C 56 28.88 -16.42 -23.37
N LEU C 57 33.64 -14.13 -20.37
CA LEU C 57 34.04 -12.98 -19.55
C LEU C 57 34.24 -11.71 -20.37
N GLU C 58 35.18 -11.73 -21.31
CA GLU C 58 35.40 -10.58 -22.19
C GLU C 58 34.13 -10.18 -22.98
N LYS C 59 33.37 -11.16 -23.47
CA LYS C 59 32.13 -10.89 -24.19
C LYS C 59 31.13 -10.05 -23.39
N ILE C 60 30.99 -10.35 -22.11
CA ILE C 60 30.08 -9.57 -21.27
C ILE C 60 30.68 -8.20 -20.93
N GLN C 61 31.99 -8.17 -20.67
CA GLN C 61 32.71 -6.91 -20.41
C GLN C 61 32.48 -5.89 -21.52
N GLN C 62 32.41 -6.38 -22.77
CA GLN C 62 32.18 -5.51 -23.93
C GLN C 62 30.72 -5.17 -24.17
N SER C 63 29.86 -6.19 -24.21
CA SER C 63 28.44 -5.98 -24.46
C SER C 63 27.73 -5.27 -23.33
N LYS C 64 28.27 -5.41 -22.11
CA LYS C 64 27.68 -4.87 -20.87
C LYS C 64 26.27 -5.38 -20.60
N LYS C 65 25.92 -6.52 -21.21
CA LYS C 65 24.64 -7.14 -20.98
C LYS C 65 24.72 -8.66 -21.00
N TYR C 66 23.65 -9.28 -20.48
CA TYR C 66 23.50 -10.74 -20.53
C TYR C 66 22.06 -11.14 -20.22
N ALA C 67 21.68 -12.32 -20.70
CA ALA C 67 20.44 -12.92 -20.29
C ALA C 67 20.79 -14.22 -19.57
N VAL C 68 19.91 -14.59 -18.65
CA VAL C 68 20.04 -15.84 -17.92
C VAL C 68 18.88 -16.70 -18.41
N ASN C 69 19.19 -17.90 -18.89
CA ASN C 69 18.17 -18.83 -19.37
C ASN C 69 18.13 -20.03 -18.44
N ILE C 70 17.08 -20.10 -17.63
CA ILE C 70 16.94 -21.24 -16.74
C ILE C 70 16.44 -22.41 -17.55
N LEU C 71 17.17 -23.52 -17.48
CA LEU C 71 16.86 -24.71 -18.24
C LEU C 71 15.85 -25.65 -17.59
N SER C 72 15.01 -26.23 -18.45
CA SER C 72 14.00 -27.15 -18.05
C SER C 72 14.65 -28.52 -18.00
N GLN C 73 13.92 -29.43 -17.39
CA GLN C 73 14.25 -30.84 -17.34
C GLN C 73 14.54 -31.47 -18.70
N ASP C 74 13.93 -30.91 -19.75
CA ASP C 74 14.04 -31.45 -21.10
C ASP C 74 15.29 -30.93 -21.84
N GLN C 75 16.11 -30.10 -21.16
CA GLN C 75 17.17 -29.35 -21.79
C GLN C 75 18.60 -29.71 -21.34
N LYS C 76 18.76 -30.95 -20.93
CA LYS C 76 20.04 -31.49 -20.55
C LYS C 76 21.11 -31.39 -21.66
N VAL C 77 20.73 -31.65 -22.91
CA VAL C 77 21.63 -31.53 -24.02
C VAL C 77 22.12 -30.09 -24.25
N LEU C 78 21.28 -29.10 -24.04
CA LEU C 78 21.72 -27.70 -24.08
C LEU C 78 22.74 -27.36 -22.99
N SER C 79 22.52 -27.89 -21.78
CA SER C 79 23.44 -27.67 -20.70
C SER C 79 24.84 -28.16 -21.08
N MSE C 80 24.90 -29.38 -21.60
CA MSE C 80 26.13 -30.00 -22.01
C MSE C 80 26.78 -29.24 -23.20
O MSE C 80 27.99 -29.02 -23.20
CB MSE C 80 25.87 -31.46 -22.41
CG MSE C 80 25.42 -32.36 -21.25
SE MSE C 80 25.23 -34.26 -21.85
CE MSE C 80 23.69 -34.06 -22.66
N ASN C 81 25.96 -28.85 -24.19
CA ASN C 81 26.40 -28.00 -25.31
C ASN C 81 27.10 -26.74 -24.87
N PHE C 82 26.42 -25.96 -24.04
CA PHE C 82 27.00 -24.69 -23.63
C PHE C 82 28.07 -24.82 -22.53
N ALA C 83 28.36 -26.04 -22.11
CA ALA C 83 29.45 -26.30 -21.17
C ALA C 83 30.67 -26.86 -21.90
N GLY C 84 30.62 -26.90 -23.24
CA GLY C 84 31.72 -27.39 -24.05
C GLY C 84 31.94 -28.89 -23.98
N GLN C 85 30.88 -29.64 -23.70
CA GLN C 85 31.03 -31.07 -23.49
C GLN C 85 30.67 -31.93 -24.71
N LEU C 86 30.22 -31.29 -25.78
CA LEU C 86 29.86 -32.01 -26.98
C LEU C 86 30.89 -31.76 -28.06
N GLU C 87 31.30 -32.83 -28.75
CA GLU C 87 32.20 -32.71 -29.90
C GLU C 87 31.66 -31.77 -30.98
N LYS C 88 30.38 -31.89 -31.29
CA LYS C 88 29.76 -31.05 -32.30
C LYS C 88 28.67 -30.17 -31.66
N PRO C 89 28.73 -28.86 -31.85
CA PRO C 89 27.72 -27.96 -31.28
C PRO C 89 26.35 -28.23 -31.87
N VAL C 90 25.32 -28.06 -31.06
CA VAL C 90 23.97 -28.24 -31.55
C VAL C 90 23.44 -26.92 -32.12
N ASP C 91 22.48 -27.03 -33.01
CA ASP C 91 21.84 -25.87 -33.61
C ASP C 91 20.77 -25.36 -32.65
N VAL C 92 21.11 -24.31 -31.92
CA VAL C 92 20.25 -23.84 -30.85
C VAL C 92 19.24 -22.84 -31.39
N GLN C 93 17.99 -22.98 -30.97
CA GLN C 93 16.93 -22.07 -31.35
C GLN C 93 16.84 -20.87 -30.41
N PHE C 94 17.24 -19.69 -30.91
CA PHE C 94 17.20 -18.46 -30.14
C PHE C 94 15.97 -17.61 -30.46
N GLU C 95 15.54 -16.83 -29.48
CA GLU C 95 14.56 -15.78 -29.66
C GLU C 95 15.12 -14.56 -28.94
N GLU C 96 14.28 -13.56 -28.69
CA GLU C 96 14.76 -12.27 -28.22
C GLU C 96 13.99 -11.79 -27.03
N LEU C 97 14.70 -11.15 -26.11
CA LEU C 97 14.05 -10.54 -24.95
C LEU C 97 14.91 -9.43 -24.39
N GLY C 98 14.31 -8.24 -24.29
CA GLY C 98 15.02 -7.04 -23.86
C GLY C 98 16.29 -6.78 -24.64
N GLY C 99 16.28 -7.10 -25.93
CA GLY C 99 17.44 -6.90 -26.78
C GLY C 99 18.51 -7.97 -26.67
N LEU C 100 18.23 -9.04 -25.92
CA LEU C 100 19.16 -10.15 -25.77
C LEU C 100 18.68 -11.42 -26.47
N PRO C 101 19.60 -12.23 -26.99
CA PRO C 101 19.24 -13.57 -27.45
C PRO C 101 18.90 -14.46 -26.26
N VAL C 102 17.77 -15.14 -26.32
CA VAL C 102 17.36 -16.03 -25.25
C VAL C 102 17.02 -17.40 -25.83
N ILE C 103 17.02 -18.42 -24.98
CA ILE C 103 16.81 -19.79 -25.47
C ILE C 103 15.34 -20.16 -25.44
N LYS C 104 14.82 -20.52 -26.61
CA LYS C 104 13.44 -20.93 -26.80
C LYS C 104 13.12 -22.12 -25.94
N ASP C 105 11.96 -22.07 -25.29
CA ASP C 105 11.44 -23.14 -24.44
C ASP C 105 12.21 -23.30 -23.09
N ALA C 106 13.08 -22.35 -22.77
CA ALA C 106 13.71 -22.32 -21.43
C ALA C 106 12.63 -22.25 -20.37
N LEU C 107 12.92 -22.77 -19.19
CA LEU C 107 11.99 -22.63 -18.06
C LEU C 107 11.67 -21.14 -17.76
N ALA C 108 12.70 -20.31 -17.85
CA ALA C 108 12.57 -18.89 -17.59
C ALA C 108 13.68 -18.13 -18.32
N GLN C 109 13.39 -16.88 -18.65
CA GLN C 109 14.31 -16.01 -19.37
C GLN C 109 14.37 -14.65 -18.67
N ILE C 110 15.58 -14.19 -18.39
CA ILE C 110 15.75 -12.98 -17.61
C ILE C 110 16.84 -12.17 -18.34
N SER C 111 16.47 -10.99 -18.85
CA SER C 111 17.44 -10.13 -19.51
C SER C 111 17.98 -9.04 -18.59
N CYS C 112 19.29 -8.82 -18.62
CA CYS C 112 19.94 -7.91 -17.70
C CYS C 112 20.92 -6.94 -18.38
N GLN C 113 21.08 -5.75 -17.79
CA GLN C 113 22.17 -4.81 -18.11
C GLN C 113 23.13 -4.83 -16.93
N VAL C 114 24.43 -5.01 -17.20
CA VAL C 114 25.47 -5.04 -16.18
C VAL C 114 25.59 -3.68 -15.52
N VAL C 115 25.53 -3.65 -14.18
CA VAL C 115 25.67 -2.40 -13.41
C VAL C 115 26.89 -2.39 -12.50
N ASN C 116 27.51 -3.54 -12.30
CA ASN C 116 28.72 -3.64 -11.48
C ASN C 116 29.50 -4.89 -11.87
N GLU C 117 30.80 -4.86 -11.67
CA GLU C 117 31.68 -5.96 -12.00
C GLU C 117 32.74 -6.07 -10.89
N VAL C 118 32.71 -7.19 -10.14
CA VAL C 118 33.57 -7.36 -8.97
C VAL C 118 34.41 -8.61 -9.11
N GLN C 119 35.74 -8.45 -9.14
CA GLN C 119 36.61 -9.63 -9.18
C GLN C 119 36.61 -10.31 -7.81
N ALA C 120 36.58 -11.64 -7.83
CA ALA C 120 36.59 -12.44 -6.61
C ALA C 120 37.39 -13.71 -6.88
N GLY C 121 38.64 -13.73 -6.44
CA GLY C 121 39.58 -14.79 -6.76
C GLY C 121 39.57 -15.14 -8.24
N ASP C 122 39.36 -16.43 -8.49
CA ASP C 122 39.29 -17.07 -9.81
C ASP C 122 38.28 -16.53 -10.81
N HIS C 123 37.38 -15.66 -10.32
CA HIS C 123 36.13 -15.40 -11.02
C HIS C 123 35.76 -13.95 -10.99
N THR C 124 34.86 -13.55 -11.89
CA THR C 124 34.30 -12.20 -11.87
C THR C 124 32.79 -12.25 -11.70
N LEU C 125 32.28 -11.43 -10.79
CA LEU C 125 30.85 -11.36 -10.54
C LEU C 125 30.28 -10.24 -11.36
N PHE C 126 29.37 -10.57 -12.28
CA PHE C 126 28.68 -9.54 -13.01
C PHE C 126 27.29 -9.34 -12.41
N ILE C 127 27.10 -8.19 -11.77
CA ILE C 127 25.83 -7.85 -11.17
C ILE C 127 25.00 -7.16 -12.24
N GLY C 128 23.76 -7.64 -12.42
CA GLY C 128 22.92 -7.18 -13.50
C GLY C 128 21.56 -6.68 -13.05
N GLU C 129 21.13 -5.59 -13.66
CA GLU C 129 19.78 -5.10 -13.41
C GLU C 129 18.84 -5.71 -14.44
N VAL C 130 17.75 -6.30 -13.94
CA VAL C 130 16.81 -7.04 -14.77
C VAL C 130 15.89 -6.07 -15.51
N THR C 131 15.81 -6.21 -16.84
CA THR C 131 14.92 -5.36 -17.65
C THR C 131 13.66 -6.07 -18.11
N ASP C 132 13.77 -7.38 -18.35
CA ASP C 132 12.66 -8.17 -18.89
C ASP C 132 12.69 -9.62 -18.38
N ILE C 133 11.49 -10.18 -18.23
CA ILE C 133 11.33 -11.50 -17.67
C ILE C 133 10.29 -12.29 -18.44
N LYS C 134 10.53 -13.58 -18.60
CA LYS C 134 9.53 -14.48 -19.18
C LYS C 134 9.62 -15.82 -18.44
N ILE C 135 8.48 -16.31 -17.98
CA ILE C 135 8.42 -17.50 -17.16
C ILE C 135 7.48 -18.54 -17.78
N THR C 136 7.79 -19.83 -17.56
CA THR C 136 6.85 -20.93 -17.84
C THR C 136 6.73 -21.80 -16.59
N GLU C 137 5.86 -22.80 -16.66
CA GLU C 137 5.60 -23.67 -15.52
C GLU C 137 6.23 -25.05 -15.70
N GLN C 138 7.30 -25.12 -16.48
CA GLN C 138 8.03 -26.38 -16.67
C GLN C 138 8.78 -26.82 -15.41
N ASP C 139 9.17 -28.09 -15.37
CA ASP C 139 9.99 -28.60 -14.29
C ASP C 139 11.47 -28.34 -14.60
N PRO C 140 12.27 -28.12 -13.56
CA PRO C 140 13.66 -27.69 -13.75
C PRO C 140 14.68 -28.81 -13.94
N LEU C 141 15.71 -28.54 -14.75
CA LEU C 141 16.94 -29.31 -14.70
C LEU C 141 17.69 -28.98 -13.41
N LEU C 142 18.10 -30.02 -12.68
CA LEU C 142 18.83 -29.81 -11.43
C LEU C 142 20.23 -30.37 -11.55
N PHE C 143 21.14 -29.84 -10.76
CA PHE C 143 22.51 -30.33 -10.71
C PHE C 143 22.91 -30.47 -9.26
N PHE C 144 23.34 -31.67 -8.89
CA PHE C 144 23.64 -31.99 -7.50
C PHE C 144 24.66 -33.11 -7.44
N SER C 145 25.69 -32.95 -6.63
CA SER C 145 26.75 -33.96 -6.51
C SER C 145 27.34 -34.36 -7.88
N GLY C 146 27.48 -33.40 -8.77
CA GLY C 146 28.12 -33.68 -10.04
C GLY C 146 27.25 -34.37 -11.06
N LYS C 147 25.96 -34.50 -10.79
CA LYS C 147 25.03 -35.19 -11.68
C LYS C 147 23.79 -34.36 -11.96
N TYR C 148 23.16 -34.65 -13.10
CA TYR C 148 21.87 -34.08 -13.42
C TYR C 148 20.75 -34.84 -12.66
N HIS C 149 19.76 -34.09 -12.18
CA HIS C 149 18.66 -34.63 -11.38
C HIS C 149 17.36 -33.95 -11.71
N GLN C 150 16.30 -34.48 -11.12
CA GLN C 150 14.96 -33.97 -11.34
C GLN C 150 14.28 -33.79 -9.99
N LEU C 151 13.29 -32.92 -9.90
CA LEU C 151 12.43 -32.86 -8.70
C LEU C 151 11.58 -34.12 -8.54
N ALA C 152 11.46 -34.63 -7.31
CA ALA C 152 10.48 -35.68 -7.00
C ALA C 152 9.07 -35.14 -7.31
N GLN C 153 8.29 -35.93 -8.06
CA GLN C 153 6.96 -35.51 -8.49
C GLN C 153 5.85 -36.12 -7.63
N MSE D 1 6.47 -4.85 -14.96
CA MSE D 1 7.34 -5.96 -14.45
C MSE D 1 7.38 -5.96 -12.92
O MSE D 1 8.39 -5.58 -12.32
CB MSE D 1 8.76 -5.82 -15.03
CG MSE D 1 9.51 -7.14 -15.26
SE MSE D 1 11.16 -7.34 -14.20
CE MSE D 1 12.16 -5.79 -14.92
N ASP D 2 6.27 -6.39 -12.32
CA ASP D 2 6.04 -6.37 -10.87
C ASP D 2 7.18 -6.95 -10.01
N ASP D 3 7.19 -6.59 -8.72
CA ASP D 3 8.05 -7.23 -7.72
C ASP D 3 7.69 -8.71 -7.60
N ARG D 4 6.40 -9.02 -7.80
CA ARG D 4 5.91 -10.40 -7.79
C ARG D 4 6.38 -11.16 -9.02
N LEU D 5 6.29 -10.54 -10.21
CA LEU D 5 6.84 -11.14 -11.43
C LEU D 5 8.33 -11.49 -11.26
N PHE D 6 9.10 -10.55 -10.73
CA PHE D 6 10.52 -10.75 -10.49
C PHE D 6 10.77 -11.90 -9.50
N ARG D 7 10.02 -11.93 -8.39
CA ARG D 7 10.20 -12.97 -7.39
C ARG D 7 9.79 -14.33 -7.92
N ASN D 8 8.69 -14.37 -8.67
CA ASN D 8 8.27 -15.58 -9.37
C ASN D 8 9.35 -16.09 -10.31
N ALA D 9 9.91 -15.20 -11.12
CA ALA D 9 11.02 -15.52 -12.01
C ALA D 9 12.19 -16.11 -11.24
N MSE D 10 12.66 -15.39 -10.22
CA MSE D 10 13.79 -15.81 -9.42
C MSE D 10 13.54 -17.18 -8.80
O MSE D 10 14.44 -18.00 -8.72
CB MSE D 10 14.06 -14.77 -8.33
CG MSE D 10 14.58 -13.40 -8.84
SE MSE D 10 15.94 -13.57 -10.21
CE MSE D 10 14.95 -13.05 -11.76
N GLY D 11 12.32 -17.41 -8.31
CA GLY D 11 11.92 -18.69 -7.79
C GLY D 11 11.98 -19.84 -8.79
N LYS D 12 12.10 -19.53 -10.07
CA LYS D 12 12.29 -20.57 -11.08
C LYS D 12 13.70 -21.14 -11.11
N PHE D 13 14.60 -20.55 -10.32
CA PHE D 13 15.96 -21.12 -10.20
C PHE D 13 16.00 -21.92 -8.93
N ALA D 14 16.01 -23.23 -9.08
CA ALA D 14 15.95 -24.12 -7.93
C ALA D 14 17.27 -24.04 -7.18
N THR D 15 17.24 -24.25 -5.86
CA THR D 15 18.45 -24.24 -5.04
C THR D 15 18.31 -25.24 -3.89
N GLY D 16 19.44 -25.62 -3.31
CA GLY D 16 19.43 -26.17 -1.97
C GLY D 16 19.04 -25.07 -0.96
N VAL D 17 19.12 -25.37 0.30
CA VAL D 17 18.76 -24.42 1.33
C VAL D 17 19.88 -24.50 2.33
N THR D 18 20.36 -23.35 2.77
CA THR D 18 21.35 -23.34 3.84
C THR D 18 20.86 -22.57 5.04
N VAL D 19 21.58 -22.73 6.14
CA VAL D 19 21.49 -21.79 7.28
C VAL D 19 22.89 -21.20 7.41
N ILE D 20 22.97 -19.87 7.41
CA ILE D 20 24.22 -19.20 7.65
C ILE D 20 24.33 -19.03 9.17
N THR D 21 25.42 -19.47 9.76
CA THR D 21 25.60 -19.23 11.20
C THR D 21 26.84 -18.43 11.49
N THR D 22 26.85 -17.80 12.66
CA THR D 22 28.04 -17.14 13.18
C THR D 22 27.93 -17.02 14.68
N GLU D 23 29.01 -16.55 15.31
CA GLU D 23 29.05 -16.35 16.75
C GLU D 23 29.54 -14.93 17.09
N LEU D 24 28.74 -14.24 17.90
CA LEU D 24 29.13 -12.94 18.46
C LEU D 24 28.73 -12.87 19.96
N ASN D 25 29.36 -12.06 20.82
CA ASN D 25 28.72 -11.79 22.15
C ASN D 25 28.42 -13.03 23.03
N GLY D 26 29.16 -14.13 22.89
CA GLY D 26 28.78 -15.37 23.57
C GLY D 26 27.47 -15.98 23.07
N ALA D 27 27.11 -15.67 21.82
CA ALA D 27 25.83 -16.09 21.27
C ALA D 27 25.91 -16.59 19.82
N VAL D 28 25.13 -17.61 19.51
CA VAL D 28 25.05 -18.20 18.16
C VAL D 28 23.88 -17.59 17.42
N HIS D 29 24.13 -17.07 16.23
CA HIS D 29 23.05 -16.53 15.40
C HIS D 29 22.97 -17.26 14.08
N GLY D 30 21.75 -17.48 13.60
CA GLY D 30 21.51 -18.19 12.37
C GLY D 30 20.49 -17.53 11.48
N MSE D 31 20.57 -17.78 10.18
CA MSE D 31 19.65 -17.21 9.21
C MSE D 31 19.55 -18.10 7.96
O MSE D 31 20.55 -18.43 7.36
CB MSE D 31 20.11 -15.79 8.79
CG MSE D 31 19.06 -15.01 7.99
SE MSE D 31 19.85 -13.55 6.81
CE MSE D 31 18.24 -12.75 6.40
N THR D 32 18.31 -18.44 7.57
CA THR D 32 18.04 -19.22 6.38
C THR D 32 18.42 -18.39 5.15
N ALA D 33 19.25 -19.00 4.31
CA ALA D 33 19.62 -18.38 3.05
C ALA D 33 19.63 -19.39 1.90
N ASN D 34 19.19 -18.97 0.73
CA ASN D 34 19.51 -19.79 -0.46
C ASN D 34 20.33 -19.03 -1.46
N ALA D 35 20.60 -17.75 -1.18
CA ALA D 35 21.44 -16.92 -2.04
C ALA D 35 22.88 -17.16 -1.60
N PHE D 36 23.38 -18.32 -2.00
CA PHE D 36 24.72 -18.79 -1.69
C PHE D 36 25.26 -19.37 -2.97
N MSE D 37 26.58 -19.34 -3.14
CA MSE D 37 27.22 -20.01 -4.27
C MSE D 37 28.68 -20.25 -4.02
O MSE D 37 29.29 -19.60 -3.18
CB MSE D 37 27.07 -19.20 -5.58
CG MSE D 37 27.70 -17.81 -5.48
SE MSE D 37 27.80 -16.90 -7.24
CE MSE D 37 29.48 -16.14 -6.99
N SER D 38 29.26 -21.15 -4.79
CA SER D 38 30.69 -21.29 -4.87
C SER D 38 31.22 -20.25 -5.84
N VAL D 39 32.35 -19.63 -5.50
CA VAL D 39 32.87 -18.51 -6.27
C VAL D 39 34.16 -18.87 -6.94
N SER D 40 35.15 -19.25 -6.15
CA SER D 40 36.52 -19.39 -6.63
C SER D 40 37.17 -20.65 -6.09
N LEU D 41 38.04 -21.24 -6.92
CA LEU D 41 38.75 -22.46 -6.58
C LEU D 41 40.10 -22.17 -5.93
N ASN D 42 40.87 -21.26 -6.53
CA ASN D 42 42.16 -20.80 -5.97
C ASN D 42 42.12 -19.27 -5.92
N PRO D 43 41.96 -18.67 -4.74
CA PRO D 43 41.80 -19.39 -3.46
C PRO D 43 40.36 -19.94 -3.29
N LYS D 44 40.12 -20.74 -2.25
CA LYS D 44 38.80 -21.34 -2.03
C LYS D 44 37.82 -20.32 -1.47
N LEU D 45 36.94 -19.80 -2.34
CA LEU D 45 36.01 -18.75 -1.95
C LEU D 45 34.58 -19.08 -2.23
N VAL D 46 33.76 -18.51 -1.39
CA VAL D 46 32.36 -18.79 -1.35
C VAL D 46 31.70 -17.43 -1.13
N LEU D 47 30.42 -17.29 -1.45
CA LEU D 47 29.74 -16.02 -1.33
C LEU D 47 28.35 -16.23 -0.75
N VAL D 48 27.93 -15.33 0.13
CA VAL D 48 26.56 -15.33 0.60
C VAL D 48 25.96 -13.92 0.47
N SER D 49 24.64 -13.83 0.31
CA SER D 49 23.99 -12.54 0.09
C SER D 49 22.96 -12.26 1.17
N ILE D 50 23.13 -11.14 1.87
CA ILE D 50 22.32 -10.81 3.05
C ILE D 50 21.60 -9.49 2.89
N GLY D 51 20.31 -9.47 3.18
CA GLY D 51 19.49 -8.28 3.06
C GLY D 51 19.89 -7.20 4.04
N GLU D 52 19.82 -5.95 3.60
CA GLU D 52 20.25 -4.77 4.38
C GLU D 52 19.57 -4.67 5.74
N LYS D 53 18.31 -5.11 5.82
CA LYS D 53 17.53 -5.08 7.06
C LYS D 53 17.69 -6.33 7.95
N ALA D 54 18.52 -7.28 7.53
CA ALA D 54 18.68 -8.51 8.29
C ALA D 54 19.65 -8.33 9.46
N LYS D 55 19.22 -8.77 10.64
CA LYS D 55 20.05 -8.77 11.86
C LYS D 55 21.41 -9.44 11.59
N MSE D 56 21.41 -10.48 10.75
CA MSE D 56 22.64 -11.20 10.44
C MSE D 56 23.72 -10.30 9.84
O MSE D 56 24.92 -10.56 10.01
CB MSE D 56 22.34 -12.35 9.48
CG MSE D 56 23.54 -13.22 9.17
SE MSE D 56 24.26 -14.19 10.77
CE MSE D 56 22.71 -14.83 11.46
N LEU D 57 23.29 -9.26 9.11
CA LEU D 57 24.25 -8.38 8.43
C LEU D 57 25.29 -7.80 9.38
N GLU D 58 24.84 -7.06 10.40
CA GLU D 58 25.74 -6.48 11.40
C GLU D 58 26.55 -7.56 12.15
N LYS D 59 25.90 -8.68 12.48
CA LYS D 59 26.58 -9.79 13.16
C LYS D 59 27.78 -10.32 12.41
N ILE D 60 27.65 -10.49 11.08
CA ILE D 60 28.78 -10.92 10.25
C ILE D 60 29.83 -9.80 10.09
N GLN D 61 29.39 -8.57 9.90
CA GLN D 61 30.29 -7.42 9.81
C GLN D 61 31.23 -7.38 11.03
N GLN D 62 30.69 -7.69 12.20
CA GLN D 62 31.47 -7.74 13.45
C GLN D 62 32.35 -8.95 13.62
N SER D 63 31.75 -10.13 13.46
CA SER D 63 32.47 -11.36 13.69
C SER D 63 33.49 -11.64 12.60
N LYS D 64 33.22 -11.10 11.41
CA LYS D 64 34.07 -11.29 10.20
C LYS D 64 34.19 -12.77 9.82
N LYS D 65 33.24 -13.58 10.28
CA LYS D 65 33.19 -14.98 9.89
C LYS D 65 31.75 -15.51 9.77
N TYR D 66 31.61 -16.62 9.06
CA TYR D 66 30.33 -17.30 8.99
C TYR D 66 30.52 -18.73 8.55
N ALA D 67 29.58 -19.58 8.94
CA ALA D 67 29.56 -20.94 8.38
C ALA D 67 28.30 -21.08 7.54
N VAL D 68 28.40 -21.93 6.54
CA VAL D 68 27.27 -22.26 5.70
C VAL D 68 26.86 -23.70 6.05
N ASN D 69 25.61 -23.89 6.44
CA ASN D 69 25.10 -25.24 6.74
C ASN D 69 24.08 -25.63 5.69
N ILE D 70 24.47 -26.54 4.80
CA ILE D 70 23.58 -27.03 3.77
C ILE D 70 22.66 -28.08 4.40
N LEU D 71 21.37 -27.82 4.23
CA LEU D 71 20.34 -28.58 4.93
C LEU D 71 19.93 -29.85 4.16
N SER D 72 19.72 -30.92 4.91
CA SER D 72 19.23 -32.16 4.37
C SER D 72 17.70 -32.10 4.25
N GLN D 73 17.16 -33.01 3.44
CA GLN D 73 15.73 -33.29 3.28
C GLN D 73 14.97 -33.36 4.61
N ASP D 74 15.66 -33.75 5.67
CA ASP D 74 15.05 -33.97 6.99
C ASP D 74 15.04 -32.71 7.85
N GLN D 75 15.42 -31.55 7.30
CA GLN D 75 15.64 -30.35 8.11
C GLN D 75 14.78 -29.14 7.69
N LYS D 76 13.67 -29.43 7.08
CA LYS D 76 12.67 -28.46 6.70
C LYS D 76 12.31 -27.54 7.88
N VAL D 77 12.21 -28.13 9.06
CA VAL D 77 11.81 -27.36 10.23
C VAL D 77 12.86 -26.33 10.60
N LEU D 78 14.13 -26.71 10.44
CA LEU D 78 15.23 -25.80 10.69
C LEU D 78 15.21 -24.64 9.71
N SER D 79 14.93 -24.92 8.43
CA SER D 79 14.84 -23.89 7.43
C SER D 79 13.80 -22.83 7.83
N MSE D 80 12.61 -23.29 8.20
CA MSE D 80 11.53 -22.44 8.66
C MSE D 80 11.91 -21.69 9.93
O MSE D 80 11.69 -20.46 10.02
CB MSE D 80 10.28 -23.28 8.87
CG MSE D 80 9.79 -23.93 7.58
SE MSE D 80 8.14 -24.86 7.88
CE MSE D 80 8.84 -26.35 8.83
N ASN D 81 12.51 -22.38 10.89
CA ASN D 81 13.02 -21.72 12.10
C ASN D 81 13.88 -20.51 11.77
N PHE D 82 14.94 -20.72 11.01
CA PHE D 82 15.96 -19.69 10.84
C PHE D 82 15.50 -18.68 9.77
N ALA D 83 14.28 -18.89 9.27
CA ALA D 83 13.68 -17.93 8.37
C ALA D 83 12.66 -17.03 9.08
N GLY D 84 12.52 -17.19 10.39
CA GLY D 84 11.58 -16.41 11.16
C GLY D 84 10.12 -16.78 10.92
N GLN D 85 9.86 -18.04 10.60
CA GLN D 85 8.52 -18.46 10.23
C GLN D 85 7.81 -19.27 11.31
N LEU D 86 8.49 -19.50 12.43
CA LEU D 86 7.88 -20.24 13.53
C LEU D 86 7.65 -19.26 14.68
N GLU D 87 6.49 -19.36 15.33
CA GLU D 87 6.19 -18.54 16.49
C GLU D 87 7.13 -18.80 17.65
N LYS D 88 7.44 -20.08 17.91
CA LYS D 88 8.39 -20.45 18.96
C LYS D 88 9.65 -21.06 18.32
N PRO D 89 10.83 -20.51 18.67
CA PRO D 89 12.09 -21.04 18.14
C PRO D 89 12.31 -22.46 18.60
N VAL D 90 12.95 -23.28 17.76
CA VAL D 90 13.30 -24.63 18.18
C VAL D 90 14.66 -24.64 18.86
N ASP D 91 14.88 -25.66 19.67
CA ASP D 91 16.15 -25.86 20.37
C ASP D 91 17.08 -26.57 19.39
N VAL D 92 17.97 -25.79 18.78
CA VAL D 92 18.84 -26.30 17.72
C VAL D 92 20.13 -26.85 18.31
N GLN D 93 20.50 -28.03 17.85
CA GLN D 93 21.75 -28.68 18.27
C GLN D 93 22.93 -28.19 17.43
N PHE D 94 23.82 -27.43 18.06
CA PHE D 94 25.05 -26.95 17.43
C PHE D 94 26.29 -27.77 17.75
N GLU D 95 27.22 -27.82 16.80
CA GLU D 95 28.56 -28.32 17.06
C GLU D 95 29.51 -27.27 16.52
N GLU D 96 30.77 -27.64 16.33
CA GLU D 96 31.82 -26.68 16.02
C GLU D 96 32.67 -27.08 14.84
N LEU D 97 33.06 -26.12 14.03
CA LEU D 97 33.93 -26.39 12.88
C LEU D 97 34.65 -25.12 12.48
N GLY D 98 35.97 -25.20 12.44
CA GLY D 98 36.80 -24.02 12.23
C GLY D 98 36.44 -22.82 13.12
N GLY D 99 36.11 -23.07 14.38
CA GLY D 99 35.78 -22.02 15.31
C GLY D 99 34.39 -21.44 15.13
N LEU D 100 33.60 -21.98 14.20
CA LEU D 100 32.21 -21.53 14.02
C LEU D 100 31.18 -22.53 14.55
N PRO D 101 30.05 -22.04 15.06
CA PRO D 101 28.94 -22.93 15.38
C PRO D 101 28.31 -23.49 14.07
N VAL D 102 28.14 -24.80 13.97
CA VAL D 102 27.53 -25.42 12.79
C VAL D 102 26.35 -26.30 13.22
N ILE D 103 25.48 -26.63 12.29
CA ILE D 103 24.32 -27.42 12.62
C ILE D 103 24.55 -28.93 12.49
N LYS D 104 24.31 -29.63 13.59
CA LYS D 104 24.48 -31.08 13.65
C LYS D 104 23.60 -31.75 12.63
N ASP D 105 24.15 -32.76 11.94
CA ASP D 105 23.44 -33.53 10.91
C ASP D 105 23.09 -32.77 9.60
N ALA D 106 23.65 -31.57 9.44
CA ALA D 106 23.53 -30.85 8.17
C ALA D 106 24.08 -31.76 7.07
N LEU D 107 23.55 -31.62 5.86
CA LEU D 107 24.14 -32.30 4.72
C LEU D 107 25.63 -31.97 4.57
N ALA D 108 25.97 -30.69 4.69
CA ALA D 108 27.35 -30.22 4.59
C ALA D 108 27.59 -28.97 5.45
N GLN D 109 28.80 -28.82 5.94
CA GLN D 109 29.19 -27.70 6.78
C GLN D 109 30.45 -27.07 6.19
N ILE D 110 30.43 -25.75 6.02
CA ILE D 110 31.54 -25.04 5.40
C ILE D 110 31.81 -23.79 6.21
N SER D 111 32.98 -23.70 6.84
CA SER D 111 33.36 -22.56 7.68
C SER D 111 34.22 -21.59 6.93
N CYS D 112 33.93 -20.29 7.08
CA CYS D 112 34.56 -19.24 6.28
C CYS D 112 35.01 -18.04 7.10
N GLN D 113 36.09 -17.40 6.63
CA GLN D 113 36.49 -16.08 7.12
C GLN D 113 36.18 -15.03 6.03
N VAL D 114 35.48 -13.97 6.40
CA VAL D 114 35.10 -12.91 5.44
C VAL D 114 36.35 -12.22 4.90
N VAL D 115 36.53 -12.20 3.57
CA VAL D 115 37.67 -11.49 2.94
C VAL D 115 37.27 -10.27 2.08
N ASN D 116 35.98 -10.10 1.83
CA ASN D 116 35.45 -8.97 1.07
C ASN D 116 33.99 -8.77 1.40
N GLU D 117 33.53 -7.53 1.27
CA GLU D 117 32.16 -7.17 1.53
C GLU D 117 31.69 -6.13 0.50
N VAL D 118 30.75 -6.52 -0.36
CA VAL D 118 30.33 -5.69 -1.50
C VAL D 118 28.84 -5.42 -1.42
N GLN D 119 28.47 -4.14 -1.35
CA GLN D 119 27.06 -3.77 -1.36
C GLN D 119 26.52 -3.92 -2.79
N ALA D 120 25.33 -4.48 -2.91
CA ALA D 120 24.69 -4.68 -4.22
C ALA D 120 23.21 -4.45 -4.02
N GLY D 121 22.76 -3.24 -4.35
CA GLY D 121 21.38 -2.85 -4.13
C GLY D 121 20.90 -3.09 -2.70
N ASP D 122 19.75 -3.73 -2.59
CA ASP D 122 19.14 -4.20 -1.34
C ASP D 122 19.99 -5.00 -0.33
N HIS D 123 21.17 -5.46 -0.75
CA HIS D 123 21.82 -6.61 -0.13
C HIS D 123 23.28 -6.36 -0.05
N THR D 124 23.95 -7.11 0.82
CA THR D 124 25.42 -7.14 0.88
C THR D 124 25.94 -8.55 0.62
N LEU D 125 27.00 -8.62 -0.18
CA LEU D 125 27.64 -9.86 -0.53
C LEU D 125 28.83 -10.04 0.37
N PHE D 126 28.84 -11.11 1.13
CA PHE D 126 30.00 -11.41 1.96
C PHE D 126 30.75 -12.56 1.32
N ILE D 127 31.93 -12.25 0.80
CA ILE D 127 32.77 -13.23 0.18
C ILE D 127 33.63 -13.81 1.26
N GLY D 128 33.65 -15.15 1.33
CA GLY D 128 34.34 -15.87 2.39
C GLY D 128 35.35 -16.88 1.91
N GLU D 129 36.48 -16.94 2.60
CA GLU D 129 37.49 -17.94 2.32
C GLU D 129 37.24 -19.16 3.21
N VAL D 130 37.14 -20.32 2.59
CA VAL D 130 36.80 -21.55 3.28
C VAL D 130 38.01 -22.10 4.05
N THR D 131 37.80 -22.36 5.34
CA THR D 131 38.86 -22.91 6.19
C THR D 131 38.65 -24.38 6.52
N ASP D 132 37.39 -24.79 6.63
CA ASP D 132 37.05 -26.16 7.02
C ASP D 132 35.78 -26.64 6.34
N ILE D 133 35.74 -27.94 6.08
CA ILE D 133 34.64 -28.56 5.37
C ILE D 133 34.28 -29.90 6.01
N LYS D 134 32.97 -30.16 6.13
CA LYS D 134 32.49 -31.50 6.49
C LYS D 134 31.31 -31.86 5.60
N ILE D 135 31.35 -33.06 5.05
CA ILE D 135 30.32 -33.50 4.10
C ILE D 135 29.66 -34.81 4.55
N THR D 136 28.39 -35.00 4.19
CA THR D 136 27.72 -36.30 4.31
C THR D 136 27.10 -36.67 2.99
N GLU D 137 26.53 -37.87 2.92
CA GLU D 137 25.86 -38.32 1.72
C GLU D 137 24.32 -38.28 1.79
N GLN D 138 23.78 -37.40 2.62
CA GLN D 138 22.33 -37.22 2.69
C GLN D 138 21.74 -36.58 1.42
N ASP D 139 20.42 -36.71 1.30
CA ASP D 139 19.68 -36.04 0.24
C ASP D 139 19.39 -34.61 0.65
N PRO D 140 19.36 -33.68 -0.30
CA PRO D 140 19.17 -32.25 0.00
C PRO D 140 17.73 -31.75 0.14
N LEU D 141 17.52 -30.79 1.03
CA LEU D 141 16.33 -29.95 0.96
C LEU D 141 16.43 -29.04 -0.24
N LEU D 142 15.39 -29.00 -1.07
CA LEU D 142 15.33 -28.12 -2.22
C LEU D 142 14.24 -27.04 -2.06
N PHE D 143 14.50 -25.90 -2.66
CA PHE D 143 13.53 -24.82 -2.72
C PHE D 143 13.35 -24.42 -4.20
N PHE D 144 12.10 -24.44 -4.67
CA PHE D 144 11.80 -24.15 -6.07
C PHE D 144 10.38 -23.63 -6.14
N SER D 145 10.17 -22.54 -6.89
CA SER D 145 8.83 -21.93 -7.07
C SER D 145 8.12 -21.66 -5.76
N GLY D 146 8.86 -21.22 -4.74
CA GLY D 146 8.25 -20.86 -3.49
C GLY D 146 7.94 -22.03 -2.57
N LYS D 147 8.31 -23.25 -2.93
CA LYS D 147 7.97 -24.46 -2.17
C LYS D 147 9.19 -25.31 -1.89
N TYR D 148 9.10 -26.14 -0.87
CA TYR D 148 10.13 -27.12 -0.54
C TYR D 148 9.94 -28.36 -1.39
N HIS D 149 11.06 -28.88 -1.90
CA HIS D 149 11.02 -30.06 -2.76
C HIS D 149 12.10 -31.09 -2.39
N GLN D 150 12.06 -32.24 -3.05
CA GLN D 150 13.06 -33.27 -2.91
C GLN D 150 13.57 -33.71 -4.28
N LEU D 151 14.76 -34.32 -4.32
CA LEU D 151 15.26 -34.94 -5.57
C LEU D 151 14.45 -36.19 -5.90
N ALA D 152 14.12 -36.38 -7.17
CA ALA D 152 13.55 -37.64 -7.64
C ALA D 152 14.57 -38.75 -7.38
N GLN D 153 14.10 -39.83 -6.76
CA GLN D 153 14.98 -40.93 -6.40
C GLN D 153 14.93 -42.07 -7.41
N MSE E 1 -42.29 18.20 -7.62
CA MSE E 1 -41.39 17.98 -6.45
C MSE E 1 -41.99 16.99 -5.44
O MSE E 1 -43.21 16.92 -5.27
CB MSE E 1 -41.02 19.30 -5.75
CG MSE E 1 -39.53 19.63 -5.82
SE MSE E 1 -38.73 20.07 -4.06
CE MSE E 1 -39.41 21.93 -3.91
N ASP E 2 -41.11 16.25 -4.77
CA ASP E 2 -41.50 15.13 -3.94
C ASP E 2 -40.63 15.01 -2.70
N ASP E 3 -41.06 14.19 -1.74
CA ASP E 3 -40.23 13.94 -0.57
C ASP E 3 -39.02 13.08 -0.95
N ARG E 4 -39.22 12.18 -1.89
CA ARG E 4 -38.15 11.35 -2.40
C ARG E 4 -37.18 12.18 -3.26
N LEU E 5 -37.73 13.04 -4.12
CA LEU E 5 -36.89 13.92 -4.95
C LEU E 5 -36.01 14.81 -4.08
N PHE E 6 -36.59 15.39 -3.03
CA PHE E 6 -35.86 16.22 -2.08
C PHE E 6 -34.76 15.42 -1.33
N ARG E 7 -35.10 14.23 -0.87
CA ARG E 7 -34.15 13.37 -0.16
C ARG E 7 -33.01 12.88 -1.08
N ASN E 8 -33.35 12.56 -2.32
CA ASN E 8 -32.36 12.24 -3.34
C ASN E 8 -31.41 13.42 -3.60
N ALA E 9 -31.98 14.62 -3.69
CA ALA E 9 -31.18 15.81 -3.90
C ALA E 9 -30.23 16.03 -2.73
N MSE E 10 -30.76 15.92 -1.52
CA MSE E 10 -30.02 16.23 -0.31
C MSE E 10 -28.89 15.24 -0.23
O MSE E 10 -27.79 15.61 0.11
CB MSE E 10 -30.94 16.15 0.93
CG MSE E 10 -32.00 17.32 1.06
SE MSE E 10 -31.25 19.03 0.66
CE MSE E 10 -32.02 19.38 -1.06
N GLY E 11 -29.18 14.00 -0.58
CA GLY E 11 -28.19 12.93 -0.58
C GLY E 11 -27.05 13.19 -1.53
N LYS E 12 -27.21 14.12 -2.47
CA LYS E 12 -26.13 14.49 -3.38
C LYS E 12 -25.07 15.36 -2.72
N PHE E 13 -25.32 15.85 -1.51
CA PHE E 13 -24.28 16.51 -0.74
C PHE E 13 -23.57 15.49 0.19
N ALA E 14 -22.32 15.14 -0.12
CA ALA E 14 -21.64 14.06 0.59
C ALA E 14 -21.23 14.61 1.96
N THR E 15 -21.19 13.75 2.97
CA THR E 15 -20.77 14.18 4.28
C THR E 15 -19.98 13.08 4.94
N GLY E 16 -19.27 13.41 6.01
CA GLY E 16 -18.84 12.41 6.95
C GLY E 16 -20.05 11.92 7.72
N VAL E 17 -19.81 11.10 8.72
CA VAL E 17 -20.85 10.55 9.54
C VAL E 17 -20.37 10.76 10.96
N THR E 18 -21.28 11.22 11.84
CA THR E 18 -20.94 11.36 13.24
C THR E 18 -21.92 10.60 14.08
N VAL E 19 -21.53 10.38 15.35
CA VAL E 19 -22.48 9.99 16.37
C VAL E 19 -22.50 11.14 17.35
N ILE E 20 -23.70 11.66 17.67
CA ILE E 20 -23.86 12.67 18.69
C ILE E 20 -24.06 11.93 20.01
N THR E 21 -23.33 12.31 21.05
CA THR E 21 -23.50 11.65 22.34
C THR E 21 -23.75 12.65 23.45
N THR E 22 -24.50 12.22 24.45
CA THR E 22 -24.66 12.98 25.66
C THR E 22 -24.86 12.05 26.85
N GLU E 23 -24.83 12.63 28.04
CA GLU E 23 -25.08 11.89 29.25
C GLU E 23 -26.23 12.53 30.04
N LEU E 24 -27.21 11.71 30.40
CA LEU E 24 -28.29 12.15 31.28
C LEU E 24 -28.47 11.16 32.42
N ASN E 25 -28.34 11.66 33.64
CA ASN E 25 -28.56 10.87 34.87
C ASN E 25 -27.96 9.47 34.81
N GLY E 26 -26.61 9.43 34.81
CA GLY E 26 -25.82 8.21 34.67
C GLY E 26 -25.73 7.58 33.28
N ALA E 27 -26.76 7.76 32.45
CA ALA E 27 -26.89 7.01 31.18
C ALA E 27 -26.32 7.73 29.97
N VAL E 28 -25.72 6.95 29.07
CA VAL E 28 -25.11 7.47 27.85
C VAL E 28 -26.08 7.28 26.69
N HIS E 29 -26.33 8.34 25.96
CA HIS E 29 -27.19 8.23 24.78
C HIS E 29 -26.45 8.70 23.53
N GLY E 30 -26.63 7.97 22.43
CA GLY E 30 -26.05 8.37 21.16
C GLY E 30 -27.00 8.32 19.98
N MSE E 31 -26.70 9.11 18.96
CA MSE E 31 -27.49 9.16 17.73
C MSE E 31 -26.62 9.47 16.52
O MSE E 31 -25.86 10.45 16.51
CB MSE E 31 -28.57 10.24 17.85
CG MSE E 31 -29.69 10.14 16.82
SE MSE E 31 -30.64 11.90 16.56
CE MSE E 31 -32.01 11.23 15.60
N THR E 32 -26.80 8.66 15.47
CA THR E 32 -26.12 8.91 14.19
C THR E 32 -26.68 10.16 13.55
N ALA E 33 -25.78 11.05 13.16
CA ALA E 33 -26.13 12.30 12.53
C ALA E 33 -25.14 12.67 11.45
N ASN E 34 -25.63 13.18 10.33
CA ASN E 34 -24.73 13.82 9.40
C ASN E 34 -25.03 15.31 9.21
N ALA E 35 -26.09 15.77 9.87
CA ALA E 35 -26.48 17.18 9.78
C ALA E 35 -25.71 17.90 10.86
N PHE E 36 -24.43 18.17 10.55
CA PHE E 36 -23.50 18.74 11.48
C PHE E 36 -22.71 19.69 10.65
N MSE E 37 -22.21 20.74 11.27
CA MSE E 37 -21.30 21.66 10.60
C MSE E 37 -20.51 22.49 11.57
O MSE E 37 -20.91 22.73 12.70
CB MSE E 37 -22.04 22.62 9.65
CG MSE E 37 -23.17 23.42 10.28
SE MSE E 37 -23.80 24.90 9.07
CE MSE E 37 -23.86 26.18 10.45
N SER E 38 -19.37 22.97 11.09
CA SER E 38 -18.68 24.07 11.72
C SER E 38 -19.43 25.38 11.48
N VAL E 39 -19.56 26.20 12.52
CA VAL E 39 -20.36 27.43 12.43
C VAL E 39 -19.49 28.65 12.56
N SER E 40 -18.86 28.78 13.72
CA SER E 40 -18.12 29.99 14.04
C SER E 40 -16.70 29.73 14.57
N LEU E 41 -15.79 30.65 14.25
CA LEU E 41 -14.41 30.56 14.69
C LEU E 41 -14.19 31.26 16.05
N ASN E 42 -14.65 32.52 16.16
CA ASN E 42 -14.65 33.28 17.41
C ASN E 42 -16.08 33.78 17.73
N PRO E 43 -16.77 33.14 18.68
CA PRO E 43 -16.25 32.02 19.47
C PRO E 43 -16.29 30.70 18.71
N LYS E 44 -15.74 29.64 19.31
CA LYS E 44 -15.68 28.35 18.64
C LYS E 44 -17.03 27.65 18.73
N LEU E 45 -17.79 27.68 17.63
CA LEU E 45 -19.16 27.14 17.61
C LEU E 45 -19.38 26.12 16.52
N VAL E 46 -20.28 25.22 16.83
CA VAL E 46 -20.56 24.07 16.02
C VAL E 46 -22.07 23.93 16.06
N LEU E 47 -22.67 23.24 15.11
CA LEU E 47 -24.12 23.09 15.11
C LEU E 47 -24.47 21.69 14.74
N VAL E 48 -25.49 21.14 15.38
CA VAL E 48 -26.08 19.87 14.97
C VAL E 48 -27.62 20.02 14.83
N SER E 49 -28.22 19.26 13.91
CA SER E 49 -29.65 19.33 13.66
C SER E 49 -30.32 18.03 14.04
N ILE E 50 -31.32 18.11 14.92
CA ILE E 50 -32.01 16.92 15.44
C ILE E 50 -33.52 16.95 15.15
N GLY E 51 -34.05 15.82 14.66
CA GLY E 51 -35.46 15.70 14.31
C GLY E 51 -36.36 15.80 15.54
N GLU E 52 -37.52 16.46 15.37
CA GLU E 52 -38.48 16.69 16.46
C GLU E 52 -38.93 15.43 17.18
N LYS E 53 -38.95 14.30 16.48
CA LYS E 53 -39.38 13.03 17.06
C LYS E 53 -38.23 12.19 17.64
N ALA E 54 -37.01 12.73 17.62
CA ALA E 54 -35.86 11.96 18.10
C ALA E 54 -35.71 12.04 19.61
N LYS E 55 -35.54 10.88 20.23
CA LYS E 55 -35.31 10.76 21.67
C LYS E 55 -34.16 11.66 22.12
N MSE E 56 -33.14 11.80 21.25
CA MSE E 56 -31.98 12.64 21.53
C MSE E 56 -32.32 14.09 21.80
O MSE E 56 -31.62 14.76 22.56
CB MSE E 56 -30.96 12.56 20.39
CG MSE E 56 -29.69 13.38 20.62
SE MSE E 56 -28.54 12.76 22.14
CE MSE E 56 -28.63 10.92 21.80
N LEU E 57 -33.40 14.59 21.17
CA LEU E 57 -33.79 15.99 21.31
C LEU E 57 -34.01 16.38 22.78
N GLU E 58 -34.91 15.69 23.46
CA GLU E 58 -35.18 15.99 24.87
C GLU E 58 -33.91 15.81 25.73
N LYS E 59 -33.16 14.73 25.48
CA LYS E 59 -31.90 14.45 26.19
C LYS E 59 -30.93 15.62 26.15
N ILE E 60 -30.77 16.24 24.98
CA ILE E 60 -29.87 17.39 24.86
C ILE E 60 -30.47 18.63 25.50
N GLN E 61 -31.79 18.80 25.37
CA GLN E 61 -32.49 19.94 25.98
C GLN E 61 -32.29 19.95 27.49
N GLN E 62 -32.23 18.77 28.10
CA GLN E 62 -31.99 18.65 29.54
C GLN E 62 -30.51 18.75 29.94
N SER E 63 -29.65 17.97 29.29
CA SER E 63 -28.22 17.93 29.64
C SER E 63 -27.53 19.20 29.28
N LYS E 64 -28.06 19.89 28.26
CA LYS E 64 -27.49 21.14 27.72
C LYS E 64 -26.06 20.95 27.19
N LYS E 65 -25.73 19.70 26.86
CA LYS E 65 -24.42 19.43 26.27
C LYS E 65 -24.48 18.27 25.27
N TYR E 66 -23.48 18.19 24.39
CA TYR E 66 -23.34 17.04 23.52
C TYR E 66 -21.90 16.95 23.01
N ALA E 67 -21.48 15.75 22.65
CA ALA E 67 -20.23 15.59 21.94
C ALA E 67 -20.55 15.08 20.54
N VAL E 68 -19.70 15.45 19.59
CA VAL E 68 -19.79 14.99 18.23
C VAL E 68 -18.63 14.01 18.00
N ASN E 69 -18.95 12.78 17.61
CA ASN E 69 -17.93 11.77 17.32
C ASN E 69 -17.90 11.49 15.82
N ILE E 70 -16.87 12.00 15.14
CA ILE E 70 -16.71 11.77 13.72
C ILE E 70 -16.18 10.38 13.54
N LEU E 71 -16.85 9.60 12.68
CA LEU E 71 -16.56 8.21 12.53
C LEU E 71 -15.53 7.94 11.45
N SER E 72 -14.70 6.94 11.72
CA SER E 72 -13.72 6.49 10.77
C SER E 72 -14.35 5.49 9.83
N GLN E 73 -13.61 5.19 8.79
CA GLN E 73 -13.91 4.17 7.79
C GLN E 73 -14.16 2.82 8.41
N ASP E 74 -13.60 2.60 9.58
CA ASP E 74 -13.74 1.30 10.24
C ASP E 74 -14.97 1.18 11.14
N GLN E 75 -15.79 2.25 11.18
CA GLN E 75 -16.86 2.33 12.14
C GLN E 75 -18.29 2.33 11.57
N LYS E 76 -18.46 1.73 10.39
CA LYS E 76 -19.74 1.61 9.73
C LYS E 76 -20.81 0.93 10.60
N VAL E 77 -20.40 -0.08 11.37
CA VAL E 77 -21.32 -0.78 12.26
C VAL E 77 -21.82 0.14 13.36
N LEU E 78 -20.98 1.07 13.82
CA LEU E 78 -21.41 2.04 14.82
C LEU E 78 -22.43 3.02 14.25
N SER E 79 -22.21 3.43 13.01
CA SER E 79 -23.14 4.31 12.34
C SER E 79 -24.55 3.69 12.32
N MSE E 80 -24.60 2.42 11.91
CA MSE E 80 -25.82 1.63 11.84
C MSE E 80 -26.47 1.39 13.22
O MSE E 80 -27.69 1.52 13.37
CB MSE E 80 -25.53 0.29 11.18
CG MSE E 80 -25.13 0.41 9.71
SE MSE E 80 -24.85 -1.36 8.88
CE MSE E 80 -23.31 -1.81 9.70
N ASN E 81 -25.64 1.04 14.20
CA ASN E 81 -26.07 0.94 15.59
C ASN E 81 -26.79 2.18 16.07
N PHE E 82 -26.14 3.33 16.00
CA PHE E 82 -26.74 4.53 16.54
C PHE E 82 -27.81 5.18 15.66
N ALA E 83 -28.07 4.57 14.48
CA ALA E 83 -29.15 4.96 13.60
C ALA E 83 -30.40 4.08 13.78
N GLY E 84 -30.34 3.16 14.73
CA GLY E 84 -31.44 2.25 15.01
C GLY E 84 -31.65 1.18 13.98
N GLN E 85 -30.57 0.78 13.31
CA GLN E 85 -30.70 -0.12 12.16
C GLN E 85 -30.32 -1.55 12.47
N LEU E 86 -29.88 -1.80 13.70
CA LEU E 86 -29.53 -3.15 14.12
C LEU E 86 -30.55 -3.67 15.11
N GLU E 87 -30.91 -4.95 14.97
CA GLU E 87 -31.87 -5.58 15.85
C GLU E 87 -31.35 -5.63 17.27
N LYS E 88 -30.07 -5.94 17.43
CA LYS E 88 -29.45 -5.96 18.76
C LYS E 88 -28.37 -4.87 18.87
N PRO E 89 -28.43 -4.03 19.89
CA PRO E 89 -27.43 -2.97 20.07
C PRO E 89 -26.06 -3.57 20.32
N VAL E 90 -25.02 -2.92 19.80
CA VAL E 90 -23.67 -3.38 20.08
C VAL E 90 -23.16 -2.76 21.39
N ASP E 91 -22.20 -3.44 22.01
CA ASP E 91 -21.59 -2.98 23.24
C ASP E 91 -20.50 -1.97 22.89
N VAL E 92 -20.82 -0.68 23.07
CA VAL E 92 -19.97 0.38 22.56
C VAL E 92 -18.98 0.80 23.63
N GLN E 93 -17.73 0.99 23.20
CA GLN E 93 -16.65 1.40 24.08
C GLN E 93 -16.56 2.92 24.18
N PHE E 94 -16.94 3.45 25.34
CA PHE E 94 -16.94 4.89 25.60
C PHE E 94 -15.74 5.32 26.41
N GLU E 95 -15.29 6.55 26.17
CA GLU E 95 -14.32 7.20 27.02
C GLU E 95 -14.89 8.58 27.30
N GLU E 96 -14.08 9.49 27.83
CA GLU E 96 -14.56 10.77 28.31
C GLU E 96 -13.79 11.93 27.70
N LEU E 97 -14.48 13.04 27.44
CA LEU E 97 -13.83 14.25 26.97
C LEU E 97 -14.69 15.46 27.33
N GLY E 98 -14.10 16.41 28.03
CA GLY E 98 -14.81 17.56 28.54
C GLY E 98 -16.07 17.23 29.30
N GLY E 99 -16.05 16.12 30.04
CA GLY E 99 -17.22 15.72 30.80
C GLY E 99 -18.31 15.01 30.01
N LEU E 100 -18.05 14.69 28.74
CA LEU E 100 -19.02 13.97 27.92
C LEU E 100 -18.51 12.59 27.54
N PRO E 101 -19.43 11.65 27.36
CA PRO E 101 -19.05 10.35 26.82
C PRO E 101 -18.72 10.42 25.32
N VAL E 102 -17.57 9.86 24.92
CA VAL E 102 -17.16 9.91 23.54
C VAL E 102 -16.81 8.51 23.11
N ILE E 103 -16.73 8.30 21.81
CA ILE E 103 -16.55 6.97 21.29
C ILE E 103 -15.08 6.74 21.02
N LYS E 104 -14.56 5.69 21.64
CA LYS E 104 -13.18 5.25 21.48
C LYS E 104 -12.87 4.97 20.02
N ASP E 105 -11.71 5.46 19.56
CA ASP E 105 -11.21 5.25 18.21
C ASP E 105 -11.99 6.01 17.11
N ALA E 106 -12.81 6.97 17.51
CA ALA E 106 -13.48 7.85 16.55
C ALA E 106 -12.38 8.56 15.80
N LEU E 107 -12.61 8.94 14.55
CA LEU E 107 -11.69 9.82 13.83
C LEU E 107 -11.42 11.14 14.57
N ALA E 108 -12.45 11.70 15.20
CA ALA E 108 -12.34 12.96 15.94
C ALA E 108 -13.44 13.03 16.99
N GLN E 109 -13.14 13.70 18.10
CA GLN E 109 -14.08 13.87 19.17
C GLN E 109 -14.14 15.35 19.51
N ILE E 110 -15.35 15.92 19.64
CA ILE E 110 -15.53 17.35 19.87
C ILE E 110 -16.62 17.50 20.93
N SER E 111 -16.27 18.06 22.09
CA SER E 111 -17.24 18.17 23.19
C SER E 111 -17.78 19.57 23.24
N CYS E 112 -19.08 19.71 23.48
CA CYS E 112 -19.73 21.03 23.37
C CYS E 112 -20.68 21.32 24.52
N GLN E 113 -20.88 22.61 24.79
CA GLN E 113 -21.96 23.08 25.69
C GLN E 113 -22.96 23.86 24.83
N VAL E 114 -24.24 23.53 24.94
CA VAL E 114 -25.28 24.16 24.13
C VAL E 114 -25.43 25.64 24.51
N VAL E 115 -25.29 26.55 23.55
CA VAL E 115 -25.45 28.00 23.81
C VAL E 115 -26.68 28.62 23.13
N ASN E 116 -27.31 27.89 22.22
CA ASN E 116 -28.53 28.35 21.51
C ASN E 116 -29.31 27.17 20.98
N GLU E 117 -30.61 27.32 20.87
CA GLU E 117 -31.49 26.27 20.37
C GLU E 117 -32.54 26.93 19.46
N VAL E 118 -32.52 26.60 18.17
CA VAL E 118 -33.36 27.25 17.18
C VAL E 118 -34.20 26.21 16.48
N GLN E 119 -35.52 26.32 16.54
CA GLN E 119 -36.38 25.39 15.81
C GLN E 119 -36.41 25.79 14.33
N ALA E 120 -36.37 24.78 13.47
CA ALA E 120 -36.39 25.01 12.03
C ALA E 120 -37.14 23.90 11.36
N GLY E 121 -38.42 24.18 11.04
CA GLY E 121 -39.32 23.16 10.56
C GLY E 121 -39.34 21.94 11.45
N ASP E 122 -39.18 20.79 10.79
CA ASP E 122 -39.10 19.44 11.34
C ASP E 122 -38.07 19.19 12.47
N HIS E 123 -37.19 20.17 12.69
CA HIS E 123 -35.91 19.89 13.35
C HIS E 123 -35.57 21.00 14.30
N THR E 124 -34.70 20.71 15.26
CA THR E 124 -34.09 21.72 16.13
C THR E 124 -32.56 21.79 15.96
N LEU E 125 -32.05 23.00 15.84
CA LEU E 125 -30.64 23.23 15.70
C LEU E 125 -30.07 23.52 17.09
N PHE E 126 -29.17 22.66 17.56
CA PHE E 126 -28.45 22.94 18.79
C PHE E 126 -27.06 23.50 18.49
N ILE E 127 -26.88 24.79 18.75
CA ILE E 127 -25.61 25.44 18.53
C ILE E 127 -24.78 25.24 19.80
N GLY E 128 -23.53 24.83 19.62
CA GLY E 128 -22.71 24.37 20.72
C GLY E 128 -21.35 25.02 20.70
N GLU E 129 -20.90 25.46 21.88
CA GLU E 129 -19.56 25.99 22.03
C GLU E 129 -18.60 24.85 22.41
N VAL E 130 -17.52 24.75 21.65
CA VAL E 130 -16.59 23.66 21.77
C VAL E 130 -15.68 23.90 22.97
N THR E 131 -15.60 22.91 23.87
CA THR E 131 -14.70 22.99 25.02
C THR E 131 -13.45 22.15 24.85
N ASP E 132 -13.59 20.99 24.20
CA ASP E 132 -12.48 20.08 24.05
C ASP E 132 -12.49 19.37 22.69
N ILE E 133 -11.29 19.09 22.18
CA ILE E 133 -11.12 18.45 20.90
C ILE E 133 -10.07 17.31 20.99
N LYS E 134 -10.31 16.22 20.27
CA LYS E 134 -9.32 15.17 20.07
C LYS E 134 -9.42 14.66 18.64
N ILE E 135 -8.29 14.64 17.95
CA ILE E 135 -8.19 14.29 16.53
C ILE E 135 -7.23 13.10 16.33
N THR E 136 -7.50 12.31 15.31
CA THR E 136 -6.59 11.29 14.79
C THR E 136 -6.45 11.49 13.29
N GLU E 137 -5.62 10.67 12.66
CA GLU E 137 -5.35 10.81 11.24
C GLU E 137 -5.99 9.68 10.43
N GLN E 138 -7.03 9.07 10.99
CA GLN E 138 -7.76 8.01 10.29
C GLN E 138 -8.54 8.51 9.07
N ASP E 139 -8.91 7.61 8.19
CA ASP E 139 -9.71 7.94 7.02
C ASP E 139 -11.19 7.91 7.44
N PRO E 140 -11.99 8.79 6.83
CA PRO E 140 -13.40 8.98 7.23
C PRO E 140 -14.40 8.02 6.64
N LEU E 141 -15.42 7.67 7.40
CA LEU E 141 -16.64 7.10 6.82
C LEU E 141 -17.36 8.22 6.08
N LEU E 142 -17.79 7.95 4.84
CA LEU E 142 -18.51 8.92 4.07
C LEU E 142 -19.94 8.43 3.78
N PHE E 143 -20.86 9.40 3.59
CA PHE E 143 -22.23 9.05 3.23
C PHE E 143 -22.64 9.88 2.04
N PHE E 144 -23.01 9.21 0.96
CA PHE E 144 -23.33 9.90 -0.28
C PHE E 144 -24.34 9.08 -1.06
N SER E 145 -25.34 9.77 -1.61
CA SER E 145 -26.42 9.11 -2.35
C SER E 145 -27.01 7.91 -1.61
N GLY E 146 -27.14 8.04 -0.31
CA GLY E 146 -27.79 6.98 0.48
C GLY E 146 -26.94 5.76 0.76
N LYS E 147 -25.64 5.83 0.45
CA LYS E 147 -24.72 4.73 0.66
C LYS E 147 -23.47 5.16 1.42
N TYR E 148 -22.82 4.19 2.03
CA TYR E 148 -21.55 4.43 2.71
C TYR E 148 -20.42 4.36 1.66
N HIS E 149 -19.44 5.23 1.78
CA HIS E 149 -18.35 5.34 0.81
C HIS E 149 -17.05 5.63 1.53
N GLN E 150 -15.96 5.61 0.76
CA GLN E 150 -14.62 5.87 1.25
C GLN E 150 -13.96 6.92 0.36
N LEU E 151 -12.97 7.63 0.89
CA LEU E 151 -12.13 8.48 0.02
C LEU E 151 -11.26 7.66 -0.94
N ALA E 152 -11.11 8.13 -2.18
CA ALA E 152 -10.15 7.56 -3.11
C ALA E 152 -8.73 7.74 -2.53
N GLN E 153 -7.96 6.66 -2.47
CA GLN E 153 -6.61 6.70 -1.88
C GLN E 153 -5.53 6.82 -2.93
N MSE F 1 -6.17 25.87 23.72
CA MSE F 1 -7.17 25.53 22.66
C MSE F 1 -7.11 26.55 21.49
O MSE F 1 -7.83 27.55 21.49
CB MSE F 1 -8.59 25.45 23.26
CG MSE F 1 -9.22 24.06 23.18
SE MSE F 1 -10.92 24.01 22.16
CE MSE F 1 -11.82 25.59 22.98
N ASP F 2 -6.26 26.24 20.50
CA ASP F 2 -5.94 27.16 19.40
C ASP F 2 -6.97 27.17 18.26
N ASP F 3 -6.85 28.17 17.38
CA ASP F 3 -7.69 28.32 16.20
C ASP F 3 -7.34 27.31 15.14
N ARG F 4 -6.06 26.94 15.07
CA ARG F 4 -5.58 25.91 14.14
C ARG F 4 -6.06 24.52 14.57
N LEU F 5 -6.00 24.22 15.86
CA LEU F 5 -6.50 22.94 16.36
C LEU F 5 -7.98 22.77 16.04
N PHE F 6 -8.76 23.83 16.24
CA PHE F 6 -10.19 23.81 15.96
C PHE F 6 -10.44 23.61 14.44
N ARG F 7 -9.75 24.39 13.61
CA ARG F 7 -9.88 24.28 12.17
C ARG F 7 -9.47 22.90 11.65
N ASN F 8 -8.39 22.36 12.21
CA ASN F 8 -7.96 20.99 11.91
C ASN F 8 -9.04 19.99 12.27
N ALA F 9 -9.60 20.13 13.46
CA ALA F 9 -10.67 19.24 13.91
C ALA F 9 -11.85 19.30 12.96
N MSE F 10 -12.33 20.52 12.69
CA MSE F 10 -13.49 20.75 11.84
C MSE F 10 -13.25 20.15 10.47
O MSE F 10 -14.13 19.53 9.90
CB MSE F 10 -13.77 22.25 11.72
CG MSE F 10 -14.34 22.88 12.99
SE MSE F 10 -15.72 21.80 13.89
CE MSE F 10 -14.68 21.26 15.48
N GLY F 11 -12.03 20.29 9.95
CA GLY F 11 -11.65 19.70 8.68
C GLY F 11 -11.75 18.19 8.65
N LYS F 12 -11.79 17.57 9.83
CA LYS F 12 -11.97 16.10 9.88
C LYS F 12 -13.40 15.67 9.52
N PHE F 13 -14.31 16.63 9.35
CA PHE F 13 -15.68 16.27 8.89
C PHE F 13 -15.75 16.51 7.42
N ALA F 14 -15.77 15.42 6.65
CA ALA F 14 -15.73 15.53 5.19
C ALA F 14 -17.04 16.08 4.71
N THR F 15 -17.01 16.83 3.62
CA THR F 15 -18.25 17.35 3.00
C THR F 15 -18.08 17.37 1.52
N GLY F 16 -19.22 17.58 0.84
CA GLY F 16 -19.23 18.02 -0.53
C GLY F 16 -18.84 19.48 -0.52
N VAL F 17 -18.90 20.12 -1.67
CA VAL F 17 -18.53 21.51 -1.85
C VAL F 17 -19.68 22.11 -2.68
N THR F 18 -20.15 23.29 -2.26
CA THR F 18 -21.16 23.96 -3.06
C THR F 18 -20.67 25.33 -3.44
N VAL F 19 -21.37 25.92 -4.41
CA VAL F 19 -21.34 27.38 -4.58
C VAL F 19 -22.73 27.90 -4.26
N ILE F 20 -22.83 28.92 -3.41
CA ILE F 20 -24.10 29.55 -3.07
C ILE F 20 -24.21 30.66 -4.07
N THR F 21 -25.34 30.74 -4.77
CA THR F 21 -25.53 31.88 -5.67
C THR F 21 -26.77 32.72 -5.33
N THR F 22 -26.74 33.99 -5.75
CA THR F 22 -27.93 34.82 -5.71
C THR F 22 -27.84 35.87 -6.78
N GLU F 23 -28.96 36.57 -7.00
CA GLU F 23 -28.98 37.71 -7.91
C GLU F 23 -29.47 38.98 -7.20
N LEU F 24 -28.67 40.03 -7.28
CA LEU F 24 -29.08 41.32 -6.80
C LEU F 24 -29.10 42.17 -8.03
N ASN F 25 -30.37 42.30 -8.46
CA ASN F 25 -30.85 42.49 -9.83
C ASN F 25 -29.97 43.37 -10.68
N GLY F 26 -29.65 42.86 -11.87
CA GLY F 26 -28.48 43.26 -12.62
C GLY F 26 -27.41 42.16 -12.56
N ALA F 27 -27.12 41.65 -11.35
CA ALA F 27 -25.84 40.96 -11.10
C ALA F 27 -25.92 39.62 -10.35
N VAL F 28 -25.13 38.66 -10.82
CA VAL F 28 -25.04 37.34 -10.20
C VAL F 28 -23.87 37.32 -9.23
N HIS F 29 -24.11 36.88 -8.01
CA HIS F 29 -23.00 36.74 -7.05
C HIS F 29 -22.91 35.31 -6.56
N GLY F 30 -21.68 34.81 -6.44
CA GLY F 30 -21.44 33.44 -5.95
C GLY F 30 -20.42 33.38 -4.84
N MSE F 31 -20.52 32.33 -3.99
CA MSE F 31 -19.56 32.11 -2.91
C MSE F 31 -19.44 30.61 -2.58
O MSE F 31 -20.44 29.95 -2.33
CB MSE F 31 -19.98 32.87 -1.64
CG MSE F 31 -18.91 32.98 -0.57
SE MSE F 31 -19.64 33.24 1.23
CE MSE F 31 -18.12 33.65 2.01
N THR F 32 -18.20 30.11 -2.57
CA THR F 32 -17.91 28.73 -2.20
C THR F 32 -18.25 28.50 -0.73
N ALA F 33 -19.02 27.47 -0.48
CA ALA F 33 -19.40 27.14 0.89
C ALA F 33 -19.42 25.63 1.09
N ASN F 34 -18.97 25.15 2.24
CA ASN F 34 -19.28 23.76 2.58
C ASN F 34 -20.13 23.65 3.82
N ALA F 35 -20.37 24.78 4.49
CA ALA F 35 -21.22 24.83 5.69
C ALA F 35 -22.66 24.93 5.21
N PHE F 36 -23.16 23.77 4.76
CA PHE F 36 -24.49 23.63 4.20
C PHE F 36 -25.04 22.35 4.78
N MSE F 37 -26.36 22.29 4.99
CA MSE F 37 -26.98 21.03 5.38
C MSE F 37 -28.47 20.99 5.08
O MSE F 37 -29.13 22.01 4.96
CB MSE F 37 -26.76 20.77 6.88
CG MSE F 37 -27.36 21.88 7.77
SE MSE F 37 -27.58 21.31 9.64
CE MSE F 37 -29.25 22.12 9.98
N SER F 38 -29.00 19.79 4.97
CA SER F 38 -30.42 19.59 4.95
C SER F 38 -30.95 19.76 6.38
N VAL F 39 -32.05 20.50 6.52
CA VAL F 39 -32.58 20.81 7.84
C VAL F 39 -33.87 20.06 8.10
N SER F 40 -34.87 20.34 7.28
CA SER F 40 -36.23 19.89 7.54
C SER F 40 -36.90 19.30 6.33
N LEU F 41 -37.71 18.28 6.56
CA LEU F 41 -38.45 17.58 5.51
C LEU F 41 -39.80 18.25 5.23
N ASN F 42 -40.59 18.48 6.30
CA ASN F 42 -41.87 19.22 6.23
C ASN F 42 -41.84 20.40 7.19
N PRO F 43 -41.67 21.63 6.71
CA PRO F 43 -41.50 21.96 5.29
C PRO F 43 -40.06 21.66 4.81
N LYS F 44 -39.84 21.79 3.50
CA LYS F 44 -38.55 21.46 2.88
C LYS F 44 -37.55 22.57 3.12
N LEU F 45 -36.72 22.42 4.15
CA LEU F 45 -35.80 23.48 4.53
C LEU F 45 -34.35 23.04 4.46
N VAL F 46 -33.50 24.01 4.21
CA VAL F 46 -32.10 23.79 4.02
C VAL F 46 -31.45 24.94 4.76
N LEU F 47 -30.17 24.82 5.12
CA LEU F 47 -29.49 25.91 5.81
C LEU F 47 -28.11 26.16 5.22
N VAL F 48 -27.70 27.42 5.13
CA VAL F 48 -26.32 27.75 4.80
C VAL F 48 -25.71 28.73 5.82
N SER F 49 -24.39 28.70 6.00
CA SER F 49 -23.74 29.51 7.02
C SER F 49 -22.75 30.43 6.41
N ILE F 50 -22.94 31.74 6.61
CA ILE F 50 -22.10 32.75 5.97
C ILE F 50 -21.37 33.63 6.96
N GLY F 51 -20.09 33.88 6.72
CA GLY F 51 -19.29 34.68 7.62
C GLY F 51 -19.69 36.14 7.62
N GLU F 52 -19.61 36.77 8.79
CA GLU F 52 -20.04 38.17 8.97
C GLU F 52 -19.35 39.16 8.01
N LYS F 53 -18.11 38.86 7.62
CA LYS F 53 -17.33 39.74 6.74
C LYS F 53 -17.49 39.40 5.24
N ALA F 54 -18.36 38.44 4.93
CA ALA F 54 -18.51 38.01 3.55
C ALA F 54 -19.51 38.89 2.79
N LYS F 55 -19.05 39.42 1.66
CA LYS F 55 -19.90 40.18 0.74
C LYS F 55 -21.25 39.49 0.47
N MSE F 56 -21.24 38.17 0.39
CA MSE F 56 -22.47 37.41 0.18
C MSE F 56 -23.54 37.66 1.23
O MSE F 56 -24.71 37.52 0.95
CB MSE F 56 -22.16 35.91 0.13
CG MSE F 56 -23.36 35.04 -0.19
SE MSE F 56 -24.13 35.34 -2.02
CE MSE F 56 -22.57 35.50 -3.02
N LEU F 57 -23.10 37.99 2.45
CA LEU F 57 -24.06 38.14 3.56
C LEU F 57 -25.10 39.21 3.25
N GLU F 58 -24.67 40.43 2.99
CA GLU F 58 -25.59 41.54 2.66
C GLU F 58 -26.40 41.26 1.37
N LYS F 59 -25.77 40.60 0.39
CA LYS F 59 -26.47 40.24 -0.86
C LYS F 59 -27.65 39.33 -0.62
N ILE F 60 -27.50 38.35 0.27
CA ILE F 60 -28.62 37.45 0.58
C ILE F 60 -29.66 38.16 1.45
N GLN F 61 -29.19 38.98 2.39
CA GLN F 61 -30.08 39.77 3.26
C GLN F 61 -31.05 40.62 2.43
N GLN F 62 -30.52 41.24 1.37
CA GLN F 62 -31.34 41.99 0.41
C GLN F 62 -32.23 41.15 -0.51
N SER F 63 -31.63 40.23 -1.26
CA SER F 63 -32.36 39.41 -2.24
C SER F 63 -33.36 38.48 -1.59
N LYS F 64 -33.10 38.11 -0.33
CA LYS F 64 -33.91 37.15 0.44
C LYS F 64 -34.01 35.80 -0.23
N LYS F 65 -33.08 35.50 -1.12
CA LYS F 65 -33.06 34.19 -1.78
C LYS F 65 -31.63 33.70 -2.07
N TYR F 66 -31.49 32.39 -2.29
CA TYR F 66 -30.18 31.85 -2.70
C TYR F 66 -30.34 30.50 -3.31
N ALA F 67 -29.43 30.14 -4.21
CA ALA F 67 -29.42 28.75 -4.69
C ALA F 67 -28.15 28.07 -4.17
N VAL F 68 -28.22 26.76 -4.06
CA VAL F 68 -27.09 25.95 -3.61
C VAL F 68 -26.67 25.10 -4.79
N ASN F 69 -25.45 25.29 -5.28
CA ASN F 69 -24.98 24.48 -6.40
C ASN F 69 -23.96 23.45 -5.86
N ILE F 70 -24.34 22.19 -5.81
CA ILE F 70 -23.42 21.13 -5.40
C ILE F 70 -22.47 20.78 -6.53
N LEU F 71 -21.18 20.83 -6.23
CA LEU F 71 -20.17 20.73 -7.26
C LEU F 71 -19.78 19.29 -7.56
N SER F 72 -19.56 19.03 -8.84
CA SER F 72 -19.08 17.74 -9.26
C SER F 72 -17.55 17.70 -9.13
N GLN F 73 -17.02 16.48 -9.19
CA GLN F 73 -15.61 16.17 -9.26
C GLN F 73 -14.86 17.02 -10.29
N ASP F 74 -15.51 17.35 -11.38
CA ASP F 74 -14.91 18.12 -12.47
C ASP F 74 -14.95 19.64 -12.29
N GLN F 75 -15.29 20.14 -11.10
CA GLN F 75 -15.54 21.58 -10.91
C GLN F 75 -14.68 22.20 -9.80
N LYS F 76 -13.52 21.60 -9.57
CA LYS F 76 -12.55 22.09 -8.61
C LYS F 76 -12.16 23.56 -8.91
N VAL F 77 -12.03 23.91 -10.18
CA VAL F 77 -11.70 25.29 -10.57
C VAL F 77 -12.80 26.31 -10.21
N LEU F 78 -14.04 25.88 -10.30
CA LEU F 78 -15.17 26.71 -9.83
C LEU F 78 -15.14 26.92 -8.31
N SER F 79 -14.82 25.89 -7.55
CA SER F 79 -14.70 26.02 -6.10
C SER F 79 -13.63 27.07 -5.73
N MSE F 80 -12.47 26.99 -6.36
CA MSE F 80 -11.41 27.91 -6.11
C MSE F 80 -11.80 29.34 -6.58
O MSE F 80 -11.50 30.33 -5.92
CB MSE F 80 -10.16 27.45 -6.83
CG MSE F 80 -9.63 26.09 -6.33
SE MSE F 80 -8.06 25.66 -7.39
CE MSE F 80 -8.81 25.10 -8.86
N ASN F 81 -12.49 29.41 -7.72
CA ASN F 81 -12.98 30.70 -8.21
C ASN F 81 -13.87 31.41 -7.21
N PHE F 82 -14.88 30.71 -6.71
CA PHE F 82 -15.85 31.37 -5.85
C PHE F 82 -15.37 31.43 -4.39
N ALA F 83 -14.14 30.97 -4.16
CA ALA F 83 -13.51 31.06 -2.84
C ALA F 83 -12.48 32.20 -2.84
N GLY F 84 -12.38 32.92 -3.93
CA GLY F 84 -11.47 34.06 -4.04
C GLY F 84 -10.02 33.65 -4.11
N GLN F 85 -9.75 32.47 -4.66
CA GLN F 85 -8.41 31.93 -4.68
C GLN F 85 -7.72 32.04 -6.02
N LEU F 86 -8.42 32.58 -7.01
CA LEU F 86 -7.83 32.81 -8.32
C LEU F 86 -7.60 34.31 -8.55
N GLU F 87 -6.45 34.67 -9.08
CA GLU F 87 -6.17 36.06 -9.41
C GLU F 87 -7.15 36.63 -10.44
N LYS F 88 -7.48 35.84 -11.45
CA LYS F 88 -8.41 36.26 -12.50
C LYS F 88 -9.66 35.39 -12.44
N PRO F 89 -10.82 36.01 -12.30
CA PRO F 89 -12.09 35.27 -12.25
C PRO F 89 -12.33 34.52 -13.55
N VAL F 90 -12.96 33.34 -13.45
CA VAL F 90 -13.28 32.60 -14.66
C VAL F 90 -14.67 33.05 -15.16
N ASP F 91 -14.89 32.83 -16.44
CA ASP F 91 -16.18 33.12 -17.07
C ASP F 91 -17.09 31.93 -16.79
N VAL F 92 -17.97 32.10 -15.80
CA VAL F 92 -18.84 31.01 -15.36
C VAL F 92 -20.11 31.00 -16.19
N GLN F 93 -20.50 29.80 -16.60
CA GLN F 93 -21.74 29.58 -17.33
C GLN F 93 -22.94 29.39 -16.38
N PHE F 94 -23.82 30.38 -16.36
CA PHE F 94 -25.03 30.32 -15.51
C PHE F 94 -26.28 29.89 -16.29
N GLU F 95 -27.19 29.21 -15.62
CA GLU F 95 -28.55 29.01 -16.14
C GLU F 95 -29.49 29.45 -15.02
N GLU F 96 -30.76 29.01 -15.08
CA GLU F 96 -31.80 29.52 -14.19
C GLU F 96 -32.65 28.45 -13.57
N LEU F 97 -33.02 28.63 -12.31
CA LEU F 97 -33.87 27.65 -11.65
C LEU F 97 -34.58 28.36 -10.52
N GLY F 98 -35.92 28.31 -10.55
CA GLY F 98 -36.74 29.00 -9.57
C GLY F 98 -36.43 30.48 -9.47
N GLY F 99 -36.03 31.09 -10.58
CA GLY F 99 -35.70 32.50 -10.56
C GLY F 99 -34.32 32.86 -10.02
N LEU F 100 -33.49 31.83 -9.76
CA LEU F 100 -32.12 32.04 -9.29
C LEU F 100 -31.08 31.64 -10.35
N PRO F 101 -29.96 32.33 -10.38
CA PRO F 101 -28.86 31.89 -11.25
C PRO F 101 -28.24 30.61 -10.64
N VAL F 102 -28.06 29.59 -11.45
CA VAL F 102 -27.46 28.35 -10.98
C VAL F 102 -26.31 28.01 -11.90
N ILE F 103 -25.42 27.13 -11.46
CA ILE F 103 -24.24 26.77 -12.25
C ILE F 103 -24.54 25.55 -13.16
N LYS F 104 -24.29 25.74 -14.45
CA LYS F 104 -24.44 24.71 -15.42
C LYS F 104 -23.52 23.51 -15.11
N ASP F 105 -24.08 22.31 -15.22
CA ASP F 105 -23.35 21.06 -15.01
C ASP F 105 -22.96 20.80 -13.54
N ALA F 106 -23.51 21.58 -12.61
CA ALA F 106 -23.39 21.25 -11.18
C ALA F 106 -23.92 19.86 -10.99
N LEU F 107 -23.42 19.16 -9.98
CA LEU F 107 -23.99 17.87 -9.60
C LEU F 107 -25.48 18.03 -9.26
N ALA F 108 -25.83 19.10 -8.57
CA ALA F 108 -27.21 19.31 -8.11
C ALA F 108 -27.43 20.78 -7.94
N GLN F 109 -28.65 21.23 -8.17
CA GLN F 109 -29.00 22.63 -8.03
C GLN F 109 -30.27 22.72 -7.17
N ILE F 110 -30.25 23.58 -6.15
CA ILE F 110 -31.38 23.66 -5.24
C ILE F 110 -31.62 25.15 -5.03
N SER F 111 -32.80 25.64 -5.43
CA SER F 111 -33.16 27.07 -5.26
C SER F 111 -34.01 27.29 -4.01
N CYS F 112 -33.73 28.35 -3.26
CA CYS F 112 -34.38 28.59 -1.97
C CYS F 112 -34.86 30.03 -1.76
N GLN F 113 -35.93 30.17 -0.97
CA GLN F 113 -36.33 31.47 -0.42
C GLN F 113 -35.97 31.51 1.08
N VAL F 114 -35.32 32.59 1.52
CA VAL F 114 -34.91 32.73 2.91
C VAL F 114 -36.15 32.89 3.80
N VAL F 115 -36.32 31.99 4.78
CA VAL F 115 -37.46 32.09 5.74
C VAL F 115 -37.03 32.45 7.17
N ASN F 116 -35.72 32.35 7.47
CA ASN F 116 -35.20 32.74 8.79
C ASN F 116 -33.74 33.12 8.69
N GLU F 117 -33.29 33.96 9.60
CA GLU F 117 -31.91 34.43 9.62
C GLU F 117 -31.42 34.50 11.08
N VAL F 118 -30.44 33.68 11.44
CA VAL F 118 -30.02 33.51 12.84
C VAL F 118 -28.54 33.77 12.99
N GLN F 119 -28.19 34.77 13.80
CA GLN F 119 -26.78 35.04 14.02
C GLN F 119 -26.21 33.98 14.98
N ALA F 120 -24.99 33.53 14.69
CA ALA F 120 -24.33 32.49 15.51
C ALA F 120 -22.86 32.77 15.51
N GLY F 121 -22.39 33.46 16.56
CA GLY F 121 -21.03 33.92 16.62
C GLY F 121 -20.60 34.69 15.39
N ASP F 122 -19.49 34.25 14.82
CA ASP F 122 -18.85 34.76 13.62
C ASP F 122 -19.70 34.81 12.33
N HIS F 123 -20.88 34.19 12.36
CA HIS F 123 -21.54 33.78 11.13
C HIS F 123 -23.02 34.00 11.26
N THR F 124 -23.72 34.05 10.11
CA THR F 124 -25.17 34.06 10.08
C THR F 124 -25.69 32.83 9.33
N LEU F 125 -26.72 32.20 9.90
CA LEU F 125 -27.36 31.04 9.32
C LEU F 125 -28.57 31.53 8.55
N PHE F 126 -28.60 31.22 7.26
CA PHE F 126 -29.77 31.56 6.46
C PHE F 126 -30.50 30.30 6.17
N ILE F 127 -31.62 30.12 6.86
CA ILE F 127 -32.51 28.99 6.62
C ILE F 127 -33.30 29.31 5.36
N GLY F 128 -33.42 28.32 4.46
CA GLY F 128 -34.10 28.51 3.19
C GLY F 128 -35.09 27.43 2.90
N GLU F 129 -36.25 27.82 2.34
CA GLU F 129 -37.27 26.87 1.91
C GLU F 129 -36.99 26.58 0.46
N VAL F 130 -36.96 25.30 0.12
CA VAL F 130 -36.59 24.86 -1.21
C VAL F 130 -37.81 24.93 -2.15
N THR F 131 -37.65 25.64 -3.28
CA THR F 131 -38.73 25.78 -4.28
C THR F 131 -38.51 24.91 -5.52
N ASP F 132 -37.24 24.66 -5.88
CA ASP F 132 -36.89 23.90 -7.08
C ASP F 132 -35.61 23.09 -6.91
N ILE F 133 -35.56 21.94 -7.57
CA ILE F 133 -34.48 21.01 -7.46
C ILE F 133 -34.12 20.47 -8.84
N LYS F 134 -32.82 20.33 -9.11
CA LYS F 134 -32.35 19.59 -10.28
C LYS F 134 -31.17 18.74 -9.88
N ILE F 135 -31.17 17.48 -10.29
CA ILE F 135 -30.17 16.52 -9.87
C ILE F 135 -29.54 15.86 -11.09
N THR F 136 -28.26 15.46 -10.97
CA THR F 136 -27.62 14.58 -11.95
C THR F 136 -26.98 13.42 -11.19
N GLU F 137 -26.44 12.46 -11.92
CA GLU F 137 -25.73 11.34 -11.30
C GLU F 137 -24.19 11.45 -11.34
N GLN F 138 -23.66 12.67 -11.37
CA GLN F 138 -22.21 12.88 -11.31
C GLN F 138 -21.57 12.50 -9.97
N ASP F 139 -20.26 12.30 -10.00
CA ASP F 139 -19.51 12.08 -8.78
C ASP F 139 -19.16 13.43 -8.13
N PRO F 140 -19.15 13.48 -6.80
CA PRO F 140 -18.97 14.75 -6.07
C PRO F 140 -17.51 15.21 -5.84
N LEU F 141 -17.30 16.50 -5.86
CA LEU F 141 -16.13 17.12 -5.26
C LEU F 141 -16.19 17.01 -3.74
N LEU F 142 -15.15 16.45 -3.14
CA LEU F 142 -15.12 16.37 -1.70
C LEU F 142 -14.07 17.29 -1.10
N PHE F 143 -14.26 17.63 0.17
CA PHE F 143 -13.30 18.46 0.90
C PHE F 143 -13.10 17.82 2.27
N PHE F 144 -11.85 17.59 2.61
CA PHE F 144 -11.50 16.81 3.83
C PHE F 144 -10.07 17.13 4.19
N SER F 145 -9.84 17.40 5.47
CA SER F 145 -8.52 17.79 6.01
C SER F 145 -7.83 18.88 5.23
N GLY F 146 -8.58 19.90 4.80
CA GLY F 146 -8.00 20.97 3.99
C GLY F 146 -7.68 20.68 2.54
N LYS F 147 -8.06 19.51 2.06
CA LYS F 147 -7.76 19.11 0.67
C LYS F 147 -9.00 18.70 -0.13
N TYR F 148 -8.93 18.81 -1.46
CA TYR F 148 -9.95 18.29 -2.36
C TYR F 148 -9.72 16.81 -2.57
N HIS F 149 -10.82 16.05 -2.60
CA HIS F 149 -10.76 14.58 -2.67
C HIS F 149 -11.86 14.09 -3.59
N GLN F 150 -11.88 12.76 -3.81
CA GLN F 150 -12.85 12.11 -4.67
C GLN F 150 -13.34 10.86 -3.94
N LEU F 151 -14.51 10.35 -4.32
CA LEU F 151 -14.99 9.07 -3.76
C LEU F 151 -14.19 7.90 -4.34
N ALA F 152 -13.86 6.93 -3.49
CA ALA F 152 -13.31 5.66 -3.99
C ALA F 152 -14.31 5.02 -4.93
N GLN F 153 -13.86 4.60 -6.10
CA GLN F 153 -14.75 4.03 -7.10
C GLN F 153 -14.69 2.48 -7.13
N MSE G 1 -19.15 -26.62 32.95
CA MSE G 1 -19.50 -26.90 31.53
C MSE G 1 -20.88 -26.33 31.17
O MSE G 1 -21.86 -27.08 30.98
CB MSE G 1 -19.40 -28.41 31.22
CG MSE G 1 -18.22 -28.79 30.32
SE MSE G 1 -18.72 -29.26 28.47
CE MSE G 1 -19.68 -30.97 28.81
N ASP G 2 -20.95 -25.01 31.09
CA ASP G 2 -22.17 -24.31 30.70
C ASP G 2 -22.45 -24.44 29.19
N ASP G 3 -23.56 -23.83 28.74
CA ASP G 3 -23.81 -23.59 27.33
C ASP G 3 -22.89 -22.47 26.81
N ARG G 4 -22.55 -21.55 27.71
CA ARG G 4 -21.65 -20.46 27.35
C ARG G 4 -20.23 -20.98 27.20
N LEU G 5 -19.81 -21.88 28.09
CA LEU G 5 -18.47 -22.48 27.99
C LEU G 5 -18.30 -23.22 26.68
N PHE G 6 -19.32 -23.99 26.30
CA PHE G 6 -19.30 -24.74 25.05
C PHE G 6 -19.28 -23.81 23.83
N ARG G 7 -20.13 -22.78 23.82
CA ARG G 7 -20.14 -21.81 22.75
C ARG G 7 -18.81 -21.05 22.62
N ASN G 8 -18.20 -20.71 23.77
CA ASN G 8 -16.90 -20.05 23.81
C ASN G 8 -15.81 -20.92 23.20
N ALA G 9 -15.82 -22.18 23.61
CA ALA G 9 -14.93 -23.20 23.05
C ALA G 9 -15.10 -23.34 21.52
N MSE G 10 -16.33 -23.49 21.08
CA MSE G 10 -16.62 -23.67 19.66
C MSE G 10 -16.14 -22.44 18.87
O MSE G 10 -15.63 -22.56 17.76
CB MSE G 10 -18.12 -23.88 19.44
CG MSE G 10 -18.68 -25.24 19.94
SE MSE G 10 -17.48 -26.77 19.43
CE MSE G 10 -16.74 -27.11 21.28
N GLY G 11 -16.31 -21.27 19.47
CA GLY G 11 -15.87 -20.02 18.88
C GLY G 11 -14.38 -19.92 18.69
N LYS G 12 -13.63 -20.80 19.37
CA LYS G 12 -12.18 -20.81 19.24
C LYS G 12 -11.72 -21.51 17.93
N PHE G 13 -12.64 -22.13 17.22
CA PHE G 13 -12.34 -22.64 15.88
C PHE G 13 -12.75 -21.59 14.85
N ALA G 14 -11.77 -20.92 14.29
CA ALA G 14 -11.99 -19.86 13.34
C ALA G 14 -12.57 -20.40 12.05
N THR G 15 -13.48 -19.66 11.43
CA THR G 15 -14.02 -20.06 10.12
C THR G 15 -14.18 -18.88 9.19
N GLY G 16 -14.32 -19.16 7.89
CA GLY G 16 -14.97 -18.22 7.01
C GLY G 16 -16.45 -18.12 7.36
N VAL G 17 -17.17 -17.33 6.56
CA VAL G 17 -18.58 -17.07 6.78
C VAL G 17 -19.22 -17.29 5.43
N THR G 18 -20.33 -18.03 5.42
CA THR G 18 -21.10 -18.23 4.18
C THR G 18 -22.54 -17.75 4.34
N VAL G 19 -23.23 -17.61 3.20
CA VAL G 19 -24.68 -17.53 3.21
C VAL G 19 -25.17 -18.73 2.43
N ILE G 20 -26.08 -19.51 3.01
CA ILE G 20 -26.65 -20.65 2.33
C ILE G 20 -27.85 -20.08 1.61
N THR G 21 -28.00 -20.35 0.32
CA THR G 21 -29.20 -19.89 -0.40
C THR G 21 -29.92 -21.05 -1.08
N THR G 22 -31.22 -20.85 -1.27
CA THR G 22 -32.01 -21.75 -2.06
C THR G 22 -33.23 -21.00 -2.62
N GLU G 23 -33.93 -21.67 -3.53
CA GLU G 23 -35.11 -21.10 -4.16
C GLU G 23 -36.29 -22.05 -3.97
N LEU G 24 -37.37 -21.53 -3.42
CA LEU G 24 -38.61 -22.29 -3.33
C LEU G 24 -39.72 -21.48 -3.94
N ASN G 25 -40.40 -22.10 -4.92
CA ASN G 25 -41.60 -21.53 -5.52
C ASN G 25 -41.31 -20.09 -5.99
N GLY G 26 -40.16 -19.91 -6.64
CA GLY G 26 -39.73 -18.60 -7.14
C GLY G 26 -39.06 -17.63 -6.15
N ALA G 27 -39.34 -17.78 -4.84
CA ALA G 27 -38.73 -16.93 -3.83
C ALA G 27 -37.30 -17.39 -3.43
N VAL G 28 -36.40 -16.44 -3.25
CA VAL G 28 -35.02 -16.73 -2.82
C VAL G 28 -34.92 -16.63 -1.31
N HIS G 29 -34.39 -17.67 -0.69
CA HIS G 29 -34.15 -17.63 0.77
C HIS G 29 -32.65 -17.82 1.08
N GLY G 30 -32.14 -17.05 2.03
CA GLY G 30 -30.77 -17.16 2.49
C GLY G 30 -30.64 -17.20 4.01
N MSE G 31 -29.55 -17.83 4.48
CA MSE G 31 -29.23 -17.89 5.89
C MSE G 31 -27.71 -17.88 6.08
O MSE G 31 -27.02 -18.68 5.48
CB MSE G 31 -29.80 -19.18 6.49
CG MSE G 31 -29.73 -19.28 8.00
SE MSE G 31 -29.88 -21.15 8.61
CE MSE G 31 -30.23 -20.74 10.32
N THR G 32 -27.21 -17.02 6.96
CA THR G 32 -25.80 -17.02 7.37
C THR G 32 -25.45 -18.31 8.12
N ALA G 33 -24.35 -18.93 7.73
CA ALA G 33 -23.93 -20.19 8.34
C ALA G 33 -22.41 -20.23 8.33
N ASN G 34 -21.82 -20.77 9.39
CA ASN G 34 -20.39 -21.07 9.33
C ASN G 34 -20.14 -22.55 9.59
N ALA G 35 -21.21 -23.27 9.94
CA ALA G 35 -21.13 -24.73 10.08
C ALA G 35 -21.22 -25.34 8.68
N PHE G 36 -20.10 -25.23 7.96
CA PHE G 36 -19.98 -25.73 6.61
C PHE G 36 -18.66 -26.44 6.51
N MSE G 37 -18.57 -27.47 5.67
CA MSE G 37 -17.28 -28.08 5.40
C MSE G 37 -17.25 -28.84 4.09
O MSE G 37 -18.27 -29.28 3.59
CB MSE G 37 -16.87 -29.02 6.54
CG MSE G 37 -17.84 -30.12 6.79
SE MSE G 37 -17.06 -31.63 7.86
CE MSE G 37 -17.89 -32.94 6.92
N SER G 38 -16.05 -29.01 3.55
CA SER G 38 -15.80 -30.00 2.53
C SER G 38 -15.80 -31.41 3.12
N VAL G 39 -16.46 -32.33 2.43
CA VAL G 39 -16.66 -33.66 2.96
C VAL G 39 -15.91 -34.67 2.14
N SER G 40 -16.27 -34.77 0.86
CA SER G 40 -15.76 -35.84 0.01
C SER G 40 -15.27 -35.35 -1.35
N LEU G 41 -14.23 -36.02 -1.84
CA LEU G 41 -13.60 -35.66 -3.13
C LEU G 41 -14.25 -36.43 -4.28
N ASN G 42 -14.37 -37.75 -4.14
CA ASN G 42 -15.10 -38.60 -5.07
C ASN G 42 -16.17 -39.40 -4.34
N PRO G 43 -17.45 -39.03 -4.47
CA PRO G 43 -17.90 -37.91 -5.30
C PRO G 43 -17.69 -36.55 -4.61
N LYS G 44 -17.89 -35.46 -5.32
CA LYS G 44 -17.70 -34.13 -4.76
C LYS G 44 -18.82 -33.79 -3.79
N LEU G 45 -18.53 -33.92 -2.48
CA LEU G 45 -19.54 -33.63 -1.47
C LEU G 45 -19.16 -32.56 -0.47
N VAL G 46 -20.22 -31.93 0.00
CA VAL G 46 -20.10 -30.80 0.85
C VAL G 46 -21.17 -30.98 1.93
N LEU G 47 -21.03 -30.31 3.08
CA LEU G 47 -22.03 -30.47 4.12
C LEU G 47 -22.33 -29.14 4.76
N VAL G 48 -23.60 -28.90 5.08
CA VAL G 48 -23.99 -27.75 5.85
C VAL G 48 -24.90 -28.19 7.02
N SER G 49 -24.86 -27.47 8.15
CA SER G 49 -25.59 -27.84 9.35
C SER G 49 -26.60 -26.76 9.72
N ILE G 50 -27.87 -27.13 9.79
CA ILE G 50 -28.94 -26.16 10.01
C ILE G 50 -29.75 -26.48 11.26
N GLY G 51 -29.98 -25.49 12.11
CA GLY G 51 -30.75 -25.65 13.32
C GLY G 51 -32.21 -26.01 13.08
N GLU G 52 -32.74 -26.85 13.97
CA GLU G 52 -34.09 -27.41 13.86
C GLU G 52 -35.17 -26.33 13.78
N LYS G 53 -34.94 -25.18 14.41
CA LYS G 53 -35.90 -24.09 14.41
C LYS G 53 -35.72 -23.10 13.25
N ALA G 54 -34.74 -23.33 12.39
CA ALA G 54 -34.46 -22.41 11.29
C ALA G 54 -35.41 -22.61 10.10
N LYS G 55 -35.98 -21.49 9.63
CA LYS G 55 -36.86 -21.47 8.47
C LYS G 55 -36.20 -22.13 7.26
N MSE G 56 -34.89 -21.97 7.12
CA MSE G 56 -34.12 -22.61 6.06
C MSE G 56 -34.25 -24.14 6.02
O MSE G 56 -34.17 -24.73 4.94
CB MSE G 56 -32.64 -22.21 6.12
CG MSE G 56 -31.78 -22.76 4.98
SE MSE G 56 -32.19 -22.06 3.14
CE MSE G 56 -32.44 -20.27 3.67
N LEU G 57 -34.40 -24.77 7.18
CA LEU G 57 -34.49 -26.23 7.21
C LEU G 57 -35.59 -26.80 6.29
N GLU G 58 -36.83 -26.39 6.50
CA GLU G 58 -37.94 -26.86 5.68
C GLU G 58 -37.76 -26.46 4.19
N LYS G 59 -37.25 -25.25 3.95
CA LYS G 59 -36.97 -24.78 2.58
C LYS G 59 -36.01 -25.68 1.81
N ILE G 60 -34.94 -26.14 2.48
CA ILE G 60 -34.00 -27.07 1.85
C ILE G 60 -34.61 -28.48 1.71
N GLN G 61 -35.35 -28.93 2.73
CA GLN G 61 -36.05 -30.22 2.66
C GLN G 61 -36.95 -30.32 1.45
N GLN G 62 -37.60 -29.23 1.09
CA GLN G 62 -38.51 -29.20 -0.07
C GLN G 62 -37.79 -29.00 -1.40
N SER G 63 -36.89 -28.01 -1.47
CA SER G 63 -36.21 -27.69 -2.72
C SER G 63 -35.18 -28.76 -3.08
N LYS G 64 -34.69 -29.46 -2.05
CA LYS G 64 -33.66 -30.49 -2.21
C LYS G 64 -32.37 -29.97 -2.82
N LYS G 65 -32.15 -28.66 -2.71
CA LYS G 65 -30.90 -28.08 -3.19
C LYS G 65 -30.51 -26.86 -2.36
N TYR G 66 -29.25 -26.43 -2.46
CA TYR G 66 -28.79 -25.21 -1.80
C TYR G 66 -27.46 -24.78 -2.42
N ALA G 67 -27.15 -23.48 -2.35
CA ALA G 67 -25.86 -23.01 -2.76
C ALA G 67 -25.19 -22.48 -1.49
N VAL G 68 -23.87 -22.53 -1.48
CA VAL G 68 -23.08 -22.01 -0.39
C VAL G 68 -22.34 -20.83 -1.00
N ASN G 69 -22.50 -19.64 -0.43
CA ASN G 69 -21.83 -18.42 -0.88
C ASN G 69 -20.82 -18.01 0.17
N ILE G 70 -19.53 -18.18 -0.12
CA ILE G 70 -18.47 -17.78 0.80
C ILE G 70 -18.28 -16.28 0.72
N LEU G 71 -18.29 -15.62 1.87
CA LEU G 71 -18.30 -14.17 1.89
C LEU G 71 -16.91 -13.57 1.94
N SER G 72 -16.79 -12.41 1.30
CA SER G 72 -15.50 -11.77 1.24
C SER G 72 -15.50 -10.83 2.41
N GLN G 73 -14.33 -10.29 2.67
CA GLN G 73 -14.05 -9.27 3.67
C GLN G 73 -14.97 -8.05 3.59
N ASP G 74 -15.45 -7.77 2.39
CA ASP G 74 -16.26 -6.59 2.16
C ASP G 74 -17.75 -6.83 2.40
N GLN G 75 -18.11 -8.03 2.86
CA GLN G 75 -19.51 -8.47 2.87
C GLN G 75 -20.07 -8.73 4.30
N LYS G 76 -19.43 -8.11 5.29
CA LYS G 76 -19.88 -8.18 6.67
C LYS G 76 -21.38 -7.84 6.85
N VAL G 77 -21.87 -6.81 6.15
CA VAL G 77 -23.29 -6.42 6.22
C VAL G 77 -24.21 -7.54 5.71
N LEU G 78 -23.78 -8.29 4.70
CA LEU G 78 -24.56 -9.43 4.22
C LEU G 78 -24.64 -10.55 5.24
N SER G 79 -23.53 -10.83 5.91
CA SER G 79 -23.50 -11.80 6.99
C SER G 79 -24.54 -11.44 8.07
N MSE G 80 -24.53 -10.19 8.50
CA MSE G 80 -25.48 -9.67 9.48
C MSE G 80 -26.94 -9.72 9.00
O MSE G 80 -27.83 -10.20 9.73
CB MSE G 80 -25.09 -8.26 9.87
CG MSE G 80 -23.72 -8.18 10.53
SE MSE G 80 -23.39 -6.36 11.12
CE MSE G 80 -22.99 -5.64 9.54
N ASN G 81 -27.17 -9.29 7.77
CA ASN G 81 -28.47 -9.44 7.09
C ASN G 81 -29.02 -10.86 7.14
N PHE G 82 -28.24 -11.83 6.70
CA PHE G 82 -28.77 -13.16 6.58
C PHE G 82 -28.76 -13.93 7.90
N ALA G 83 -28.24 -13.27 8.95
CA ALA G 83 -28.26 -13.81 10.31
C ALA G 83 -29.41 -13.21 11.13
N GLY G 84 -30.28 -12.43 10.49
CA GLY G 84 -31.39 -11.76 11.15
C GLY G 84 -31.00 -10.69 12.13
N GLN G 85 -29.92 -9.99 11.87
CA GLN G 85 -29.39 -9.05 12.85
C GLN G 85 -29.65 -7.60 12.48
N LEU G 86 -30.27 -7.39 11.32
CA LEU G 86 -30.61 -6.03 10.91
C LEU G 86 -32.12 -5.84 11.03
N GLU G 87 -32.52 -4.65 11.46
CA GLU G 87 -33.94 -4.31 11.57
C GLU G 87 -34.64 -4.31 10.22
N LYS G 88 -33.97 -3.77 9.22
CA LYS G 88 -34.48 -3.73 7.86
C LYS G 88 -33.56 -4.56 6.94
N PRO G 89 -34.15 -5.49 6.19
CA PRO G 89 -33.40 -6.30 5.23
C PRO G 89 -32.75 -5.46 4.15
N VAL G 90 -31.56 -5.85 3.73
CA VAL G 90 -30.93 -5.14 2.61
C VAL G 90 -31.40 -5.75 1.29
N ASP G 91 -31.34 -4.93 0.24
CA ASP G 91 -31.67 -5.36 -1.11
C ASP G 91 -30.45 -6.07 -1.69
N VAL G 92 -30.50 -7.39 -1.72
CA VAL G 92 -29.34 -8.20 -2.06
C VAL G 92 -29.37 -8.50 -3.54
N GLN G 93 -28.21 -8.38 -4.16
CA GLN G 93 -28.02 -8.65 -5.59
C GLN G 93 -27.70 -10.12 -5.81
N PHE G 94 -28.66 -10.84 -6.40
CA PHE G 94 -28.52 -12.26 -6.72
C PHE G 94 -28.18 -12.49 -8.18
N GLU G 95 -27.48 -13.59 -8.44
CA GLU G 95 -27.26 -14.08 -9.79
C GLU G 95 -27.54 -15.57 -9.71
N GLU G 96 -27.16 -16.32 -10.73
CA GLU G 96 -27.55 -17.72 -10.85
C GLU G 96 -26.36 -18.63 -11.08
N LEU G 97 -26.41 -19.84 -10.51
CA LEU G 97 -25.36 -20.84 -10.75
C LEU G 97 -25.93 -22.22 -10.47
N GLY G 98 -25.86 -23.09 -11.47
CA GLY G 98 -26.45 -24.42 -11.39
C GLY G 98 -27.92 -24.41 -11.02
N GLY G 99 -28.62 -23.38 -11.45
CA GLY G 99 -30.04 -23.28 -11.16
C GLY G 99 -30.34 -22.82 -9.75
N LEU G 100 -29.31 -22.36 -9.03
CA LEU G 100 -29.55 -21.76 -7.69
C LEU G 100 -29.26 -20.26 -7.68
N PRO G 101 -29.99 -19.51 -6.86
CA PRO G 101 -29.63 -18.11 -6.61
C PRO G 101 -28.32 -17.99 -5.82
N VAL G 102 -27.38 -17.20 -6.30
CA VAL G 102 -26.11 -17.03 -5.61
C VAL G 102 -25.86 -15.54 -5.44
N ILE G 103 -24.96 -15.17 -4.53
CA ILE G 103 -24.78 -13.79 -4.18
C ILE G 103 -23.62 -13.24 -5.00
N LYS G 104 -23.89 -12.10 -5.63
CA LYS G 104 -22.97 -11.44 -6.52
C LYS G 104 -21.78 -10.95 -5.76
N ASP G 105 -20.58 -11.17 -6.28
CA ASP G 105 -19.34 -10.68 -5.67
C ASP G 105 -18.90 -11.47 -4.40
N ALA G 106 -19.54 -12.62 -4.16
CA ALA G 106 -19.12 -13.53 -3.08
C ALA G 106 -17.73 -13.99 -3.41
N LEU G 107 -16.94 -14.31 -2.39
CA LEU G 107 -15.63 -14.89 -2.62
C LEU G 107 -15.73 -16.16 -3.47
N ALA G 108 -16.70 -17.01 -3.19
CA ALA G 108 -16.87 -18.24 -3.96
C ALA G 108 -18.33 -18.59 -3.94
N GLN G 109 -18.77 -19.30 -4.97
CA GLN G 109 -20.11 -19.79 -5.04
C GLN G 109 -20.07 -21.26 -5.39
N ILE G 110 -20.83 -22.08 -4.66
CA ILE G 110 -20.83 -23.53 -4.86
C ILE G 110 -22.28 -24.03 -4.82
N SER G 111 -22.75 -24.63 -5.91
CA SER G 111 -24.15 -25.05 -5.99
C SER G 111 -24.28 -26.52 -5.76
N CYS G 112 -25.28 -26.95 -5.02
CA CYS G 112 -25.36 -28.35 -4.61
C CYS G 112 -26.75 -28.95 -4.76
N GLN G 113 -26.80 -30.27 -4.95
CA GLN G 113 -28.04 -31.05 -4.82
C GLN G 113 -27.98 -31.93 -3.57
N VAL G 114 -29.00 -31.87 -2.74
CA VAL G 114 -29.01 -32.62 -1.49
C VAL G 114 -29.05 -34.12 -1.77
N VAL G 115 -28.07 -34.88 -1.28
CA VAL G 115 -28.03 -36.35 -1.46
C VAL G 115 -28.27 -37.17 -0.17
N ASN G 116 -28.15 -36.52 0.99
CA ASN G 116 -28.42 -37.15 2.29
C ASN G 116 -28.81 -36.11 3.31
N GLU G 117 -29.57 -36.53 4.31
CA GLU G 117 -30.04 -35.63 5.35
C GLU G 117 -29.98 -36.41 6.67
N VAL G 118 -29.15 -35.93 7.61
CA VAL G 118 -28.88 -36.65 8.85
C VAL G 118 -29.16 -35.78 10.05
N GLN G 119 -30.10 -36.18 10.89
CA GLN G 119 -30.36 -35.43 12.12
C GLN G 119 -29.24 -35.67 13.14
N ALA G 120 -28.81 -34.59 13.78
CA ALA G 120 -27.74 -34.65 14.77
C ALA G 120 -28.05 -33.66 15.89
N GLY G 121 -28.64 -34.17 16.96
CA GLY G 121 -29.10 -33.34 18.05
C GLY G 121 -30.00 -32.20 17.59
N ASP G 122 -29.66 -31.01 18.02
CA ASP G 122 -30.28 -29.71 17.67
C ASP G 122 -30.43 -29.39 16.16
N HIS G 123 -29.75 -30.15 15.32
CA HIS G 123 -29.47 -29.68 13.97
C HIS G 123 -29.69 -30.78 12.98
N THR G 124 -29.78 -30.40 11.70
CA THR G 124 -29.79 -31.34 10.58
C THR G 124 -28.63 -31.05 9.63
N LEU G 125 -27.93 -32.11 9.23
CA LEU G 125 -26.84 -32.04 8.30
C LEU G 125 -27.37 -32.35 6.91
N PHE G 126 -27.19 -31.41 5.99
CA PHE G 126 -27.55 -31.63 4.61
C PHE G 126 -26.27 -31.81 3.83
N ILE G 127 -26.03 -33.04 3.42
CA ILE G 127 -24.93 -33.40 2.60
C ILE G 127 -25.35 -33.17 1.16
N GLY G 128 -24.52 -32.40 0.43
CA GLY G 128 -24.84 -31.95 -0.91
C GLY G 128 -23.75 -32.33 -1.90
N GLU G 129 -24.18 -32.78 -3.08
CA GLU G 129 -23.26 -33.01 -4.20
C GLU G 129 -23.11 -31.71 -4.99
N VAL G 130 -21.86 -31.31 -5.22
CA VAL G 130 -21.54 -30.08 -5.90
C VAL G 130 -21.72 -30.24 -7.40
N THR G 131 -22.51 -29.35 -8.01
CA THR G 131 -22.73 -29.34 -9.47
C THR G 131 -21.95 -28.26 -10.19
N ASP G 132 -21.74 -27.11 -9.53
CA ASP G 132 -21.12 -25.93 -10.13
C ASP G 132 -20.34 -25.12 -9.12
N ILE G 133 -19.25 -24.53 -9.59
CA ILE G 133 -18.35 -23.76 -8.76
C ILE G 133 -17.94 -22.45 -9.45
N LYS G 134 -17.88 -21.36 -8.69
CA LYS G 134 -17.26 -20.12 -9.16
C LYS G 134 -16.41 -19.54 -8.04
N ILE G 135 -15.17 -19.15 -8.37
CA ILE G 135 -14.20 -18.67 -7.40
C ILE G 135 -13.65 -17.31 -7.80
N THR G 136 -13.29 -16.49 -6.82
CA THR G 136 -12.51 -15.26 -7.03
C THR G 136 -11.32 -15.28 -6.10
N GLU G 137 -10.50 -14.24 -6.18
CA GLU G 137 -9.29 -14.21 -5.38
C GLU G 137 -9.39 -13.16 -4.28
N GLN G 138 -10.60 -12.90 -3.79
CA GLN G 138 -10.81 -11.94 -2.73
C GLN G 138 -10.34 -12.47 -1.38
N ASP G 139 -10.13 -11.57 -0.43
CA ASP G 139 -9.82 -11.95 0.94
C ASP G 139 -11.14 -12.23 1.70
N PRO G 140 -11.08 -13.20 2.63
CA PRO G 140 -12.25 -13.72 3.31
C PRO G 140 -12.69 -12.98 4.54
N LEU G 141 -14.01 -12.95 4.75
CA LEU G 141 -14.57 -12.58 6.04
C LEU G 141 -14.31 -13.73 6.98
N LEU G 142 -13.83 -13.45 8.18
CA LEU G 142 -13.53 -14.48 9.13
C LEU G 142 -14.39 -14.27 10.37
N PHE G 143 -14.68 -15.37 11.06
CA PHE G 143 -15.40 -15.31 12.33
C PHE G 143 -14.62 -16.12 13.38
N PHE G 144 -14.31 -15.49 14.50
CA PHE G 144 -13.50 -16.09 15.55
C PHE G 144 -13.84 -15.43 16.88
N SER G 145 -14.01 -16.26 17.90
CA SER G 145 -14.33 -15.80 19.26
C SER G 145 -15.48 -14.83 19.29
N GLY G 146 -16.49 -15.07 18.45
CA GLY G 146 -17.68 -14.25 18.44
C GLY G 146 -17.55 -12.91 17.73
N LYS G 147 -16.44 -12.71 17.01
CA LYS G 147 -16.17 -11.45 16.31
C LYS G 147 -15.78 -11.67 14.84
N TYR G 148 -16.07 -10.68 14.01
CA TYR G 148 -15.57 -10.65 12.62
C TYR G 148 -14.09 -10.25 12.61
N HIS G 149 -13.32 -10.86 11.72
CA HIS G 149 -11.88 -10.67 11.62
C HIS G 149 -11.47 -10.75 10.16
N GLN G 150 -10.18 -10.47 9.94
CA GLN G 150 -9.57 -10.47 8.62
C GLN G 150 -8.25 -11.24 8.71
N LEU G 151 -7.79 -11.77 7.59
CA LEU G 151 -6.42 -12.32 7.51
C LEU G 151 -5.35 -11.25 7.65
N ALA G 152 -4.30 -11.55 8.41
CA ALA G 152 -3.09 -10.70 8.42
C ALA G 152 -2.49 -10.63 7.02
N GLN G 153 -2.23 -9.42 6.52
CA GLN G 153 -1.77 -9.23 5.13
C GLN G 153 -0.26 -9.00 5.07
N MSE H 1 -15.91 -31.10 -14.75
CA MSE H 1 -15.31 -30.41 -13.56
C MSE H 1 -14.11 -31.18 -13.02
O MSE H 1 -14.17 -32.40 -12.82
CB MSE H 1 -16.36 -30.22 -12.45
CG MSE H 1 -16.23 -28.88 -11.71
SE MSE H 1 -16.61 -29.03 -9.78
CE MSE H 1 -18.59 -29.11 -9.88
N ASP H 2 -13.02 -30.44 -12.78
CA ASP H 2 -11.77 -31.00 -12.26
C ASP H 2 -11.78 -31.15 -10.73
N ASP H 3 -10.75 -31.84 -10.24
CA ASP H 3 -10.51 -32.05 -8.81
C ASP H 3 -9.73 -30.87 -8.21
N ARG H 4 -8.88 -30.24 -9.02
CA ARG H 4 -8.13 -29.08 -8.59
C ARG H 4 -9.05 -27.87 -8.42
N LEU H 5 -10.00 -27.69 -9.34
CA LEU H 5 -10.97 -26.59 -9.23
C LEU H 5 -11.79 -26.72 -7.94
N PHE H 6 -12.24 -27.93 -7.65
CA PHE H 6 -12.99 -28.23 -6.43
C PHE H 6 -12.15 -27.97 -5.16
N ARG H 7 -10.91 -28.44 -5.17
CA ARG H 7 -10.00 -28.23 -4.05
C ARG H 7 -9.70 -26.77 -3.85
N ASN H 8 -9.50 -26.04 -4.94
CA ASN H 8 -9.25 -24.60 -4.87
C ASN H 8 -10.46 -23.87 -4.27
N ALA H 9 -11.65 -24.28 -4.70
CA ALA H 9 -12.88 -23.69 -4.23
C ALA H 9 -13.03 -23.95 -2.74
N MSE H 10 -12.84 -25.20 -2.33
CA MSE H 10 -12.97 -25.59 -0.94
C MSE H 10 -11.97 -24.86 -0.08
O MSE H 10 -12.27 -24.50 1.06
CB MSE H 10 -12.76 -27.10 -0.79
CG MSE H 10 -13.83 -27.95 -1.38
SE MSE H 10 -15.70 -27.50 -0.91
CE MSE H 10 -16.16 -26.67 -2.71
N GLY H 11 -10.79 -24.61 -0.63
CA GLY H 11 -9.78 -23.86 0.08
C GLY H 11 -10.13 -22.41 0.30
N LYS H 12 -11.18 -21.92 -0.36
CA LYS H 12 -11.58 -20.52 -0.17
C LYS H 12 -12.42 -20.36 1.10
N PHE H 13 -12.73 -21.50 1.75
CA PHE H 13 -13.36 -21.42 3.06
C PHE H 13 -12.31 -21.53 4.14
N ALA H 14 -12.00 -20.42 4.77
CA ALA H 14 -10.95 -20.37 5.78
C ALA H 14 -11.35 -21.17 7.00
N THR H 15 -10.37 -21.81 7.65
CA THR H 15 -10.65 -22.52 8.89
C THR H 15 -9.52 -22.34 9.87
N GLY H 16 -9.78 -22.72 11.12
CA GLY H 16 -8.70 -23.03 12.03
C GLY H 16 -8.14 -24.38 11.64
N VAL H 17 -7.22 -24.87 12.44
CA VAL H 17 -6.57 -26.15 12.21
C VAL H 17 -6.63 -26.88 13.53
N THR H 18 -6.96 -28.16 13.47
CA THR H 18 -6.97 -29.00 14.65
C THR H 18 -6.12 -30.23 14.46
N VAL H 19 -5.78 -30.88 15.57
CA VAL H 19 -5.33 -32.26 15.51
C VAL H 19 -6.35 -33.10 16.23
N ILE H 20 -6.83 -34.16 15.59
CA ILE H 20 -7.75 -35.09 16.19
C ILE H 20 -6.89 -36.13 16.84
N THR H 21 -7.12 -36.39 18.13
CA THR H 21 -6.37 -37.44 18.81
C THR H 21 -7.30 -38.50 19.37
N THR H 22 -6.74 -39.69 19.55
CA THR H 22 -7.40 -40.77 20.26
C THR H 22 -6.35 -41.72 20.85
N GLU H 23 -6.82 -42.67 21.67
CA GLU H 23 -5.94 -43.64 22.29
C GLU H 23 -6.49 -45.02 22.00
N LEU H 24 -5.63 -45.88 21.49
CA LEU H 24 -5.97 -47.27 21.30
C LEU H 24 -4.96 -48.15 22.03
N ASN H 25 -5.52 -48.84 23.01
CA ASN H 25 -4.81 -49.75 23.90
C ASN H 25 -3.43 -49.20 24.27
N GLY H 26 -3.43 -47.98 24.79
CA GLY H 26 -2.24 -47.33 25.29
C GLY H 26 -1.60 -46.35 24.33
N ALA H 27 -1.55 -46.70 23.05
CA ALA H 27 -0.90 -45.85 22.06
C ALA H 27 -1.74 -44.62 21.68
N VAL H 28 -1.06 -43.49 21.54
CA VAL H 28 -1.69 -42.23 21.16
C VAL H 28 -1.56 -42.03 19.66
N HIS H 29 -2.68 -41.79 19.00
CA HIS H 29 -2.67 -41.46 17.59
C HIS H 29 -3.29 -40.09 17.33
N GLY H 30 -2.69 -39.36 16.38
CA GLY H 30 -3.12 -38.02 16.03
C GLY H 30 -3.20 -37.84 14.51
N MSE H 31 -4.10 -36.95 14.08
CA MSE H 31 -4.24 -36.60 12.67
C MSE H 31 -4.71 -35.14 12.50
O MSE H 31 -5.69 -34.73 13.09
CB MSE H 31 -5.21 -37.54 11.99
CG MSE H 31 -5.21 -37.46 10.46
SE MSE H 31 -6.89 -38.16 9.78
CE MSE H 31 -6.47 -38.12 8.00
N THR H 32 -3.97 -34.37 11.70
CA THR H 32 -4.36 -33.00 11.35
C THR H 32 -5.65 -33.00 10.54
N ALA H 33 -6.55 -32.13 10.93
CA ALA H 33 -7.88 -32.06 10.32
C ALA H 33 -8.36 -30.62 10.38
N ASN H 34 -8.97 -30.16 9.30
CA ASN H 34 -9.69 -28.90 9.41
C ASN H 34 -11.15 -29.09 9.12
N ALA H 35 -11.55 -30.30 8.70
CA ALA H 35 -12.95 -30.63 8.47
C ALA H 35 -13.57 -31.00 9.81
N PHE H 36 -13.84 -29.96 10.59
CA PHE H 36 -14.42 -30.06 11.93
C PHE H 36 -15.51 -28.98 12.01
N MSE H 37 -16.54 -29.22 12.82
CA MSE H 37 -17.52 -28.18 13.09
C MSE H 37 -18.31 -28.43 14.36
O MSE H 37 -18.48 -29.58 14.81
CB MSE H 37 -18.48 -28.01 11.91
CG MSE H 37 -19.27 -29.28 11.56
SE MSE H 37 -20.85 -28.91 10.40
CE MSE H 37 -22.06 -30.02 11.29
N SER H 38 -18.84 -27.34 14.91
CA SER H 38 -19.88 -27.45 15.92
C SER H 38 -21.18 -27.89 15.26
N VAL H 39 -21.86 -28.86 15.87
CA VAL H 39 -23.08 -29.40 15.30
C VAL H 39 -24.31 -28.97 16.09
N SER H 40 -24.34 -29.36 17.36
CA SER H 40 -25.54 -29.25 18.16
C SER H 40 -25.24 -28.70 19.55
N LEU H 41 -26.19 -27.92 20.07
CA LEU H 41 -26.09 -27.31 21.39
C LEU H 41 -26.71 -28.19 22.48
N ASN H 42 -27.93 -28.70 22.24
CA ASN H 42 -28.58 -29.70 23.11
C ASN H 42 -28.98 -30.91 22.30
N PRO H 43 -28.26 -32.04 22.43
CA PRO H 43 -27.09 -32.18 23.30
C PRO H 43 -25.85 -31.53 22.68
N LYS H 44 -24.75 -31.51 23.41
CA LYS H 44 -23.53 -30.86 22.94
C LYS H 44 -22.79 -31.78 21.97
N LEU H 45 -22.98 -31.53 20.67
CA LEU H 45 -22.40 -32.37 19.63
C LEU H 45 -21.47 -31.59 18.73
N VAL H 46 -20.51 -32.33 18.21
CA VAL H 46 -19.43 -31.83 17.40
C VAL H 46 -19.28 -32.88 16.28
N LEU H 47 -18.64 -32.54 15.18
CA LEU H 47 -18.44 -33.50 14.10
C LEU H 47 -17.05 -33.36 13.49
N VAL H 48 -16.46 -34.48 13.13
CA VAL H 48 -15.22 -34.50 12.40
C VAL H 48 -15.31 -35.42 11.16
N SER H 49 -14.56 -35.11 10.11
CA SER H 49 -14.67 -35.87 8.86
C SER H 49 -13.34 -36.49 8.48
N ILE H 50 -13.34 -37.82 8.38
CA ILE H 50 -12.11 -38.58 8.19
C ILE H 50 -12.13 -39.40 6.90
N GLY H 51 -11.05 -39.32 6.13
CA GLY H 51 -10.96 -39.99 4.85
C GLY H 51 -10.94 -41.50 5.01
N GLU H 52 -11.50 -42.20 4.04
CA GLU H 52 -11.61 -43.67 4.08
C GLU H 52 -10.27 -44.40 4.16
N LYS H 53 -9.20 -43.80 3.66
CA LYS H 53 -7.89 -44.43 3.65
C LYS H 53 -7.03 -44.02 4.86
N ALA H 54 -7.60 -43.19 5.74
CA ALA H 54 -6.82 -42.70 6.88
C ALA H 54 -6.75 -43.74 7.99
N LYS H 55 -5.53 -43.94 8.49
CA LYS H 55 -5.31 -44.81 9.64
C LYS H 55 -6.20 -44.46 10.84
N MSE H 56 -6.42 -43.16 11.06
CA MSE H 56 -7.30 -42.67 12.12
C MSE H 56 -8.71 -43.25 12.06
O MSE H 56 -9.34 -43.44 13.10
CB MSE H 56 -7.36 -41.13 12.08
CG MSE H 56 -8.17 -40.50 13.18
SE MSE H 56 -7.41 -40.73 15.00
CE MSE H 56 -5.59 -40.39 14.61
N LEU H 57 -9.21 -43.53 10.86
CA LEU H 57 -10.58 -44.01 10.73
C LEU H 57 -10.84 -45.23 11.57
N GLU H 58 -10.04 -46.28 11.38
CA GLU H 58 -10.21 -47.52 12.14
C GLU H 58 -9.97 -47.31 13.65
N LYS H 59 -8.96 -46.50 13.98
CA LYS H 59 -8.64 -46.16 15.37
C LYS H 59 -9.86 -45.58 16.11
N ILE H 60 -10.57 -44.64 15.49
CA ILE H 60 -11.75 -44.05 16.12
C ILE H 60 -12.92 -45.04 16.14
N GLN H 61 -13.08 -45.82 15.07
CA GLN H 61 -14.11 -46.87 15.04
C GLN H 61 -14.00 -47.86 16.20
N GLN H 62 -12.77 -48.17 16.61
CA GLN H 62 -12.52 -49.05 17.74
C GLN H 62 -12.61 -48.37 19.10
N SER H 63 -11.90 -47.25 19.28
CA SER H 63 -11.86 -46.55 20.57
C SER H 63 -13.20 -45.89 20.88
N LYS H 64 -13.97 -45.61 19.83
CA LYS H 64 -15.27 -44.90 19.94
C LYS H 64 -15.16 -43.52 20.62
N LYS H 65 -13.96 -42.94 20.61
CA LYS H 65 -13.76 -41.63 21.19
C LYS H 65 -12.70 -40.83 20.42
N TYR H 66 -12.72 -39.51 20.56
CA TYR H 66 -11.67 -38.66 20.01
C TYR H 66 -11.66 -37.29 20.70
N ALA H 67 -10.51 -36.65 20.69
CA ALA H 67 -10.40 -35.27 21.16
C ALA H 67 -10.04 -34.42 19.96
N VAL H 68 -10.51 -33.17 19.99
CA VAL H 68 -10.19 -32.20 18.97
C VAL H 68 -9.28 -31.17 19.61
N ASN H 69 -8.08 -30.98 19.06
CA ASN H 69 -7.13 -30.04 19.62
C ASN H 69 -7.00 -28.87 18.64
N ILE H 70 -7.58 -27.73 18.99
CA ILE H 70 -7.49 -26.56 18.14
C ILE H 70 -6.13 -25.92 18.33
N LEU H 71 -5.45 -25.69 17.21
CA LEU H 71 -4.06 -25.28 17.24
C LEU H 71 -3.91 -23.77 17.27
N SER H 72 -2.96 -23.32 18.07
CA SER H 72 -2.63 -21.91 18.16
C SER H 72 -1.68 -21.59 17.02
N GLN H 73 -1.47 -20.29 16.79
CA GLN H 73 -0.54 -19.70 15.83
C GLN H 73 0.86 -20.26 15.98
N ASP H 74 1.18 -20.68 17.19
CA ASP H 74 2.53 -21.13 17.51
C ASP H 74 2.75 -22.60 17.24
N GLN H 75 1.80 -23.27 16.58
CA GLN H 75 1.79 -24.74 16.49
C GLN H 75 1.72 -25.24 15.06
N LYS H 76 2.29 -24.47 14.13
CA LYS H 76 2.33 -24.81 12.73
C LYS H 76 3.13 -26.11 12.53
N VAL H 77 4.18 -26.32 13.32
CA VAL H 77 4.98 -27.54 13.23
C VAL H 77 4.18 -28.78 13.62
N LEU H 78 3.31 -28.62 14.63
CA LEU H 78 2.40 -29.72 14.97
C LEU H 78 1.43 -30.07 13.85
N SER H 79 0.86 -29.06 13.23
CA SER H 79 -0.03 -29.27 12.09
C SER H 79 0.64 -30.15 10.99
N MSE H 80 1.78 -29.68 10.52
CA MSE H 80 2.62 -30.42 9.57
C MSE H 80 2.98 -31.84 10.03
O MSE H 80 2.87 -32.77 9.24
CB MSE H 80 3.90 -29.62 9.30
CG MSE H 80 3.63 -28.26 8.73
SE MSE H 80 5.26 -27.26 8.30
CE MSE H 80 5.80 -26.78 9.90
N ASN H 81 3.37 -31.97 11.30
CA ASN H 81 3.66 -33.27 11.89
C ASN H 81 2.51 -34.25 11.73
N PHE H 82 1.33 -33.85 12.19
CA PHE H 82 0.22 -34.78 12.21
C PHE H 82 -0.48 -34.87 10.86
N ALA H 83 0.07 -34.13 9.88
CA ALA H 83 -0.39 -34.23 8.50
C ALA H 83 0.51 -35.12 7.65
N GLY H 84 1.53 -35.72 8.25
CA GLY H 84 2.42 -36.62 7.55
C GLY H 84 3.38 -35.86 6.65
N GLN H 85 3.68 -34.62 6.99
CA GLN H 85 4.49 -33.77 6.13
C GLN H 85 5.95 -33.57 6.57
N LEU H 86 6.34 -34.21 7.67
CA LEU H 86 7.72 -34.15 8.14
C LEU H 86 8.34 -35.54 8.02
N GLU H 87 9.60 -35.57 7.57
CA GLU H 87 10.36 -36.82 7.46
C GLU H 87 10.55 -37.50 8.81
N LYS H 88 10.83 -36.72 9.84
CA LYS H 88 10.96 -37.26 11.19
C LYS H 88 9.88 -36.72 12.11
N PRO H 89 9.12 -37.60 12.77
CA PRO H 89 8.06 -37.13 13.68
C PRO H 89 8.68 -36.32 14.81
N VAL H 90 7.95 -35.32 15.30
CA VAL H 90 8.41 -34.59 16.47
C VAL H 90 7.91 -35.30 17.74
N ASP H 91 8.57 -35.01 18.85
CA ASP H 91 8.21 -35.56 20.15
C ASP H 91 7.15 -34.61 20.73
N VAL H 92 5.89 -35.06 20.66
CA VAL H 92 4.76 -34.23 21.05
C VAL H 92 4.46 -34.44 22.52
N GLN H 93 4.23 -33.32 23.20
CA GLN H 93 3.85 -33.29 24.62
C GLN H 93 2.34 -33.44 24.78
N PHE H 94 1.92 -34.60 25.28
CA PHE H 94 0.50 -34.87 25.54
C PHE H 94 0.14 -34.68 27.01
N GLU H 95 -1.12 -34.35 27.26
CA GLU H 95 -1.70 -34.38 28.59
C GLU H 95 -3.06 -35.08 28.43
N GLU H 96 -3.93 -34.98 29.41
CA GLU H 96 -5.13 -35.77 29.42
C GLU H 96 -6.33 -34.92 29.68
N LEU H 97 -7.45 -35.26 29.05
CA LEU H 97 -8.72 -34.59 29.28
C LEU H 97 -9.85 -35.53 28.93
N GLY H 98 -10.75 -35.75 29.89
CA GLY H 98 -11.85 -36.68 29.72
C GLY H 98 -11.42 -38.07 29.29
N GLY H 99 -10.25 -38.48 29.72
CA GLY H 99 -9.72 -39.80 29.38
C GLY H 99 -9.14 -39.89 27.99
N LEU H 100 -8.96 -38.75 27.33
CA LEU H 100 -8.31 -38.70 26.01
C LEU H 100 -6.97 -38.00 26.09
N PRO H 101 -6.02 -38.38 25.24
CA PRO H 101 -4.77 -37.62 25.10
C PRO H 101 -5.03 -36.31 24.34
N VAL H 102 -4.51 -35.22 24.87
CA VAL H 102 -4.72 -33.94 24.25
C VAL H 102 -3.37 -33.28 24.14
N ILE H 103 -3.26 -32.25 23.30
CA ILE H 103 -2.00 -31.58 23.06
C ILE H 103 -1.83 -30.37 23.99
N LYS H 104 -0.70 -30.38 24.70
CA LYS H 104 -0.32 -29.31 25.60
C LYS H 104 -0.21 -27.98 24.85
N ASP H 105 -0.75 -26.92 25.46
CA ASP H 105 -0.70 -25.57 24.91
C ASP H 105 -1.54 -25.35 23.64
N ALA H 106 -2.45 -26.28 23.35
CA ALA H 106 -3.41 -26.10 22.27
C ALA H 106 -4.20 -24.84 22.58
N LEU H 107 -4.73 -24.19 21.56
CA LEU H 107 -5.69 -23.10 21.79
C LEU H 107 -6.89 -23.59 22.58
N ALA H 108 -7.43 -24.75 22.20
CA ALA H 108 -8.57 -25.36 22.89
C ALA H 108 -8.48 -26.86 22.80
N GLN H 109 -9.07 -27.55 23.77
CA GLN H 109 -9.11 -29.00 23.74
C GLN H 109 -10.54 -29.43 24.03
N ILE H 110 -11.05 -30.36 23.23
CA ILE H 110 -12.44 -30.77 23.35
C ILE H 110 -12.47 -32.27 23.26
N SER H 111 -12.89 -32.96 24.32
CA SER H 111 -12.94 -34.43 24.35
C SER H 111 -14.34 -34.90 24.08
N CYS H 112 -14.46 -35.97 23.29
CA CYS H 112 -15.74 -36.45 22.79
C CYS H 112 -15.89 -37.98 22.83
N GLN H 113 -17.14 -38.43 22.94
CA GLN H 113 -17.49 -39.84 22.76
C GLN H 113 -18.35 -39.96 21.51
N VAL H 114 -17.99 -40.88 20.62
CA VAL H 114 -18.67 -41.07 19.33
C VAL H 114 -20.08 -41.52 19.59
N VAL H 115 -21.06 -40.80 19.05
CA VAL H 115 -22.47 -41.20 19.18
C VAL H 115 -23.14 -41.62 17.86
N ASN H 116 -22.50 -41.30 16.73
CA ASN H 116 -22.98 -41.66 15.40
C ASN H 116 -21.82 -41.69 14.40
N GLU H 117 -21.98 -42.46 13.34
CA GLU H 117 -20.96 -42.63 12.33
C GLU H 117 -21.64 -42.73 10.97
N VAL H 118 -21.41 -41.74 10.10
CA VAL H 118 -22.14 -41.64 8.83
C VAL H 118 -21.15 -41.59 7.69
N GLN H 119 -21.24 -42.55 6.77
CA GLN H 119 -20.39 -42.53 5.57
C GLN H 119 -20.93 -41.49 4.61
N ALA H 120 -20.02 -40.74 4.01
CA ALA H 120 -20.36 -39.69 3.08
C ALA H 120 -19.29 -39.62 1.99
N GLY H 121 -19.57 -40.25 0.85
CA GLY H 121 -18.60 -40.45 -0.21
C GLY H 121 -17.26 -40.99 0.27
N ASP H 122 -16.21 -40.26 -0.08
CA ASP H 122 -14.81 -40.51 0.30
C ASP H 122 -14.47 -40.63 1.80
N HIS H 123 -15.43 -40.28 2.67
CA HIS H 123 -15.11 -39.90 4.04
C HIS H 123 -16.15 -40.48 4.99
N THR H 124 -15.80 -40.52 6.27
CA THR H 124 -16.75 -40.85 7.32
C THR H 124 -16.85 -39.70 8.34
N LEU H 125 -18.07 -39.36 8.71
CA LEU H 125 -18.36 -38.32 9.67
C LEU H 125 -18.57 -38.98 11.02
N PHE H 126 -17.75 -38.60 11.99
CA PHE H 126 -17.90 -39.11 13.34
C PHE H 126 -18.47 -37.99 14.17
N ILE H 127 -19.73 -38.18 14.55
CA ILE H 127 -20.43 -37.23 15.39
C ILE H 127 -20.11 -37.55 16.84
N GLY H 128 -19.66 -36.54 17.58
CA GLY H 128 -19.15 -36.74 18.94
C GLY H 128 -19.89 -35.91 19.98
N GLU H 129 -20.15 -36.51 21.13
CA GLU H 129 -20.74 -35.79 22.23
C GLU H 129 -19.63 -35.31 23.13
N VAL H 130 -19.64 -34.02 23.43
CA VAL H 130 -18.57 -33.39 24.16
C VAL H 130 -18.69 -33.66 25.67
N THR H 131 -17.63 -34.22 26.27
CA THR H 131 -17.63 -34.48 27.70
C THR H 131 -16.83 -33.45 28.49
N ASP H 132 -15.76 -32.94 27.89
CA ASP H 132 -14.84 -32.03 28.55
C ASP H 132 -14.28 -30.96 27.61
N ILE H 133 -13.99 -29.78 28.16
CA ILE H 133 -13.53 -28.65 27.39
C ILE H 133 -12.45 -27.90 28.16
N LYS H 134 -11.40 -27.49 27.47
CA LYS H 134 -10.41 -26.56 28.03
C LYS H 134 -10.10 -25.51 26.99
N ILE H 135 -10.09 -24.23 27.39
CA ILE H 135 -9.90 -23.12 26.46
C ILE H 135 -8.79 -22.21 26.97
N THR H 136 -8.07 -21.57 26.04
CA THR H 136 -7.14 -20.48 26.34
C THR H 136 -7.49 -19.29 25.45
N GLU H 137 -6.77 -18.20 25.63
CA GLU H 137 -7.00 -16.99 24.83
C GLU H 137 -5.91 -16.76 23.78
N GLN H 138 -5.26 -17.83 23.33
CA GLN H 138 -4.27 -17.71 22.27
C GLN H 138 -4.88 -17.31 20.91
N ASP H 139 -4.03 -16.83 20.01
CA ASP H 139 -4.40 -16.58 18.62
C ASP H 139 -4.32 -17.87 17.83
N PRO H 140 -5.22 -18.03 16.85
CA PRO H 140 -5.36 -19.30 16.12
C PRO H 140 -4.44 -19.47 14.92
N LEU H 141 -4.03 -20.68 14.65
CA LEU H 141 -3.48 -21.05 13.32
C LEU H 141 -4.62 -21.11 12.33
N LEU H 142 -4.48 -20.45 11.19
CA LEU H 142 -5.52 -20.45 10.19
C LEU H 142 -5.01 -21.14 8.96
N PHE H 143 -5.93 -21.63 8.13
CA PHE H 143 -5.61 -22.29 6.87
C PHE H 143 -6.55 -21.74 5.83
N PHE H 144 -5.99 -21.20 4.73
CA PHE H 144 -6.81 -20.56 3.70
C PHE H 144 -6.08 -20.58 2.38
N SER H 145 -6.75 -21.00 1.31
CA SER H 145 -6.18 -21.09 -0.03
C SER H 145 -4.90 -21.89 -0.06
N GLY H 146 -4.84 -23.00 0.69
CA GLY H 146 -3.67 -23.87 0.69
C GLY H 146 -2.51 -23.39 1.53
N LYS H 147 -2.68 -22.31 2.30
CA LYS H 147 -1.56 -21.74 3.06
C LYS H 147 -1.93 -21.51 4.52
N TYR H 148 -0.92 -21.45 5.39
CA TYR H 148 -1.09 -21.08 6.80
C TYR H 148 -1.17 -19.57 6.92
N HIS H 149 -2.03 -19.10 7.82
CA HIS H 149 -2.26 -17.67 7.97
C HIS H 149 -2.47 -17.34 9.43
N GLN H 150 -2.57 -16.04 9.71
CA GLN H 150 -2.81 -15.51 11.05
C GLN H 150 -3.94 -14.49 10.99
N LEU H 151 -4.56 -14.20 12.14
CA LEU H 151 -5.55 -13.10 12.21
C LEU H 151 -4.87 -11.75 12.17
N ALA H 152 -5.45 -10.81 11.42
CA ALA H 152 -5.00 -9.40 11.50
C ALA H 152 -5.15 -8.94 12.95
N GLN H 153 -4.12 -8.29 13.48
CA GLN H 153 -4.13 -7.86 14.88
C GLN H 153 -4.37 -6.36 15.01
PA FAD I . 34.31 34.24 -2.91
O1A FAD I . 35.54 34.50 -2.13
O2A FAD I . 34.08 35.36 -3.92
O5B FAD I . 33.11 33.98 -1.85
C5B FAD I . 32.13 34.92 -1.54
C4B FAD I . 32.17 35.28 -0.04
O4B FAD I . 31.94 34.17 0.82
C3B FAD I . 33.48 35.91 0.38
O3B FAD I . 33.22 37.28 0.59
C2B FAD I . 33.87 35.20 1.67
O2B FAD I . 34.22 36.11 2.69
C1B FAD I . 32.62 34.43 2.05
N9A FAD I . 32.95 33.17 2.76
C8A FAD I . 33.40 32.02 2.19
N7A FAD I . 33.56 31.09 3.15
C5A FAD I . 33.24 31.64 4.33
C6A FAD I . 33.25 31.13 5.64
N6A FAD I . 33.90 30.00 5.88
N1A FAD I . 32.81 31.92 6.68
C2A FAD I . 32.43 33.23 6.45
N3A FAD I . 32.45 33.75 5.16
C4A FAD I . 32.84 32.96 4.12
N1 FAD I . 27.02 32.21 -8.53
C2 FAD I . 27.00 30.94 -9.14
O2 FAD I . 28.01 30.48 -9.64
N3 FAD I . 25.85 30.19 -9.20
C4 FAD I . 24.69 30.69 -8.61
O4 FAD I . 23.75 29.91 -8.45
C4X FAD I . 24.69 31.95 -8.00
N5 FAD I . 23.54 32.48 -7.43
C5X FAD I . 23.52 33.70 -6.82
C6 FAD I . 22.33 34.18 -6.25
C7 FAD I . 22.29 35.42 -5.61
C7M FAD I . 21.11 35.74 -4.71
C8 FAD I . 23.47 36.19 -5.55
C8M FAD I . 23.50 37.46 -4.75
C9 FAD I . 24.66 35.72 -6.12
C9A FAD I . 24.69 34.47 -6.77
N10 FAD I . 25.87 33.96 -7.34
C10 FAD I . 25.87 32.71 -7.96
C1' FAD I . 27.15 34.75 -7.23
C2' FAD I . 28.07 34.18 -6.14
O2' FAD I . 27.36 33.99 -4.94
C3' FAD I . 29.33 35.07 -6.01
O3' FAD I . 29.89 35.21 -7.31
C4' FAD I . 30.36 34.60 -4.97
O4' FAD I . 31.13 35.69 -4.51
C5' FAD I . 31.36 33.61 -5.53
O5' FAD I . 32.02 32.91 -4.49
P FAD I . 33.47 32.26 -4.76
O1P FAD I . 33.34 30.79 -4.67
O2P FAD I . 34.07 32.79 -6.08
O3P FAD I . 34.40 32.77 -3.54
PA NAD J . 20.71 39.56 -11.19
O1A NAD J . 21.88 39.63 -12.13
O2A NAD J . 19.65 40.61 -11.48
O5B NAD J . 20.13 38.07 -11.29
C5B NAD J . 18.85 37.83 -11.80
C4B NAD J . 18.91 36.47 -12.49
O4B NAD J . 19.78 36.52 -13.60
C3B NAD J . 19.42 35.35 -11.58
O3B NAD J . 18.41 34.80 -10.76
C2B NAD J . 19.99 34.38 -12.59
O2B NAD J . 18.96 33.53 -13.03
C1B NAD J . 20.44 35.26 -13.75
N9A NAD J . 21.90 35.42 -13.74
C8A NAD J . 22.62 36.47 -13.20
N7A NAD J . 23.94 36.25 -13.40
C5A NAD J . 24.08 35.06 -14.03
C6A NAD J . 25.20 34.35 -14.46
N6A NAD J . 26.43 34.84 -14.26
N1A NAD J . 25.03 33.14 -15.10
C2A NAD J . 23.76 32.62 -15.30
N3A NAD J . 22.64 33.33 -14.86
C4A NAD J . 22.80 34.53 -14.25
O3 NAD J . 21.16 39.56 -9.65
PN NAD J . 22.39 40.40 -9.06
O1N NAD J . 21.88 41.01 -7.81
O2N NAD J . 23.03 41.23 -10.10
O5D NAD J . 23.46 39.26 -8.65
C5D NAD J . 24.72 39.70 -8.14
C4D NAD J . 25.86 38.94 -8.78
O4D NAD J . 25.66 37.54 -8.60
C3D NAD J . 25.98 39.23 -10.27
O3D NAD J . 27.34 39.38 -10.65
C2D NAD J . 25.40 37.97 -10.91
O2D NAD J . 25.99 37.68 -12.14
C1D NAD J . 25.67 36.88 -9.87
N1N NAD J . 24.65 35.82 -10.00
C2N NAD J . 25.00 34.66 -10.62
C3N NAD J . 24.07 33.64 -10.78
C7N NAD J . 24.51 32.36 -11.47
O7N NAD J . 23.59 31.31 -11.67
N7N NAD J . 25.77 32.28 -11.87
C4N NAD J . 22.77 33.79 -10.32
C5N NAD J . 22.42 34.99 -9.70
C6N NAD J . 23.37 36.00 -9.54
PA FAD K . 0.50 15.06 -19.74
O1A FAD K . -0.51 14.53 -20.70
O2A FAD K . 0.42 14.32 -18.38
O5B FAD K . 0.34 16.70 -19.66
C5B FAD K . -0.28 17.36 -18.59
C4B FAD K . -1.47 18.19 -19.06
O4B FAD K . -1.13 19.17 -20.02
C3B FAD K . -2.58 17.34 -19.66
O3B FAD K . -3.63 17.30 -18.72
C2B FAD K . -2.97 18.06 -20.95
O2B FAD K . -4.36 18.23 -21.09
C1B FAD K . -2.28 19.41 -20.83
N9A FAD K . -1.90 19.94 -22.17
C8A FAD K . -0.80 19.56 -22.91
N7A FAD K . -0.77 20.29 -24.05
C5A FAD K . -1.84 21.12 -24.06
C6A FAD K . -2.29 22.06 -24.99
N6A FAD K . -1.78 22.09 -26.22
N1A FAD K . -3.44 22.82 -24.71
C2A FAD K . -4.12 22.61 -23.52
N3A FAD K . -3.68 21.66 -22.62
C4A FAD K . -2.55 20.93 -22.88
N1 FAD K . 7.51 17.41 -13.86
C2 FAD K . 8.82 17.34 -14.37
O2 FAD K . 9.15 16.36 -15.07
N3 FAD K . 9.73 18.37 -14.09
C4 FAD K . 9.31 19.44 -13.29
O4 FAD K . 10.00 20.45 -13.25
C4X FAD K . 8.00 19.50 -12.79
N5 FAD K . 7.59 20.55 -11.98
C5X FAD K . 6.29 20.62 -11.49
C6 FAD K . 5.94 21.72 -10.71
C7 FAD K . 4.64 21.85 -10.19
C7M FAD K . 4.25 23.21 -9.66
C8 FAD K . 3.71 20.85 -10.49
C8M FAD K . 2.27 21.01 -10.09
C9 FAD K . 4.07 19.74 -11.28
C9A FAD K . 5.37 19.62 -11.79
N10 FAD K . 5.78 18.52 -12.58
C10 FAD K . 7.08 18.47 -13.07
C1' FAD K . 4.83 17.41 -12.96
C2' FAD K . 4.26 17.61 -14.38
O2' FAD K . 3.79 18.95 -14.55
C3' FAD K . 3.19 16.54 -14.67
O3' FAD K . 3.71 15.25 -14.38
C4' FAD K . 2.61 16.56 -16.10
O4' FAD K . 1.29 16.04 -16.08
C5' FAD K . 3.41 15.72 -17.09
O5' FAD K . 3.13 16.08 -18.43
P FAD K . 3.36 15.00 -19.63
O1P FAD K . 4.44 15.47 -20.52
O2P FAD K . 3.64 13.58 -19.09
O3P FAD K . 1.96 14.97 -20.45
PA NAD L . 5.56 18.39 -4.07
O1A NAD L . 5.79 16.95 -4.35
O2A NAD L . 5.27 18.70 -2.58
O5B NAD L . 6.83 19.22 -4.61
C5B NAD L . 7.68 19.91 -3.74
C4B NAD L . 9.09 19.73 -4.31
O4B NAD L . 9.50 18.37 -4.27
C3B NAD L . 9.22 20.20 -5.75
O3B NAD L . 9.46 21.59 -5.88
C2B NAD L . 10.39 19.37 -6.24
O2B NAD L . 11.59 20.06 -5.99
C1B NAD L . 10.33 18.11 -5.41
N9A NAD L . 9.80 16.99 -6.22
C8A NAD L . 8.49 16.55 -6.27
N7A NAD L . 8.43 15.52 -7.15
C5A NAD L . 9.66 15.29 -7.68
C6A NAD L . 10.15 14.37 -8.63
N6A NAD L . 9.32 13.48 -9.17
N1A NAD L . 11.49 14.39 -8.96
C2A NAD L . 12.34 15.33 -8.38
N3A NAD L . 11.86 16.24 -7.45
C4A NAD L . 10.53 16.22 -7.10
O3 NAD L . 4.45 19.04 -5.04
PN NAD L . 3.11 18.30 -5.52
O1N NAD L . 2.03 19.32 -5.44
O2N NAD L . 3.00 16.96 -4.85
O5D NAD L . 3.35 18.03 -7.09
C5D NAD L . 2.38 17.33 -7.84
C4D NAD L . 3.05 16.30 -8.76
O4D NAD L . 4.02 16.91 -9.63
C3D NAD L . 3.75 15.21 -7.97
O3D NAD L . 3.46 13.96 -8.55
C2D NAD L . 5.22 15.54 -8.15
O2D NAD L . 6.07 14.41 -8.14
C1D NAD L . 5.28 16.28 -9.49
N1N NAD L . 6.43 17.22 -9.43
C2N NAD L . 7.56 16.87 -10.09
C3N NAD L . 8.69 17.70 -10.06
C7N NAD L . 9.93 17.27 -10.81
O7N NAD L . 11.10 18.06 -10.82
N7N NAD L . 9.91 16.11 -11.49
C4N NAD L . 8.63 18.90 -9.33
C5N NAD L . 7.47 19.24 -8.66
C6N NAD L . 6.35 18.40 -8.70
PA FAD M . 33.34 -22.10 -24.78
O1A FAD M . 33.70 -22.06 -26.21
O2A FAD M . 34.28 -23.04 -24.01
O5B FAD M . 31.75 -22.40 -24.68
C5B FAD M . 31.18 -23.66 -24.42
C4B FAD M . 30.32 -24.18 -25.59
O4B FAD M . 29.25 -23.30 -25.92
C3B FAD M . 31.11 -24.40 -26.88
O3B FAD M . 31.25 -25.78 -27.08
C2B FAD M . 30.24 -23.78 -27.97
O2B FAD M . 30.03 -24.64 -29.06
C1B FAD M . 28.92 -23.50 -27.29
N9A FAD M . 28.26 -22.32 -27.86
C8A FAD M . 28.54 -21.01 -27.58
N7A FAD M . 27.70 -20.21 -28.29
C5A FAD M . 26.90 -20.99 -29.02
C6A FAD M . 25.87 -20.68 -29.92
N6A FAD M . 25.71 -19.42 -30.33
N1A FAD M . 25.20 -21.70 -30.52
C2A FAD M . 25.53 -23.03 -30.26
N3A FAD M . 26.54 -23.34 -29.39
C4A FAD M . 27.22 -22.33 -28.77
N1 FAD M . 31.56 -21.89 -15.50
C2 FAD M . 31.56 -20.66 -14.87
O2 FAD M . 32.43 -19.84 -15.11
N3 FAD M . 30.58 -20.35 -13.93
C4 FAD M . 29.60 -21.28 -13.64
O4 FAD M . 28.61 -20.91 -13.02
C4X FAD M . 29.59 -22.51 -14.29
N5 FAD M . 28.62 -23.44 -14.01
C5X FAD M . 28.59 -24.69 -14.64
C6 FAD M . 27.57 -25.61 -14.32
C7 FAD M . 27.51 -26.85 -14.94
C7M FAD M . 26.25 -27.66 -14.86
C8 FAD M . 28.48 -27.18 -15.89
C8M FAD M . 28.39 -28.49 -16.63
C9 FAD M . 29.52 -26.27 -16.22
C9A FAD M . 29.58 -25.01 -15.60
N10 FAD M . 30.59 -24.06 -15.87
C10 FAD M . 30.59 -22.83 -15.23
C1' FAD M . 31.68 -24.32 -16.88
C2' FAD M . 31.34 -23.67 -18.25
O2' FAD M . 29.96 -23.84 -18.59
C3' FAD M . 32.34 -24.16 -19.31
O3' FAD M . 33.66 -23.93 -18.81
C4' FAD M . 32.22 -23.52 -20.70
O4' FAD M . 32.84 -24.35 -21.66
C5' FAD M . 32.90 -22.15 -20.78
O5' FAD M . 32.40 -21.40 -21.86
P FAD M . 33.34 -20.27 -22.57
O1P FAD M . 32.71 -18.96 -22.32
O2P FAD M . 34.80 -20.38 -22.07
O3P FAD M . 33.32 -20.60 -24.17
PA NAD N . 31.64 -30.44 -10.35
O1A NAD N . 33.03 -29.98 -10.48
O2A NAD N . 31.50 -31.76 -9.57
O5B NAD N . 30.78 -29.25 -9.71
C5B NAD N . 30.15 -29.41 -8.47
C4B NAD N . 30.23 -28.04 -7.79
O4B NAD N . 31.57 -27.67 -7.55
C3B NAD N . 29.59 -26.94 -8.64
O3B NAD N . 28.19 -26.84 -8.43
C2B NAD N . 30.34 -25.72 -8.15
O2B NAD N . 29.72 -25.18 -7.03
C1B NAD N . 31.71 -26.25 -7.72
N9A NAD N . 32.73 -25.92 -8.73
C8A NAD N . 33.19 -26.74 -9.74
N7A NAD N . 34.11 -26.05 -10.44
C5A NAD N . 34.26 -24.81 -9.92
C6A NAD N . 35.08 -23.72 -10.24
N6A NAD N . 35.94 -23.78 -11.26
N1A NAD N . 35.00 -22.57 -9.48
C2A NAD N . 34.12 -22.49 -8.42
N3A NAD N . 33.32 -23.56 -8.08
C4A NAD N . 33.39 -24.71 -8.83
O3 NAD N . 30.88 -30.53 -11.77
PN NAD N . 31.57 -31.04 -13.13
O1N NAD N . 30.57 -31.93 -13.79
O2N NAD N . 32.94 -31.51 -12.84
O5D NAD N . 31.65 -29.67 -13.99
C5D NAD N . 32.22 -29.70 -15.30
C4D NAD N . 33.19 -28.54 -15.50
O4D NAD N . 32.52 -27.29 -15.33
C3D NAD N . 34.34 -28.58 -14.51
O3D NAD N . 35.53 -28.25 -15.18
C2D NAD N . 33.99 -27.51 -13.49
O2D NAD N . 35.11 -26.90 -12.90
C1D NAD N . 33.15 -26.51 -14.31
N1N NAD N . 32.21 -25.84 -13.38
C2N NAD N . 32.49 -24.56 -13.01
C3N NAD N . 31.64 -23.90 -12.10
C7N NAD N . 31.93 -22.49 -11.71
O7N NAD N . 31.09 -21.82 -10.80
N7N NAD N . 33.00 -21.90 -12.25
C4N NAD N . 30.53 -24.56 -11.58
C5N NAD N . 30.27 -25.88 -11.96
C6N NAD N . 31.11 -26.52 -12.86
PA FAD O . 15.80 -13.08 12.68
O1A FAD O . 15.62 -12.80 14.13
O2A FAD O . 14.56 -12.57 11.89
O5B FAD O . 16.12 -14.67 12.52
C5B FAD O . 15.22 -15.62 12.00
C4B FAD O . 14.99 -16.71 13.04
O4B FAD O . 16.18 -17.42 13.40
C3B FAD O . 14.37 -16.19 14.33
O3B FAD O . 13.03 -16.67 14.38
C2B FAD O . 15.22 -16.77 15.45
O2B FAD O . 14.42 -17.38 16.46
C1B FAD O . 16.03 -17.84 14.75
N9A FAD O . 17.34 -18.05 15.40
C8A FAD O . 18.45 -17.25 15.26
N7A FAD O . 19.45 -17.78 15.98
C5A FAD O . 19.01 -18.91 16.58
C6A FAD O . 19.65 -19.84 17.42
N6A FAD O . 20.86 -19.55 17.89
N1A FAD O . 18.95 -20.93 17.90
C2A FAD O . 17.61 -21.11 17.53
N3A FAD O . 16.97 -20.19 16.70
C4A FAD O . 17.67 -19.11 16.22
N1 FAD O . 17.30 -13.72 3.31
C2 FAD O . 18.49 -13.19 2.83
O2 FAD O . 18.80 -12.07 3.24
N3 FAD O . 19.27 -13.88 1.91
C4 FAD O . 18.84 -15.13 1.47
O4 FAD O . 19.56 -15.81 0.74
C4X FAD O . 17.63 -15.67 1.97
N5 FAD O . 17.18 -16.91 1.53
C5X FAD O . 16.01 -17.47 2.04
C6 FAD O . 15.60 -18.73 1.58
C7 FAD O . 14.41 -19.32 2.04
C7M FAD O . 14.20 -20.79 1.75
C8 FAD O . 13.65 -18.62 2.98
C8M FAD O . 12.46 -19.30 3.58
C9 FAD O . 14.04 -17.35 3.44
C9A FAD O . 15.23 -16.76 2.97
N10 FAD O . 15.68 -15.48 3.39
C10 FAD O . 16.87 -14.96 2.88
C1' FAD O . 14.97 -14.68 4.44
C2' FAD O . 15.60 -14.85 5.83
O2' FAD O . 15.78 -16.23 6.08
C3' FAD O . 14.71 -14.21 6.92
O3' FAD O . 14.39 -12.87 6.51
C4' FAD O . 15.26 -14.24 8.37
O4' FAD O . 14.20 -14.18 9.31
C5' FAD O . 16.18 -13.06 8.65
O5' FAD O . 16.99 -13.33 9.79
P FAD O . 17.61 -12.12 10.67
O1P FAD O . 19.09 -12.08 10.47
O2P FAD O . 16.99 -10.75 10.30
O3P FAD O . 17.23 -12.44 12.21
PA NAD P . 9.82 -16.48 -2.68
O1A NAD P . 9.71 -15.02 -2.43
O2A NAD P . 8.75 -17.07 -3.62
O5B NAD P . 11.31 -16.76 -3.25
C5B NAD P . 11.52 -17.28 -4.52
C4B NAD P . 12.78 -16.61 -5.04
O4B NAD P . 12.63 -15.19 -5.18
C3B NAD P . 13.96 -16.83 -4.10
O3B NAD P . 14.59 -18.07 -4.31
C2B NAD P . 14.84 -15.64 -4.44
O2B NAD P . 15.66 -16.00 -5.52
C1B NAD P . 13.85 -14.54 -4.86
N9A NAD P . 13.65 -13.57 -3.76
C8A NAD P . 12.66 -13.56 -2.81
N7A NAD P . 12.86 -12.51 -1.98
C5A NAD P . 13.98 -11.84 -2.37
C6A NAD P . 14.63 -10.70 -1.88
N6A NAD P . 14.14 -10.06 -0.83
N1A NAD P . 15.78 -10.25 -2.52
C2A NAD P . 16.28 -10.93 -3.62
N3A NAD P . 15.62 -12.05 -4.09
C4A NAD P . 14.49 -12.50 -3.49
O3 NAD P . 9.95 -17.34 -1.32
PN NAD P . 9.13 -17.04 0.03
O1N NAD P . 8.63 -18.34 0.54
O2N NAD P . 8.21 -15.89 -0.20
O5D NAD P . 10.27 -16.51 1.04
C5D NAD P . 9.88 -16.08 2.34
C4D NAD P . 10.58 -14.77 2.69
O4D NAD P . 12.00 -14.92 2.58
C3D NAD P . 10.17 -13.62 1.79
O3D NAD P . 9.97 -12.44 2.54
C2D NAD P . 11.39 -13.45 0.88
O2D NAD P . 11.58 -12.11 0.44
C1D NAD P . 12.55 -13.94 1.73
N1N NAD P . 13.61 -14.46 0.82
C2N NAD P . 14.71 -13.69 0.61
C3N NAD P . 15.71 -14.15 -0.26
C7N NAD P . 16.92 -13.29 -0.48
O7N NAD P . 17.96 -13.69 -1.36
N7N NAD P . 16.97 -12.14 0.17
C4N NAD P . 15.59 -15.38 -0.91
C5N NAD P . 14.45 -16.16 -0.67
C6N NAD P . 13.46 -15.68 0.19
PA FAD Q . -33.04 5.73 19.13
O1A FAD Q . -33.42 4.81 20.23
O2A FAD Q . -33.93 5.51 17.90
O5B FAD Q . -31.45 5.56 18.86
C5B FAD Q . -30.92 4.77 17.82
C4B FAD Q . -30.05 3.64 18.37
O4B FAD Q . -28.99 4.07 19.20
C3B FAD Q . -30.84 2.60 19.14
O3B FAD Q . -30.97 1.45 18.35
C2B FAD Q . -29.99 2.32 20.37
O2B FAD Q . -29.82 0.93 20.62
C1B FAD Q . -28.65 3.00 20.06
N9A FAD Q . -28.00 3.49 21.28
C8A FAD Q . -28.31 4.65 21.95
N7A FAD Q . -27.49 4.78 23.01
C5A FAD Q . -26.65 3.71 23.04
C6A FAD Q . -25.62 3.36 23.91
N6A FAD Q . -25.49 4.01 25.04
N1A FAD Q . -24.93 2.19 23.69
C2A FAD Q . -25.23 1.37 22.60
N3A FAD Q . -26.25 1.73 21.74
C4A FAD Q . -26.95 2.89 21.94
N1 FAD Q . -31.30 12.07 12.32
C2 FAD Q . -31.30 13.42 12.65
O2 FAD Q . -32.20 13.82 13.38
N3 FAD Q . -30.33 14.29 12.17
C4 FAD Q . -29.32 13.79 11.37
O4 FAD Q . -28.34 14.50 11.12
C4X FAD Q . -29.31 12.42 11.02
N5 FAD Q . -28.34 11.91 10.19
C5X FAD Q . -28.31 10.56 9.86
C6 FAD Q . -27.28 10.08 9.03
C7 FAD Q . -27.22 8.75 8.66
C7M FAD Q . -25.94 8.24 8.06
C8 FAD Q . -28.19 7.87 9.13
C8M FAD Q . -28.04 6.39 8.81
C9 FAD Q . -29.23 8.34 9.94
C9A FAD Q . -29.30 9.69 10.33
N10 FAD Q . -30.31 10.20 11.15
C10 FAD Q . -30.31 11.55 11.50
C1' FAD Q . -31.36 9.28 11.74
C2' FAD Q . -31.06 8.91 13.20
O2' FAD Q . -29.70 8.50 13.31
C3' FAD Q . -32.06 7.83 13.66
O3' FAD Q . -33.36 8.32 13.46
C4' FAD Q . -31.92 7.38 15.12
O4' FAD Q . -32.49 6.09 15.30
C5' FAD Q . -32.64 8.32 16.10
O5' FAD Q . -32.17 8.16 17.41
P FAD Q . -33.09 8.53 18.68
O1P FAD Q . -32.50 9.68 19.40
O2P FAD Q . -34.57 8.75 18.26
O3P FAD Q . -33.05 7.23 19.67
PA NAD R . -31.33 9.14 2.83
O1A NAD R . -32.74 9.37 3.18
O2A NAD R . -31.16 8.66 1.36
O5B NAD R . -30.51 10.49 3.15
C5B NAD R . -29.86 11.19 2.12
C4B NAD R . -29.94 12.64 2.52
O4B NAD R . -31.30 13.07 2.59
C3B NAD R . -29.31 12.90 3.89
O3B NAD R . -27.92 13.17 3.82
C2B NAD R . -30.08 14.12 4.34
O2B NAD R . -29.39 15.27 3.91
C1B NAD R . -31.44 14.02 3.64
N9A NAD R . -32.46 13.58 4.62
C8A NAD R . -32.91 12.31 4.82
N7A NAD R . -33.83 12.33 5.81
C5A NAD R . -33.98 13.60 6.25
C6A NAD R . -34.78 14.19 7.22
N6A NAD R . -35.63 13.45 7.94
N1A NAD R . -34.72 15.55 7.44
C2A NAD R . -33.85 16.34 6.70
N3A NAD R . -33.05 15.74 5.74
C4A NAD R . -33.11 14.41 5.51
O3 NAD R . -30.57 8.14 3.82
PN NAD R . -31.24 6.86 4.49
O1N NAD R . -30.26 5.76 4.35
O2N NAD R . -32.61 6.72 3.95
O5D NAD R . -31.33 7.27 6.05
C5D NAD R . -31.92 6.37 6.98
C4D NAD R . -32.90 7.11 7.89
O4D NAD R . -32.22 8.16 8.58
C3D NAD R . -34.05 7.74 7.11
O3D NAD R . -35.28 7.57 7.78
C2D NAD R . -33.70 9.22 7.10
O2D NAD R . -34.81 10.09 7.08
C1D NAD R . -32.85 9.41 8.37
N1N NAD R . -31.93 10.53 8.13
C2N NAD R . -32.21 11.73 8.70
C3N NAD R . -31.38 12.83 8.48
C7N NAD R . -31.69 14.14 9.13
O7N NAD R . -30.85 15.25 8.88
N7N NAD R . -32.75 14.24 9.90
C4N NAD R . -30.25 12.69 7.65
C5N NAD R . -29.99 11.46 7.05
C6N NAD R . -30.83 10.38 7.30
PA FAD S . -15.66 37.54 -2.81
O1A FAD S . -15.47 38.73 -3.67
O2A FAD S . -14.43 37.37 -1.88
O5B FAD S . -16.04 36.22 -3.70
C5B FAD S . -15.12 35.20 -4.00
C4B FAD S . -14.89 35.10 -5.51
O4B FAD S . -16.06 34.79 -6.24
C3B FAD S . -14.30 36.35 -6.12
O3B FAD S . -12.96 36.06 -6.46
C2B FAD S . -15.14 36.63 -7.35
O2B FAD S . -14.34 36.83 -8.51
C1B FAD S . -15.95 35.37 -7.53
N9A FAD S . -17.27 35.65 -8.13
C8A FAD S . -18.36 36.17 -7.48
N7A FAD S . -19.38 36.25 -8.37
C5A FAD S . -18.95 35.79 -9.58
C6A FAD S . -19.60 35.65 -10.81
N6A FAD S . -20.75 36.26 -11.00
N1A FAD S . -18.91 35.13 -11.89
C2A FAD S . -17.58 34.75 -11.75
N3A FAD S . -16.95 34.90 -10.52
C4A FAD S . -17.62 35.41 -9.45
N1 FAD S . -17.11 30.81 3.68
C2 FAD S . -18.27 30.89 4.44
O2 FAD S . -18.61 32.02 4.85
N3 FAD S . -19.01 29.73 4.72
C4 FAD S . -18.57 28.51 4.25
O4 FAD S . -19.30 27.51 4.32
C4X FAD S . -17.39 28.45 3.50
N5 FAD S . -16.93 27.23 3.05
C5X FAD S . -15.78 27.15 2.26
C6 FAD S . -15.36 25.89 1.79
C7 FAD S . -14.20 25.77 1.01
C7M FAD S . -14.00 24.50 0.23
C8 FAD S . -13.46 26.93 0.71
C8M FAD S . -12.26 26.83 -0.19
C9 FAD S . -13.87 28.19 1.20
C9A FAD S . -15.05 28.31 1.97
N10 FAD S . -15.50 29.55 2.46
C10 FAD S . -16.67 29.60 3.21
C1' FAD S . -14.75 30.84 2.20
C2' FAD S . -15.40 31.63 1.07
O2' FAD S . -15.65 30.79 -0.05
C3' FAD S . -14.52 32.85 0.72
O3' FAD S . -14.29 33.55 1.92
C4' FAD S . -15.10 33.81 -0.37
O4' FAD S . -14.06 34.52 -1.04
C5' FAD S . -16.04 34.86 0.20
O5' FAD S . -16.84 35.41 -0.83
P FAD S . -17.46 36.92 -0.68
O1P FAD S . -18.93 36.81 -0.54
O2P FAD S . -16.79 37.63 0.53
O3P FAD S . -17.08 37.71 -2.02
PA NAD T . -9.60 24.80 6.31
O1A NAD T . -9.46 26.06 7.07
O2A NAD T . -8.49 23.75 6.59
O5B NAD T . -11.04 24.19 6.61
C5B NAD T . -11.23 22.93 7.18
C4B NAD T . -12.48 23.08 8.03
O4B NAD T . -12.32 24.07 9.04
C3B NAD T . -13.70 23.52 7.22
O3B NAD T . -14.36 22.43 6.61
C2B NAD T . -14.55 24.20 8.27
O2B NAD T . -15.36 23.23 8.89
C1B NAD T . -13.54 24.76 9.28
N9A NAD T . -13.38 26.22 9.10
C8A NAD T . -12.40 26.87 8.39
N7A NAD T . -12.63 28.21 8.45
C5A NAD T . -13.74 28.43 9.19
C6A NAD T . -14.43 29.61 9.57
N6A NAD T . -14.00 30.84 9.23
N1A NAD T . -15.56 29.50 10.36
C2A NAD T . -16.02 28.26 10.74
N3A NAD T . -15.34 27.12 10.37
C4A NAD T . -14.23 27.19 9.61
O3 NAD T . -9.74 25.04 4.72
PN NAD T . -8.92 26.13 3.91
O1N NAD T . -8.47 25.50 2.64
O2N NAD T . -7.95 26.79 4.82
O5D NAD T . -10.06 27.22 3.49
C5D NAD T . -9.68 28.42 2.82
C4D NAD T . -10.39 29.66 3.42
O4D NAD T . -11.81 29.47 3.42
C3D NAD T . -9.96 29.89 4.87
O3D NAD T . -9.77 31.26 5.08
C2D NAD T . -11.16 29.40 5.66
O2D NAD T . -11.35 30.11 6.87
C1D NAD T . -12.33 29.60 4.73
N1N NAD T . -13.36 28.60 5.09
C2N NAD T . -14.46 29.03 5.77
C3N NAD T . -15.45 28.13 6.14
C7N NAD T . -16.67 28.61 6.88
O7N NAD T . -17.66 27.67 7.26
N7N NAD T . -16.76 29.91 7.14
C4N NAD T . -15.31 26.77 5.83
C5N NAD T . -14.18 26.35 5.13
C6N NAD T . -13.21 27.28 4.76
PA FAD U . -34.64 -15.83 9.09
O1A FAD U . -35.87 -15.17 8.68
O2A FAD U . -34.41 -15.63 10.60
O5B FAD U . -33.44 -15.31 8.15
C5B FAD U . -32.49 -14.39 8.57
C4B FAD U . -32.52 -13.15 7.69
O4B FAD U . -32.28 -13.40 6.32
C3B FAD U . -33.82 -12.38 7.77
O3B FAD U . -33.59 -11.20 8.51
C2B FAD U . -34.17 -12.05 6.34
O2B FAD U . -34.51 -10.70 6.18
C1B FAD U . -32.90 -12.38 5.57
N9A FAD U . -33.21 -12.84 4.21
C8A FAD U . -33.64 -14.08 3.85
N7A FAD U . -33.81 -14.14 2.52
C5A FAD U . -33.48 -12.92 2.01
C6A FAD U . -33.49 -12.43 0.70
N6A FAD U . -34.07 -13.14 -0.27
N1A FAD U . -33.10 -11.12 0.46
C2A FAD U . -32.71 -10.31 1.51
N3A FAD U . -32.72 -10.80 2.81
C4A FAD U . -33.11 -12.09 3.05
N1 FAD U . -27.31 -21.01 12.04
C2 FAD U . -27.26 -22.36 11.70
O2 FAD U . -28.27 -23.03 11.76
N3 FAD U . -26.09 -22.95 11.30
C4 FAD U . -24.92 -22.18 11.22
O4 FAD U . -23.93 -22.62 10.65
C4X FAD U . -24.97 -20.83 11.58
N5 FAD U . -23.82 -20.06 11.54
C5X FAD U . -23.85 -18.71 11.86
C6 FAD U . -22.68 -17.97 11.77
C7 FAD U . -22.67 -16.62 12.10
C7M FAD U . -21.49 -15.78 11.68
C8 FAD U . -23.85 -16.00 12.53
C8M FAD U . -23.87 -14.53 12.82
C9 FAD U . -25.03 -16.75 12.61
C9A FAD U . -25.04 -18.11 12.27
N10 FAD U . -26.20 -18.90 12.35
C10 FAD U . -26.17 -20.24 12.01
C1' FAD U . -27.50 -18.29 12.79
C2' FAD U . -28.43 -18.00 11.60
O2' FAD U . -27.70 -17.35 10.60
C3' FAD U . -29.67 -17.22 12.08
O3' FAD U . -30.26 -17.97 13.12
C4' FAD U . -30.71 -16.87 11.01
O4' FAD U . -31.44 -15.71 11.36
C5' FAD U . -31.71 -18.01 10.78
O5' FAD U . -32.36 -17.83 9.52
P FAD U . -33.77 -18.53 9.25
O1P FAD U . -33.60 -19.59 8.25
O2P FAD U . -34.41 -19.03 10.56
O3P FAD U . -34.70 -17.36 8.63
PA NAD V . -21.18 -17.30 19.05
O1A NAD V . -22.35 -17.87 19.75
O2A NAD V . -20.13 -16.70 20.01
O5B NAD V . -20.54 -18.43 18.14
C5B NAD V . -19.26 -18.94 18.39
C4B NAD V . -19.32 -20.41 18.02
O4B NAD V . -20.19 -21.12 18.89
C3B NAD V . -19.80 -20.65 16.59
O3B NAD V . -18.74 -20.54 15.65
C2B NAD V . -20.38 -22.04 16.70
O2B NAD V . -19.38 -22.97 16.40
C1B NAD V . -20.81 -22.18 18.15
N9A NAD V . -22.29 -22.06 18.23
C8A NAD V . -23.02 -20.91 18.50
N7A NAD V . -24.34 -21.22 18.46
C5A NAD V . -24.47 -22.53 18.13
C6A NAD V . -25.57 -23.37 17.96
N6A NAD V . -26.82 -22.91 18.09
N1A NAD V . -25.39 -24.70 17.65
C2A NAD V . -24.11 -25.20 17.50
N3A NAD V . -23.01 -24.38 17.67
C4A NAD V . -23.19 -23.08 17.99
O3 NAD V . -21.60 -16.24 17.93
PN NAD V . -22.85 -15.24 18.06
O1N NAD V . -22.32 -13.94 17.56
O2N NAD V . -23.49 -15.33 19.39
O5D NAD V . -23.90 -15.82 16.97
C5D NAD V . -25.16 -15.16 16.84
C4D NAD V . -26.30 -16.16 16.77
O4D NAD V . -26.08 -17.09 15.70
C3D NAD V . -26.44 -16.96 18.06
O3D NAD V . -27.81 -17.11 18.40
C2D NAD V . -25.87 -18.32 17.71
O2D NAD V . -26.47 -19.39 18.40
C1D NAD V . -26.10 -18.43 16.20
N1N NAD V . -25.05 -19.30 15.62
C2N NAD V . -25.38 -20.57 15.30
C3N NAD V . -24.42 -21.44 14.78
C7N NAD V . -24.81 -22.84 14.43
O7N NAD V . -23.85 -23.74 13.90
N7N NAD V . -26.06 -23.20 14.63
C4N NAD V . -23.12 -20.99 14.58
C5N NAD V . -22.79 -19.68 14.91
C6N NAD V . -23.77 -18.84 15.44
PA FAD W . -0.54 -41.02 9.36
O1A FAD W . 0.46 -42.05 9.75
O2A FAD W . -0.35 -40.64 7.87
O5B FAD W . -0.46 -39.74 10.36
C5B FAD W . 0.19 -38.54 10.01
C4B FAD W . 1.36 -38.24 10.95
O4B FAD W . 0.99 -38.16 12.31
C3B FAD W . 2.47 -39.27 10.85
O3B FAD W . 3.55 -38.65 10.19
C2B FAD W . 2.86 -39.56 12.29
O2B FAD W . 4.25 -39.45 12.52
C1B FAD W . 2.13 -38.50 13.11
N9A FAD W . 1.72 -39.02 14.43
C8A FAD W . 0.64 -39.82 14.70
N7A FAD W . 0.59 -40.08 16.02
C5A FAD W . 1.63 -39.43 16.61
C6A FAD W . 2.05 -39.36 17.94
N6A FAD W . 1.44 -40.14 18.85
N1A FAD W . 3.18 -38.60 18.25
C2A FAD W . 3.88 -37.93 17.27
N3A FAD W . 3.46 -38.02 15.95
C4A FAD W . 2.35 -38.75 15.63
N1 FAD W . -7.56 -35.40 6.40
C2 FAD W . -8.88 -35.76 6.71
O2 FAD W . -9.23 -36.95 6.56
N3 FAD W . -9.80 -34.81 7.16
C4 FAD W . -9.38 -33.49 7.28
O4 FAD W . -10.10 -32.63 7.79
C4X FAD W . -8.08 -33.13 6.98
N5 FAD W . -7.69 -31.80 7.09
C5X FAD W . -6.38 -31.41 6.83
C6 FAD W . -6.04 -30.07 7.00
C7 FAD W . -4.73 -29.63 6.72
C7M FAD W . -4.36 -28.25 7.18
C8 FAD W . -3.77 -30.56 6.31
C8M FAD W . -2.34 -30.15 6.06
C9 FAD W . -4.13 -31.93 6.14
C9A FAD W . -5.44 -32.36 6.41
N10 FAD W . -5.83 -33.71 6.27
C10 FAD W . -7.15 -34.08 6.55
C1' FAD W . -4.86 -34.74 5.82
C2' FAD W . -4.34 -35.59 7.00
O2' FAD W . -3.89 -34.73 8.04
C3' FAD W . -3.24 -36.55 6.50
O3' FAD W . -3.76 -37.29 5.40
C4' FAD W . -2.67 -37.48 7.58
O4' FAD W . -1.33 -37.85 7.30
C5' FAD W . -3.44 -38.78 7.75
O5' FAD W . -3.17 -39.40 8.98
P FAD W . -3.38 -40.99 9.18
O1P FAD W . -4.44 -41.30 10.19
O2P FAD W . -3.69 -41.68 7.82
O3P FAD W . -2.00 -41.58 9.76
PA NAD X . -5.52 -28.08 -0.16
O1A NAD X . -5.72 -29.33 -0.96
O2A NAD X . -5.21 -26.83 -1.01
O5B NAD X . -6.84 -27.84 0.74
C5B NAD X . -7.70 -26.74 0.58
C4B NAD X . -9.10 -27.27 0.83
O4B NAD X . -9.47 -28.28 -0.12
C3B NAD X . -9.25 -27.89 2.21
O3B NAD X . -9.46 -26.91 3.21
C2B NAD X . -10.41 -28.84 2.01
O2B NAD X . -11.60 -28.14 2.25
C1B NAD X . -10.34 -29.21 0.52
N9A NAD X . -9.80 -30.59 0.39
C8A NAD X . -8.48 -30.94 0.15
N7A NAD X . -8.40 -32.30 0.13
C5A NAD X . -9.63 -32.83 0.37
C6A NAD X . -10.09 -34.14 0.47
N6A NAD X . -9.28 -35.20 0.31
N1A NAD X . -11.44 -34.36 0.73
C2A NAD X . -12.30 -33.28 0.90
N3A NAD X . -11.84 -31.98 0.81
C4A NAD X . -10.52 -31.76 0.54
O3 NAD X . -4.45 -28.22 1.02
PN NAD X . -3.10 -29.11 0.92
O1N NAD X . -2.05 -28.27 1.52
O2N NAD X . -3.01 -29.68 -0.45
O5D NAD X . -3.37 -30.35 1.91
C5D NAD X . -2.39 -31.37 1.99
C4D NAD X . -3.04 -32.76 1.97
O4D NAD X . -4.03 -32.86 2.99
C3D NAD X . -3.73 -33.04 0.64
O3D NAD X . -3.45 -34.35 0.21
C2D NAD X . -5.21 -32.92 0.97
O2D NAD X . -6.03 -33.78 0.22
C1D NAD X . -5.28 -33.26 2.46
N1N NAD X . -6.44 -32.54 3.04
C2N NAD X . -7.58 -33.27 3.29
C3N NAD X . -8.72 -32.64 3.79
C7N NAD X . -9.95 -33.46 4.05
O7N NAD X . -11.11 -32.82 4.56
N7N NAD X . -9.94 -34.78 3.80
C4N NAD X . -8.69 -31.26 4.05
C5N NAD X . -7.53 -30.53 3.79
C6N NAD X . -6.40 -31.18 3.28
#